data_9NHL
#
_entry.id   9NHL
#
_cell.length_a   1.00
_cell.length_b   1.00
_cell.length_c   1.00
_cell.angle_alpha   90.00
_cell.angle_beta   90.00
_cell.angle_gamma   90.00
#
_symmetry.space_group_name_H-M   'P 1'
#
loop_
_entity.id
_entity.type
_entity.pdbx_description
1 polymer 'RUu-FP-1 pAb heavy chain'
2 polymer 'RUu-FP-1 pAb light chain'
3 polymer 'BG505-CH505 Envelope glycoprotein gp120'
4 polymer 'BG505-CH505 Transmembrane protein gp41'
5 branched 2-acetamido-2-deoxy-beta-D-glucopyranose-(1-4)-2-acetamido-2-deoxy-beta-D-glucopyranose-(1-4)-2-acetamido-2-deoxy-beta-D-glucopyranose
6 branched beta-D-mannopyranose-(1-4)-2-acetamido-2-deoxy-beta-D-glucopyranose-(1-4)-2-acetamido-2-deoxy-beta-D-glucopyranose
7 branched 2-acetamido-2-deoxy-beta-D-glucopyranose-(1-4)-2-acetamido-2-deoxy-beta-D-glucopyranose
8 non-polymer 2-acetamido-2-deoxy-beta-D-glucopyranose
#
loop_
_entity_poly.entity_id
_entity_poly.type
_entity_poly.pdbx_seq_one_letter_code
_entity_poly.pdbx_strand_id
1 'polypeptide(L)'
;(UNK)(UNK)(UNK)(UNK)(UNK)(UNK)(UNK)(UNK)(UNK)(UNK)(UNK)(UNK)(UNK)(UNK)(UNK)(UNK)
(UNK)(UNK)(UNK)(UNK)C(UNK)(UNK)(UNK)(UNK)(UNK)(UNK)(UNK)(UNK)(UNK)(UNK)(UNK)
(UNK)(UNK)W(UNK)(UNK)(UNK)(UNK)(UNK)(UNK)(UNK)(UNK)(UNK)(UNK)(UNK)(UNK)(UNK)
(UNK)(UNK)(UNK)(UNK)(UNK)(UNK)(UNK)(UNK)(UNK)(UNK)(UNK)(UNK)(UNK)(UNK)(UNK)(UNK)
(UNK)(UNK)(UNK)(UNK)(UNK)(UNK)(UNK)(UNK)(UNK)(UNK)(UNK)(UNK)(UNK)(UNK)(UNK)(UNK)
(UNK)(UNK)(UNK)(UNK)(UNK)(UNK)(UNK)(UNK)(UNK)(UNK)(UNK)(UNK)(UNK)(UNK)C(UNK)
(UNK)(UNK)(UNK)(UNK)(UNK)(UNK)(UNK)(UNK)(UNK)(UNK)(UNK)(UNK)(UNK)W(UNK)(UNK)
(UNK)(UNK)(UNK)(UNK)(UNK)(UNK)(UNK)(UNK)
;
H
2 'polypeptide(L)'
;(UNK)(UNK)(UNK)(UNK)(UNK)(UNK)(UNK)(UNK)(UNK)(UNK)(UNK)(UNK)(UNK)(UNK)(UNK)(UNK)
(UNK)(UNK)(UNK)(UNK)(UNK)C(UNK)(UNK)(UNK)(UNK)(UNK)(UNK)(UNK)(UNK)(UNK)(UNK)
(UNK)(UNK)W(UNK)(UNK)(UNK)(UNK)(UNK)(UNK)(UNK)(UNK)(UNK)(UNK)(UNK)(UNK)(UNK)
(UNK)(UNK)(UNK)(UNK)(UNK)(UNK)(UNK)(UNK)(UNK)(UNK)(UNK)(UNK)(UNK)(UNK)(UNK)(UNK)
(UNK)(UNK)(UNK)(UNK)(UNK)(UNK)(UNK)(UNK)(UNK)(UNK)(UNK)(UNK)(UNK)(UNK)(UNK)(UNK)
(UNK)(UNK)(UNK)C(UNK)(UNK)(UNK)(UNK)(UNK)(UNK)(UNK)(UNK)(UNK)F(UNK)(UNK)(UNK)
(UNK)(UNK)(UNK)(UNK)(UNK)
;
L
3 'polypeptide(L)'
;MDAMKRGLCCVLLLCGAVFVSPSQEIHARFRRGARAENLWVTVYYGVPVWKDAETTLFCASDAKAYETEKHNVWATHCCV
PTDPNPQEIVLENVTENFNMWKNNMVEQMHEDIISLWDQSLKPCVKLTPLCVTLNCTNATASNSSIIEGMKNCSFNITTE
LRDKREKKNALFYKLDIVQLDGNSSQYRLINCNTSAITQACPKVSFEPIPIHYCAPAGFAILKCNNKTFTGTGPCNNVST
VQCTHGIKPVVSTQLLLNGSLAEGEIIIRSENITDNGKTILVHLNESVKIECTRPNNKTRTSIRIGPGQAFYATGQVIGD
IREAYCNISESTWNETLGKVVKQLRKHFPHKNITFQPSSGGDLEVTTHSFNCGGEFFYCNTSGLFNSTWISNTSVQGSNS
TGSNDSITLPCRIKQIINMWQEVGRAMYAPPIQGNITCVSNITGLILTRDGGKNNTETFRPGGGDMRDNWRSELYKYKVV
KIEPLGVAPTACKRRVVGRRRRRR
;
A,Y,C
4 'polypeptide(L)'
;AVGIGAVFLGFLGAAGSTMGAASMTLTVQARNLLSGIVQQQSNLLRAPECQQHLLKDTHWGIKQLQARVLAVEHYLRDQQ
LLGIWGCSGKLICTTNVPWNSTWSNKTLSEIWDNMTWLQWDKEISNYTQIIYGLLEESQNQQEKNETDNLTCD
;
D,F,B
#
# COMPACT_ATOMS: atom_id res chain seq x y z
N UNK A 1 -38.37 -11.74 -10.11
CA UNK A 1 -38.98 -11.12 -11.28
C UNK A 1 -39.41 -12.15 -12.36
N UNK A 2 -38.99 -13.43 -12.25
CA UNK A 2 -39.37 -14.51 -13.19
C UNK A 2 -39.49 -15.84 -12.48
N UNK A 3 -40.36 -16.69 -12.99
CA UNK A 3 -40.52 -18.04 -12.46
C UNK A 3 -41.08 -18.95 -13.52
N UNK A 4 -40.83 -20.23 -13.38
CA UNK A 4 -41.42 -21.19 -14.27
C UNK A 4 -41.67 -22.50 -13.57
N UNK A 5 -42.84 -23.06 -13.83
CA UNK A 5 -43.19 -24.34 -13.29
C UNK A 5 -42.46 -25.37 -14.10
N UNK A 6 -42.08 -26.46 -13.50
CA UNK A 6 -41.49 -27.56 -14.23
C UNK A 6 -42.61 -28.25 -14.96
N UNK A 7 -42.31 -28.94 -16.03
CA UNK A 7 -43.38 -29.65 -16.68
C UNK A 7 -44.01 -30.59 -15.67
N UNK A 8 -45.33 -30.65 -15.69
CA UNK A 8 -46.09 -31.49 -14.79
C UNK A 8 -45.84 -32.95 -15.10
N UNK A 9 -45.83 -33.77 -14.04
CA UNK A 9 -45.65 -35.20 -14.19
C UNK A 9 -46.99 -35.89 -14.35
N UNK A 10 -47.33 -36.28 -15.57
CA UNK A 10 -48.63 -36.89 -15.85
C UNK A 10 -48.77 -38.22 -15.15
N UNK A 11 -49.97 -38.52 -14.65
CA UNK A 11 -50.17 -39.79 -13.96
C UNK A 11 -51.62 -40.29 -14.03
N UNK A 12 -51.79 -41.58 -13.77
CA UNK A 12 -53.10 -42.20 -13.68
C UNK A 12 -53.80 -41.75 -12.40
N UNK A 13 -55.12 -41.88 -12.34
CA UNK A 13 -55.81 -41.48 -11.14
C UNK A 13 -55.30 -42.33 -10.00
N UNK A 14 -55.15 -41.71 -8.84
CA UNK A 14 -54.67 -42.26 -7.58
C UNK A 14 -53.19 -42.62 -7.62
N UNK A 15 -52.50 -42.26 -8.70
CA UNK A 15 -51.08 -42.50 -8.82
C UNK A 15 -50.29 -41.31 -8.30
N UNK A 16 -49.01 -41.57 -8.02
CA UNK A 16 -48.09 -40.54 -7.56
C UNK A 16 -47.53 -39.71 -8.72
N UNK A 17 -47.19 -38.48 -8.41
CA UNK A 17 -46.64 -37.50 -9.33
C UNK A 17 -45.93 -36.45 -8.51
N UNK A 18 -45.08 -35.65 -9.10
CA UNK A 18 -44.51 -34.57 -8.30
C UNK A 18 -44.30 -33.34 -9.12
N UNK A 19 -44.58 -32.20 -8.51
CA UNK A 19 -44.34 -30.92 -9.12
C UNK A 19 -43.02 -30.35 -8.65
N UNK A 20 -42.49 -29.46 -9.45
CA UNK A 20 -41.26 -28.75 -9.17
C UNK A 20 -41.37 -27.38 -9.84
N CYS A 21 -40.63 -26.36 -9.35
CA CYS A 21 -40.65 -25.00 -9.86
C CYS A 21 -39.29 -24.32 -9.71
N UNK A 22 -38.91 -23.53 -10.70
CA UNK A 22 -37.67 -22.77 -10.62
C UNK A 22 -37.93 -21.29 -10.46
N UNK A 23 -37.10 -20.63 -9.66
CA UNK A 23 -37.19 -19.19 -9.46
C UNK A 23 -36.03 -18.48 -10.12
N UNK A 24 -36.23 -17.23 -10.51
CA UNK A 24 -35.15 -16.46 -11.08
C UNK A 24 -35.33 -14.98 -10.81
N UNK A 25 -34.23 -14.25 -10.87
CA UNK A 25 -34.25 -12.80 -10.73
C UNK A 25 -34.90 -12.34 -9.43
N UNK A 26 -34.62 -13.08 -8.37
CA UNK A 26 -35.14 -12.79 -7.05
C UNK A 26 -34.27 -13.46 -6.02
N UNK A 27 -34.32 -12.99 -4.77
CA UNK A 27 -33.61 -13.72 -3.72
C UNK A 27 -34.18 -15.13 -3.57
N UNK A 28 -35.48 -15.31 -3.86
CA UNK A 28 -36.15 -16.61 -3.77
C UNK A 28 -36.00 -17.21 -2.39
N UNK A 29 -36.16 -16.35 -1.39
CA UNK A 29 -36.06 -16.72 -0.01
C UNK A 29 -36.81 -15.74 0.88
N UNK A 30 -36.62 -14.44 0.67
CA UNK A 30 -37.32 -13.49 1.52
C UNK A 30 -38.83 -13.61 1.37
N UNK A 31 -39.28 -13.84 0.15
CA UNK A 31 -40.70 -13.96 -0.16
C UNK A 31 -41.18 -15.37 0.09
N UNK A 32 -42.42 -15.49 0.56
CA UNK A 32 -43.05 -16.78 0.74
C UNK A 32 -43.44 -17.37 -0.61
N UNK A 33 -43.51 -18.69 -0.70
CA UNK A 33 -43.87 -19.35 -1.95
C UNK A 33 -45.25 -19.95 -1.86
N UNK A 34 -45.96 -20.04 -2.98
CA UNK A 34 -47.26 -20.68 -2.96
C UNK A 34 -47.63 -21.39 -4.24
N TRP A 35 -48.53 -22.38 -4.12
CA TRP A 35 -49.07 -23.11 -5.26
C TRP A 35 -50.59 -22.98 -5.31
N UNK A 36 -51.10 -22.90 -6.52
CA UNK A 36 -52.54 -22.87 -6.77
C UNK A 36 -52.79 -23.51 -8.09
N UNK A 37 -53.97 -24.06 -8.29
CA UNK A 37 -54.19 -24.65 -9.59
C UNK A 37 -55.60 -24.51 -10.07
N UNK A 38 -55.72 -24.35 -11.39
CA UNK A 38 -57.00 -24.25 -12.07
C UNK A 38 -57.41 -25.52 -12.72
N UNK A 39 -58.55 -26.01 -12.30
CA UNK A 39 -59.13 -27.23 -12.82
C UNK A 39 -59.65 -26.88 -14.18
N UNK A 40 -59.90 -27.87 -15.02
CA UNK A 40 -60.44 -27.49 -16.30
C UNK A 40 -61.75 -26.75 -16.07
N UNK A 41 -61.96 -25.68 -16.83
CA UNK A 41 -63.17 -24.86 -16.76
C UNK A 41 -63.44 -24.34 -15.35
N UNK A 42 -62.40 -23.89 -14.66
CA UNK A 42 -62.53 -23.37 -13.32
C UNK A 42 -61.45 -22.37 -12.99
N UNK A 43 -61.73 -21.49 -12.04
CA UNK A 43 -60.73 -20.57 -11.52
C UNK A 43 -59.76 -21.36 -10.64
N UNK A 44 -58.53 -20.87 -10.52
CA UNK A 44 -57.55 -21.49 -9.65
C UNK A 44 -57.82 -21.21 -8.21
N UNK A 45 -57.35 -22.12 -7.36
CA UNK A 45 -57.42 -21.90 -5.93
C UNK A 45 -56.20 -22.49 -5.28
N UNK A 46 -55.85 -21.97 -4.10
CA UNK A 46 -54.66 -22.41 -3.41
C UNK A 46 -54.73 -23.86 -3.07
N UNK A 47 -53.59 -24.51 -3.26
CA UNK A 47 -53.43 -25.91 -2.92
C UNK A 47 -52.45 -26.07 -1.77
N UNK A 48 -51.42 -25.23 -1.77
CA UNK A 48 -50.37 -25.37 -0.78
C UNK A 48 -49.52 -24.12 -0.65
N UNK A 49 -48.79 -24.02 0.45
CA UNK A 49 -47.88 -22.91 0.62
C UNK A 49 -46.63 -23.33 1.38
N UNK A 50 -45.54 -22.61 1.17
CA UNK A 50 -44.32 -22.87 1.89
C UNK A 50 -43.72 -21.59 2.41
N UNK A 51 -43.37 -21.60 3.66
CA UNK A 51 -42.80 -20.43 4.27
C UNK A 51 -41.35 -20.44 3.93
N UNK A 52 -41.05 -20.04 2.71
CA UNK A 52 -39.72 -20.12 2.09
C UNK A 52 -38.66 -19.39 2.87
N UNK A 53 -39.05 -18.44 3.69
CA UNK A 53 -38.13 -17.69 4.52
C UNK A 53 -37.80 -18.48 5.80
N UNK A 54 -38.44 -19.64 5.93
CA UNK A 54 -38.40 -20.57 7.05
C UNK A 54 -38.60 -22.01 6.53
N UNK A 55 -38.77 -22.96 7.46
CA UNK A 55 -38.99 -24.36 7.09
C UNK A 55 -40.45 -24.79 7.30
N UNK A 56 -41.32 -23.83 7.63
CA UNK A 56 -42.73 -24.08 7.91
C UNK A 56 -43.53 -24.24 6.61
N UNK A 57 -44.69 -24.88 6.70
CA UNK A 57 -45.54 -25.07 5.52
C UNK A 57 -47.00 -25.21 5.91
N UNK A 58 -47.87 -25.06 4.93
CA UNK A 58 -49.31 -25.16 5.12
C UNK A 58 -49.97 -25.74 3.87
N UNK A 59 -51.17 -26.29 4.01
CA UNK A 59 -51.85 -26.83 2.84
C UNK A 59 -53.34 -26.65 2.92
N UNK A 60 -53.97 -26.60 1.74
CA UNK A 60 -55.40 -26.51 1.64
C UNK A 60 -55.96 -27.81 2.14
N UNK A 61 -57.13 -27.77 2.80
CA UNK A 61 -57.70 -29.02 3.28
C UNK A 61 -57.87 -30.03 2.17
N UNK A 62 -58.21 -29.56 0.98
CA UNK A 62 -58.44 -30.40 -0.17
C UNK A 62 -57.25 -31.30 -0.52
N UNK A 63 -56.03 -30.82 -0.28
CA UNK A 63 -54.85 -31.59 -0.60
C UNK A 63 -54.00 -31.78 0.63
N UNK A 64 -54.61 -31.70 1.81
CA UNK A 64 -53.80 -31.79 3.02
C UNK A 64 -53.00 -33.08 3.09
N UNK A 65 -53.58 -34.18 2.62
CA UNK A 65 -52.85 -35.44 2.61
C UNK A 65 -52.20 -35.73 1.27
N UNK A 66 -52.84 -35.24 0.21
CA UNK A 66 -52.42 -35.51 -1.17
C UNK A 66 -51.17 -34.76 -1.61
N UNK A 67 -50.89 -33.57 -1.07
CA UNK A 67 -49.72 -32.89 -1.60
C UNK A 67 -48.88 -32.17 -0.56
N UNK A 68 -47.59 -32.21 -0.84
CA UNK A 68 -46.52 -31.59 -0.11
C UNK A 68 -46.17 -30.24 -0.67
N UNK A 69 -45.46 -29.46 0.12
CA UNK A 69 -44.91 -28.21 -0.38
C UNK A 69 -43.62 -27.99 0.34
N UNK A 70 -42.64 -27.50 -0.39
CA UNK A 70 -41.36 -27.18 0.19
C UNK A 70 -40.67 -26.10 -0.60
N UNK A 71 -39.80 -25.36 0.06
CA UNK A 71 -39.02 -24.37 -0.64
C UNK A 71 -37.55 -24.68 -0.56
N UNK A 72 -36.95 -25.00 -1.69
CA UNK A 72 -35.53 -25.31 -1.73
C UNK A 72 -34.84 -23.99 -1.93
N UNK A 73 -34.91 -23.13 -0.90
CA UNK A 73 -34.43 -21.75 -1.01
C UNK A 73 -32.98 -21.73 -1.42
N UNK A 74 -32.21 -22.70 -0.96
CA UNK A 74 -30.79 -22.80 -1.28
C UNK A 74 -30.53 -22.93 -2.77
N UNK A 75 -31.49 -23.50 -3.50
CA UNK A 75 -31.39 -23.75 -4.91
C UNK A 75 -32.25 -22.80 -5.72
N UNK A 76 -32.83 -21.78 -5.08
CA UNK A 76 -33.76 -20.90 -5.77
C UNK A 76 -34.80 -21.75 -6.48
N UNK A 77 -35.35 -22.71 -5.77
CA UNK A 77 -36.32 -23.63 -6.34
C UNK A 77 -37.34 -24.06 -5.31
N UNK A 78 -38.44 -24.61 -5.79
CA UNK A 78 -39.53 -25.07 -4.93
C UNK A 78 -40.13 -26.35 -5.48
N UNK A 79 -40.85 -27.07 -4.63
CA UNK A 79 -41.45 -28.32 -5.07
C UNK A 79 -42.73 -28.65 -4.34
N UNK A 80 -43.50 -29.53 -4.96
CA UNK A 80 -44.75 -30.00 -4.39
C UNK A 80 -45.05 -31.42 -4.81
N UNK A 81 -44.42 -32.37 -4.13
CA UNK A 81 -44.62 -33.79 -4.39
C UNK A 81 -46.04 -34.17 -4.07
N UNK A 82 -46.61 -35.14 -4.76
CA UNK A 82 -47.99 -35.52 -4.49
C UNK A 82 -48.25 -37.01 -4.63
N UNK A 83 -49.35 -37.45 -4.04
CA UNK A 83 -49.74 -38.85 -4.09
C UNK A 83 -51.24 -38.99 -4.14
N UNK A 84 -51.70 -40.16 -4.57
CA UNK A 84 -53.14 -40.42 -4.62
C UNK A 84 -53.86 -39.36 -5.43
N UNK A 85 -53.40 -39.06 -6.64
CA UNK A 85 -54.04 -38.03 -7.42
C UNK A 85 -55.54 -38.23 -7.52
N UNK A 86 -56.29 -37.18 -7.26
CA UNK A 86 -57.72 -37.30 -7.41
C UNK A 86 -57.97 -37.50 -8.88
N UNK A 87 -59.00 -38.25 -9.26
CA UNK A 87 -59.21 -38.32 -10.70
C UNK A 87 -59.44 -36.91 -11.22
N UNK A 88 -60.14 -36.09 -10.45
CA UNK A 88 -60.33 -34.70 -10.85
C UNK A 88 -59.15 -33.86 -10.35
N UNK A 89 -57.94 -34.21 -10.78
CA UNK A 89 -56.73 -33.48 -10.38
C UNK A 89 -55.95 -32.93 -11.55
N UNK A 90 -56.53 -32.93 -12.74
CA UNK A 90 -55.83 -32.43 -13.90
C UNK A 90 -55.99 -30.92 -14.01
N UNK A 91 -55.38 -30.24 -13.06
CA UNK A 91 -55.43 -28.80 -12.93
C UNK A 91 -54.10 -28.22 -13.28
N UNK A 92 -54.07 -27.01 -13.82
CA UNK A 92 -52.79 -26.40 -14.14
C UNK A 92 -52.25 -25.74 -12.93
N UNK A 93 -51.13 -26.27 -12.44
CA UNK A 93 -50.55 -25.77 -11.21
C UNK A 93 -49.56 -24.67 -11.49
N UNK A 94 -49.84 -23.52 -10.92
CA UNK A 94 -49.03 -22.34 -11.08
C UNK A 94 -48.21 -22.15 -9.82
N CYS A 95 -47.02 -21.56 -9.97
CA CYS A 95 -46.13 -21.17 -8.89
C CYS A 95 -46.51 -19.72 -8.61
N UNK A 96 -46.43 -19.28 -7.37
CA UNK A 96 -46.68 -17.88 -7.12
C UNK A 96 -45.79 -17.30 -6.02
N UNK A 97 -45.53 -16.02 -6.17
CA UNK A 97 -44.79 -15.23 -5.19
C UNK A 97 -45.77 -14.61 -4.24
N UNK A 98 -45.80 -15.07 -2.99
CA UNK A 98 -46.79 -14.58 -2.03
C UNK A 98 -46.26 -13.34 -1.32
N UNK A 99 -45.01 -13.01 -1.59
CA UNK A 99 -44.32 -11.91 -0.96
C UNK A 99 -44.37 -12.03 0.58
N UNK A 100 -44.81 -10.96 1.23
CA UNK A 100 -44.91 -10.91 2.68
C UNK A 100 -43.62 -11.27 3.40
N UNK A 101 -42.49 -10.72 2.97
CA UNK A 101 -41.24 -11.02 3.68
C UNK A 101 -41.36 -10.55 5.13
N UNK A 102 -42.07 -9.43 5.34
CA UNK A 102 -42.32 -8.91 6.66
C UNK A 102 -43.78 -9.15 7.05
N UNK A 103 -44.70 -8.81 6.13
CA UNK A 103 -46.13 -8.89 6.39
C UNK A 103 -46.95 -8.74 5.11
N UNK A 104 -48.25 -9.05 5.19
CA UNK A 104 -49.25 -8.78 4.13
C UNK A 104 -49.10 -9.54 2.82
N UNK A 105 -49.38 -10.84 2.84
CA UNK A 105 -49.27 -11.66 1.64
C UNK A 105 -50.39 -11.43 0.66
N UNK A 106 -50.03 -11.62 -0.61
CA UNK A 106 -50.92 -11.57 -1.75
C UNK A 106 -50.24 -12.33 -2.86
N UNK A 107 -50.96 -12.84 -3.84
CA UNK A 107 -50.22 -13.45 -4.93
C UNK A 107 -49.78 -12.34 -5.86
N UNK A 108 -48.50 -12.03 -5.78
CA UNK A 108 -47.90 -10.91 -6.50
C UNK A 108 -47.64 -11.23 -7.94
N UNK A 109 -47.29 -12.47 -8.21
CA UNK A 109 -46.93 -12.90 -9.54
C UNK A 109 -47.17 -14.38 -9.70
N TRP A 110 -47.46 -14.79 -10.93
CA TRP A 110 -47.68 -16.20 -11.26
C TRP A 110 -46.77 -16.73 -12.36
N UNK A 111 -46.41 -17.99 -12.24
CA UNK A 111 -45.70 -18.73 -13.28
C UNK A 111 -46.71 -19.17 -14.32
N UNK A 112 -46.24 -19.53 -15.52
CA UNK A 112 -47.11 -19.98 -16.61
C UNK A 112 -48.00 -21.17 -16.24
N UNK A 113 -47.49 -22.08 -15.41
CA UNK A 113 -48.15 -23.30 -14.92
C UNK A 113 -48.15 -24.50 -15.86
N UNK A 114 -48.39 -25.67 -15.25
CA UNK A 114 -48.50 -26.92 -16.02
C UNK A 114 -49.47 -27.88 -15.34
N UNK A 115 -50.23 -28.65 -16.13
CA UNK A 115 -51.16 -29.65 -15.57
C UNK A 115 -50.71 -31.06 -15.81
N UNK A 116 -50.80 -31.88 -14.77
CA UNK A 116 -50.52 -33.28 -14.88
C UNK A 116 -51.78 -33.98 -15.31
N UNK A 117 -51.67 -35.07 -16.04
CA UNK A 117 -52.84 -35.86 -16.29
C UNK A 117 -53.24 -36.47 -14.98
N UNK A 118 -54.53 -36.73 -14.78
CA UNK A 118 -54.99 -37.43 -13.60
C UNK A 118 -55.67 -38.70 -14.03
N UNK A 119 -55.33 -39.15 -15.22
CA UNK A 119 -55.86 -40.36 -15.80
C UNK A 119 -54.85 -40.90 -16.82
N UNK A 120 -54.77 -42.24 -16.94
CA UNK A 120 -53.90 -42.96 -17.86
C UNK A 120 -54.20 -44.45 -17.69
N UNK B 1 -66.98 -18.68 0.64
CA UNK B 1 -67.88 -17.94 -0.25
C UNK B 1 -67.49 -18.09 -1.73
N UNK B 2 -66.21 -18.44 -2.04
CA UNK B 2 -65.62 -18.52 -3.40
C UNK B 2 -65.83 -17.17 -4.10
N UNK B 3 -65.62 -16.16 -3.26
CA UNK B 3 -65.71 -14.74 -3.52
C UNK B 3 -67.06 -14.31 -4.02
N UNK B 4 -68.08 -15.19 -3.95
CA UNK B 4 -69.40 -14.87 -4.46
C UNK B 4 -69.25 -14.25 -5.83
N UNK B 5 -68.31 -14.78 -6.62
CA UNK B 5 -68.02 -14.11 -7.87
C UNK B 5 -69.19 -14.19 -8.80
N UNK B 6 -69.43 -13.08 -9.50
CA UNK B 6 -70.46 -13.12 -10.51
C UNK B 6 -69.97 -14.01 -11.62
N UNK B 7 -70.84 -14.84 -12.18
CA UNK B 7 -70.36 -15.72 -13.23
C UNK B 7 -69.81 -14.95 -14.43
N UNK B 8 -70.45 -13.83 -14.78
CA UNK B 8 -70.01 -13.06 -15.93
C UNK B 8 -70.28 -11.56 -15.80
N UNK B 9 -69.75 -10.93 -14.74
CA UNK B 9 -69.96 -9.49 -14.56
C UNK B 9 -69.05 -8.68 -15.45
N UNK B 10 -67.90 -9.25 -15.78
CA UNK B 10 -66.89 -8.58 -16.58
C UNK B 10 -67.14 -8.80 -18.07
N UNK B 11 -68.22 -9.49 -18.39
CA UNK B 11 -68.58 -9.75 -19.76
C UNK B 11 -69.47 -8.64 -20.28
N UNK B 12 -68.98 -7.88 -21.25
CA UNK B 12 -69.71 -6.72 -21.72
C UNK B 12 -69.47 -6.35 -23.18
N UNK B 13 -70.40 -5.56 -23.70
CA UNK B 13 -70.34 -5.00 -25.04
C UNK B 13 -69.18 -4.02 -25.11
N UNK B 14 -68.64 -3.86 -26.30
CA UNK B 14 -67.50 -2.98 -26.47
C UNK B 14 -67.82 -1.55 -26.02
N UNK B 15 -66.78 -0.95 -25.44
CA UNK B 15 -66.68 0.40 -24.87
C UNK B 15 -67.39 0.68 -23.53
N UNK B 16 -68.05 -0.28 -22.89
CA UNK B 16 -68.56 0.00 -21.53
C UNK B 16 -68.77 -1.28 -20.74
N UNK B 17 -68.51 -1.26 -19.43
CA UNK B 17 -68.78 -2.45 -18.65
C UNK B 17 -68.96 -2.18 -17.17
N UNK B 18 -69.66 -3.12 -16.54
CA UNK B 18 -69.91 -3.16 -15.11
C UNK B 18 -68.69 -3.52 -14.32
N UNK B 19 -68.63 -3.07 -13.07
CA UNK B 19 -67.57 -3.49 -12.21
C UNK B 19 -67.72 -4.97 -11.94
N UNK B 20 -66.63 -5.70 -11.87
CA UNK B 20 -66.76 -7.10 -11.54
C UNK B 20 -67.23 -7.18 -10.11
N UNK B 21 -68.18 -8.08 -9.81
CA UNK B 21 -68.69 -8.23 -8.45
C UNK B 21 -68.00 -9.35 -7.67
N CYS B 22 -67.77 -9.09 -6.36
CA CYS B 22 -67.15 -9.97 -5.36
C CYS B 22 -67.79 -9.77 -3.98
N UNK B 23 -67.90 -10.86 -3.22
CA UNK B 23 -68.32 -10.77 -1.83
C UNK B 23 -67.83 -11.99 -1.02
N UNK B 24 -67.22 -11.73 0.14
CA UNK B 24 -66.76 -12.84 0.97
C UNK B 24 -66.56 -12.48 2.43
N UNK B 25 -66.72 -13.49 3.29
CA UNK B 25 -66.42 -13.32 4.70
C UNK B 25 -64.94 -12.96 4.89
N UNK B 26 -64.08 -13.49 4.03
CA UNK B 26 -62.66 -13.19 4.09
C UNK B 26 -62.39 -11.71 3.84
N UNK B 27 -63.20 -11.08 2.97
CA UNK B 27 -63.02 -9.68 2.65
C UNK B 27 -63.47 -8.85 3.83
N UNK B 28 -64.50 -9.35 4.52
CA UNK B 28 -64.98 -8.67 5.69
C UNK B 28 -63.98 -8.79 6.83
N UNK B 29 -63.35 -9.96 6.94
CA UNK B 29 -62.40 -10.26 8.00
C UNK B 29 -61.16 -9.39 7.98
N UNK B 30 -60.62 -9.10 6.80
CA UNK B 30 -59.44 -8.26 6.73
C UNK B 30 -59.38 -7.54 5.42
N UNK B 31 -58.73 -6.38 5.39
CA UNK B 31 -58.58 -5.66 4.13
C UNK B 31 -57.42 -6.24 3.33
N UNK B 32 -57.62 -7.48 2.89
CA UNK B 32 -56.63 -8.24 2.18
C UNK B 32 -57.21 -8.87 0.93
N UNK B 33 -58.29 -8.29 0.44
CA UNK B 33 -58.91 -8.74 -0.80
C UNK B 33 -58.12 -8.13 -1.93
N UNK B 34 -58.02 -8.83 -3.05
CA UNK B 34 -57.33 -8.33 -4.23
C UNK B 34 -57.87 -8.99 -5.50
N TRP B 35 -57.65 -8.33 -6.62
CA TRP B 35 -58.07 -8.85 -7.91
C TRP B 35 -56.89 -9.33 -8.73
N UNK B 36 -57.15 -10.33 -9.58
CA UNK B 36 -56.18 -10.89 -10.51
C UNK B 36 -56.88 -11.21 -11.80
N UNK B 37 -56.17 -11.19 -12.91
CA UNK B 37 -56.88 -11.47 -14.14
C UNK B 37 -56.07 -12.24 -15.12
N UNK B 38 -56.79 -12.97 -15.96
CA UNK B 38 -56.11 -13.77 -16.97
C UNK B 38 -56.83 -13.85 -18.28
N UNK B 39 -56.03 -13.81 -19.31
CA UNK B 39 -56.48 -13.98 -20.67
C UNK B 39 -56.82 -15.44 -20.81
N UNK B 40 -57.60 -15.80 -21.80
CA UNK B 40 -57.87 -17.20 -21.94
C UNK B 40 -56.56 -17.94 -22.15
N UNK B 41 -56.44 -19.13 -21.56
CA UNK B 41 -55.24 -19.95 -21.69
C UNK B 41 -53.98 -19.19 -21.27
N UNK B 42 -54.05 -18.54 -20.12
CA UNK B 42 -52.92 -17.79 -19.60
C UNK B 42 -52.91 -17.77 -18.07
N UNK B 43 -51.72 -17.60 -17.50
CA UNK B 43 -51.58 -17.43 -16.06
C UNK B 43 -52.07 -16.06 -15.70
N UNK B 44 -52.57 -15.89 -14.50
CA UNK B 44 -53.05 -14.60 -14.05
C UNK B 44 -51.96 -13.62 -13.74
N UNK B 45 -52.32 -12.36 -13.84
CA UNK B 45 -51.49 -11.26 -13.43
C UNK B 45 -52.24 -10.53 -12.34
N UNK B 46 -51.55 -9.90 -11.41
CA UNK B 46 -52.33 -9.18 -10.43
C UNK B 46 -53.05 -8.07 -11.15
N UNK B 47 -54.30 -7.83 -10.80
CA UNK B 47 -55.08 -6.75 -11.39
C UNK B 47 -55.06 -5.58 -10.44
N UNK B 48 -54.92 -5.89 -9.16
CA UNK B 48 -54.89 -4.90 -8.09
C UNK B 48 -54.02 -5.44 -6.96
N UNK B 49 -53.41 -4.54 -6.18
CA UNK B 49 -52.61 -4.94 -5.02
C UNK B 49 -53.55 -5.37 -3.94
N UNK B 50 -54.65 -4.68 -3.91
CA UNK B 50 -55.72 -4.91 -2.98
C UNK B 50 -56.96 -4.42 -3.64
N UNK B 51 -58.12 -4.80 -3.16
CA UNK B 51 -59.34 -4.31 -3.73
C UNK B 51 -59.32 -2.80 -3.67
N UNK B 52 -58.72 -2.23 -2.65
CA UNK B 52 -58.63 -0.79 -2.55
C UNK B 52 -57.22 -0.24 -2.83
N UNK B 53 -56.38 -0.97 -3.61
CA UNK B 53 -55.03 -0.46 -3.90
C UNK B 53 -54.43 -0.87 -5.26
N UNK B 54 -53.64 0.06 -5.83
CA UNK B 54 -52.92 -0.10 -7.10
C UNK B 54 -53.87 -0.43 -8.23
N UNK B 55 -55.05 0.16 -8.19
CA UNK B 55 -56.08 -0.06 -9.18
C UNK B 55 -55.84 0.88 -10.37
N UNK B 56 -54.73 0.63 -11.06
CA UNK B 56 -54.21 1.45 -12.15
C UNK B 56 -54.96 1.41 -13.47
N UNK B 57 -55.49 0.24 -13.85
CA UNK B 57 -56.18 0.17 -15.15
C UNK B 57 -57.59 0.70 -15.03
N UNK B 58 -58.16 0.43 -13.88
CA UNK B 58 -59.49 0.81 -13.51
C UNK B 58 -59.52 0.81 -12.01
N UNK B 59 -60.39 1.60 -11.44
CA UNK B 59 -60.56 1.72 -9.99
C UNK B 59 -61.11 0.46 -9.36
N UNK B 60 -60.87 0.28 -8.07
CA UNK B 60 -61.41 -0.86 -7.36
C UNK B 60 -61.68 -0.43 -5.93
N UNK B 61 -62.59 -1.13 -5.26
CA UNK B 61 -62.95 -0.78 -3.88
C UNK B 61 -63.52 -1.94 -3.11
N UNK B 62 -63.64 -1.76 -1.78
CA UNK B 62 -64.24 -2.77 -0.93
C UNK B 62 -65.04 -2.14 0.19
N UNK B 63 -66.02 -2.90 0.67
CA UNK B 63 -66.94 -2.53 1.73
C UNK B 63 -67.26 -3.74 2.60
N UNK B 64 -66.30 -4.08 3.46
CA UNK B 64 -66.36 -5.27 4.30
C UNK B 64 -66.55 -6.49 3.41
N UNK B 65 -67.66 -7.20 3.55
CA UNK B 65 -67.81 -8.38 2.74
C UNK B 65 -67.81 -8.06 1.27
N UNK B 66 -68.37 -6.92 0.87
CA UNK B 66 -68.48 -6.62 -0.56
C UNK B 66 -67.19 -6.10 -1.16
N UNK B 67 -67.00 -6.38 -2.45
CA UNK B 67 -65.87 -5.84 -3.18
C UNK B 67 -66.19 -5.74 -4.66
N UNK B 68 -65.53 -4.83 -5.36
CA UNK B 68 -65.74 -4.74 -6.80
C UNK B 68 -64.53 -4.16 -7.52
N UNK B 69 -64.41 -4.52 -8.79
CA UNK B 69 -63.37 -3.97 -9.66
C UNK B 69 -63.98 -3.24 -10.82
N UNK B 70 -63.73 -1.94 -10.92
CA UNK B 70 -64.34 -1.16 -11.98
C UNK B 70 -63.82 -1.66 -13.28
N UNK B 71 -64.63 -1.59 -14.30
CA UNK B 71 -64.14 -2.00 -15.57
C UNK B 71 -63.39 -0.87 -16.23
N UNK B 72 -62.39 -1.22 -17.04
CA UNK B 72 -61.73 -0.23 -17.88
C UNK B 72 -62.58 -0.07 -19.12
N UNK B 73 -63.76 0.53 -18.94
CA UNK B 73 -64.77 0.60 -19.98
C UNK B 73 -64.91 -0.82 -20.45
N UNK B 74 -64.78 -1.04 -21.73
CA UNK B 74 -64.81 -2.38 -22.24
C UNK B 74 -63.85 -2.39 -23.39
N UNK B 75 -62.61 -2.04 -23.06
CA UNK B 75 -61.53 -2.06 -24.01
C UNK B 75 -61.34 -3.50 -24.42
N UNK B 76 -60.94 -3.79 -25.64
CA UNK B 76 -60.74 -5.19 -26.00
C UNK B 76 -59.73 -5.85 -25.05
N UNK B 77 -58.77 -5.06 -24.59
CA UNK B 77 -57.72 -5.49 -23.68
C UNK B 77 -58.28 -5.91 -22.31
N UNK B 78 -59.50 -5.50 -22.02
CA UNK B 78 -60.16 -5.78 -20.75
C UNK B 78 -60.82 -7.15 -20.76
N UNK B 79 -60.81 -7.84 -21.89
CA UNK B 79 -61.48 -9.13 -21.99
C UNK B 79 -60.65 -10.26 -21.40
N UNK B 80 -60.55 -10.26 -20.08
CA UNK B 80 -59.77 -11.23 -19.30
C UNK B 80 -60.56 -11.60 -18.07
N UNK B 81 -60.40 -12.82 -17.59
CA UNK B 81 -61.16 -13.21 -16.42
C UNK B 81 -60.79 -12.31 -15.30
N UNK B 82 -61.75 -11.93 -14.47
CA UNK B 82 -61.49 -11.02 -13.35
C UNK B 82 -61.72 -11.69 -12.01
N UNK B 83 -60.73 -12.43 -11.53
CA UNK B 83 -60.91 -13.21 -10.33
C UNK B 83 -60.69 -12.34 -9.10
N CYS B 84 -61.41 -12.64 -8.02
CA CYS B 84 -61.32 -12.01 -6.71
C CYS B 84 -60.81 -13.05 -5.71
N UNK B 85 -59.94 -12.62 -4.82
CA UNK B 85 -59.44 -13.50 -3.77
C UNK B 85 -59.12 -12.70 -2.52
N UNK B 86 -59.11 -13.35 -1.36
CA UNK B 86 -58.76 -12.62 -0.14
C UNK B 86 -58.09 -13.49 0.89
N UNK B 87 -57.12 -12.90 1.59
CA UNK B 87 -56.41 -13.67 2.61
C UNK B 87 -57.34 -14.19 3.66
N UNK B 88 -57.07 -15.39 4.08
CA UNK B 88 -57.88 -16.07 5.09
C UNK B 88 -56.99 -16.51 6.24
N UNK B 89 -57.56 -17.23 7.21
CA UNK B 89 -56.76 -17.72 8.35
C UNK B 89 -55.61 -18.58 7.83
N UNK B 90 -55.87 -19.29 6.76
CA UNK B 90 -54.90 -20.09 6.08
C UNK B 90 -55.24 -19.97 4.62
N UNK B 91 -54.23 -19.91 3.78
CA UNK B 91 -54.44 -19.75 2.35
C UNK B 91 -55.29 -18.51 2.08
N UNK B 92 -56.28 -18.63 1.19
CA UNK B 92 -57.11 -17.50 0.80
C UNK B 92 -58.39 -17.98 0.17
N UNK B 93 -59.39 -17.12 0.19
CA UNK B 93 -60.62 -17.36 -0.53
C UNK B 93 -60.36 -17.07 -1.99
N PHE B 94 -60.94 -17.85 -2.91
CA PHE B 94 -60.83 -17.56 -4.34
C PHE B 94 -62.12 -17.68 -5.10
N UNK B 95 -62.32 -16.77 -6.05
CA UNK B 95 -63.45 -16.79 -6.95
C UNK B 95 -63.55 -18.09 -7.67
N UNK B 96 -64.76 -18.63 -7.74
CA UNK B 96 -64.97 -19.87 -8.48
C UNK B 96 -64.85 -19.66 -10.00
N UNK B 97 -65.31 -18.50 -10.44
CA UNK B 97 -65.32 -18.14 -11.85
C UNK B 97 -65.38 -16.64 -12.00
N UNK B 98 -64.96 -16.14 -13.16
CA UNK B 98 -65.09 -14.71 -13.44
C UNK B 98 -65.07 -14.41 -14.94
N UNK B 99 -66.10 -14.78 -15.68
CA UNK B 99 -66.07 -14.66 -17.14
C UNK B 99 -65.98 -13.21 -17.55
N UNK B 100 -65.35 -12.98 -18.71
CA UNK B 100 -65.18 -11.64 -19.22
C UNK B 100 -65.19 -11.59 -20.74
N UNK B 101 -65.56 -10.43 -21.25
CA UNK B 101 -65.61 -10.16 -22.68
C UNK B 101 -65.55 -8.65 -22.90
N UNK B 102 -65.05 -8.20 -24.08
CA UNK B 102 -65.01 -6.78 -24.46
C UNK B 102 -64.69 -6.69 -25.94
N GLU C 37 -0.16 -16.42 54.54
CA GLU C 37 -1.48 -16.59 53.98
C GLU C 37 -1.41 -17.58 52.80
N ASN C 38 -2.55 -18.25 52.50
CA ASN C 38 -2.72 -19.24 51.41
C ASN C 38 -3.05 -18.55 50.11
N LEU C 39 -2.09 -17.79 49.59
CA LEU C 39 -2.36 -16.97 48.43
C LEU C 39 -1.94 -17.58 47.12
N TRP C 40 -2.67 -17.19 46.09
CA TRP C 40 -2.52 -17.66 44.72
C TRP C 40 -2.34 -16.54 43.73
N VAL C 41 -1.64 -16.83 42.63
CA VAL C 41 -1.45 -15.86 41.58
C VAL C 41 -2.74 -15.60 40.82
N THR C 42 -3.05 -14.33 40.62
CA THR C 42 -4.16 -13.89 39.79
C THR C 42 -3.55 -13.00 38.71
N VAL C 43 -3.94 -13.27 37.48
CA VAL C 43 -3.45 -12.55 36.33
C VAL C 43 -4.39 -11.44 35.96
N TYR C 44 -3.84 -10.24 35.78
CA TYR C 44 -4.65 -9.12 35.39
C TYR C 44 -4.25 -8.56 34.05
N TYR C 45 -5.25 -8.17 33.28
CA TYR C 45 -5.05 -7.52 32.01
C TYR C 45 -5.78 -6.20 31.95
N GLY C 46 -5.08 -5.15 31.55
CA GLY C 46 -5.64 -3.81 31.49
C GLY C 46 -5.14 -3.02 32.69
N VAL C 47 -4.02 -3.45 33.24
CA VAL C 47 -3.41 -2.80 34.39
C VAL C 47 -2.80 -1.46 33.98
N PRO C 48 -3.11 -0.34 34.66
CA PRO C 48 -2.66 1.01 34.34
C PRO C 48 -1.21 1.32 34.71
N VAL C 49 -0.28 0.64 34.07
CA VAL C 49 1.15 0.86 34.28
C VAL C 49 1.88 1.09 32.96
N TRP C 50 3.10 1.62 33.04
CA TRP C 50 3.89 1.89 31.86
C TRP C 50 5.39 1.87 32.06
N LYS C 51 6.10 1.78 30.93
CA LYS C 51 7.56 1.82 30.90
C LYS C 51 8.00 2.91 29.93
N ASP C 52 9.14 3.51 30.17
CA ASP C 52 9.62 4.54 29.26
C ASP C 52 9.88 3.98 27.87
N ALA C 53 9.57 4.75 26.83
CA ALA C 53 9.81 4.21 25.49
C ALA C 53 9.99 5.27 24.44
N GLU C 54 10.63 4.89 23.34
CA GLU C 54 10.73 5.79 22.20
C GLU C 54 9.99 5.20 21.04
N THR C 55 9.04 5.95 20.49
CA THR C 55 8.31 5.44 19.35
C THR C 55 8.12 6.47 18.28
N THR C 56 7.49 6.05 17.22
CA THR C 56 7.19 6.91 16.11
C THR C 56 5.99 7.74 16.46
N LEU C 57 6.11 9.06 16.35
CA LEU C 57 5.00 9.95 16.63
C LEU C 57 4.48 10.47 15.32
N PHE C 58 3.23 10.84 15.28
CA PHE C 58 2.71 11.40 14.05
C PHE C 58 2.26 12.82 14.33
N CYS C 59 2.17 13.66 13.27
CA CYS C 59 1.71 15.03 13.37
C CYS C 59 0.19 15.10 13.38
N ALA C 60 -0.30 16.17 13.96
CA ALA C 60 -1.65 16.60 13.74
C ALA C 60 -1.58 18.14 13.58
N SER C 61 -2.43 18.72 12.70
CA SER C 61 -2.47 20.17 12.37
C SER C 61 -3.85 20.75 12.59
N HIS C 71 -0.76 24.79 0.10
CA HIS C 71 0.52 25.35 -0.35
C HIS C 71 1.61 25.47 0.77
N ASN C 72 1.24 25.30 2.04
CA ASN C 72 2.12 25.35 3.21
C ASN C 72 2.69 23.96 3.46
N VAL C 73 4.01 23.86 3.48
CA VAL C 73 4.69 22.59 3.58
C VAL C 73 4.32 21.86 4.85
N TRP C 74 4.07 22.59 5.92
CA TRP C 74 3.80 21.99 7.18
C TRP C 74 2.45 21.34 7.15
N ALA C 75 1.49 22.07 6.62
CA ALA C 75 0.12 21.60 6.52
C ALA C 75 0.01 20.44 5.55
N THR C 76 0.83 20.48 4.50
CA THR C 76 0.81 19.44 3.49
C THR C 76 1.31 18.12 4.05
N HIS C 77 2.42 18.16 4.77
CA HIS C 77 2.97 16.94 5.38
C HIS C 77 2.19 16.47 6.60
N CYS C 78 1.92 17.38 7.57
CA CYS C 78 1.22 17.15 8.81
C CYS C 78 -0.26 17.37 8.46
N CYS C 79 -0.75 16.47 7.61
CA CYS C 79 -2.08 16.50 7.02
C CYS C 79 -3.21 16.00 7.89
N VAL C 80 -2.85 15.38 8.99
CA VAL C 80 -3.78 14.77 9.92
C VAL C 80 -4.43 15.83 10.80
N PRO C 81 -5.75 15.88 10.94
CA PRO C 81 -6.46 16.85 11.75
C PRO C 81 -6.25 16.59 13.23
N THR C 82 -6.38 17.62 14.03
CA THR C 82 -6.33 17.51 15.46
C THR C 82 -7.69 17.22 16.01
N ASP C 83 -7.70 16.82 17.27
CA ASP C 83 -8.92 16.64 18.02
C ASP C 83 -9.49 18.04 18.27
N PRO C 84 -10.71 18.39 17.80
CA PRO C 84 -11.32 19.68 18.03
C PRO C 84 -11.46 19.99 19.52
N ASN C 85 -11.49 18.96 20.36
CA ASN C 85 -11.64 19.14 21.79
C ASN C 85 -10.69 18.21 22.55
N PRO C 86 -9.37 18.47 22.56
CA PRO C 86 -8.35 17.61 23.11
C PRO C 86 -8.64 17.35 24.57
N GLN C 87 -8.39 16.14 25.01
CA GLN C 87 -8.62 15.79 26.39
C GLN C 87 -7.34 15.78 27.16
N GLU C 88 -7.46 15.99 28.46
CA GLU C 88 -6.33 15.92 29.36
C GLU C 88 -6.78 15.26 30.64
N ILE C 89 -6.03 14.27 31.08
CA ILE C 89 -6.39 13.57 32.29
C ILE C 89 -5.38 13.80 33.37
N VAL C 90 -5.81 14.23 34.53
CA VAL C 90 -4.88 14.47 35.60
C VAL C 90 -4.61 13.18 36.34
N LEU C 91 -3.35 12.85 36.55
CA LEU C 91 -3.01 11.63 37.24
C LEU C 91 -2.64 11.96 38.67
N GLU C 92 -3.62 11.95 39.53
CA GLU C 92 -3.39 12.39 40.87
C GLU C 92 -2.48 11.40 41.54
N ASN C 93 -1.59 11.86 42.44
CA ASN C 93 -0.68 11.04 43.23
C ASN C 93 0.38 10.26 42.40
N VAL C 94 0.59 10.61 41.09
CA VAL C 94 1.61 9.99 40.24
C VAL C 94 2.86 10.86 40.18
N THR C 95 4.00 10.24 40.47
CA THR C 95 5.27 10.93 40.40
C THR C 95 6.04 10.37 39.24
N GLU C 96 6.54 11.24 38.38
CA GLU C 96 7.25 10.79 37.18
C GLU C 96 8.52 11.60 36.92
N ASN C 97 9.61 10.90 36.58
CA ASN C 97 10.89 11.54 36.25
C ASN C 97 11.03 11.95 34.80
N PHE C 98 11.14 13.24 34.57
CA PHE C 98 11.25 13.77 33.22
C PHE C 98 12.67 14.24 33.03
N ASN C 99 13.23 14.09 31.83
CA ASN C 99 14.57 14.59 31.58
C ASN C 99 14.66 15.12 30.17
N MET C 100 14.64 16.42 30.04
CA MET C 100 14.58 17.02 28.73
C MET C 100 15.85 16.81 27.92
N TRP C 101 16.97 16.61 28.58
CA TRP C 101 18.21 16.52 27.85
C TRP C 101 18.40 15.17 27.20
N LYS C 102 17.55 14.21 27.58
CA LYS C 102 17.58 12.86 27.09
C LYS C 102 16.25 12.54 26.45
N ASN C 103 15.47 13.57 26.15
CA ASN C 103 14.13 13.38 25.64
C ASN C 103 14.13 13.16 24.14
N ASN C 104 13.86 11.94 23.74
CA ASN C 104 13.95 11.56 22.33
C ASN C 104 12.84 12.11 21.46
N MET C 105 11.89 12.83 22.07
CA MET C 105 10.87 13.46 21.25
C MET C 105 11.56 14.56 20.47
N VAL C 106 12.66 15.10 21.01
CA VAL C 106 13.39 16.16 20.36
C VAL C 106 14.04 15.59 19.13
N GLU C 107 14.61 14.41 19.26
CA GLU C 107 15.27 13.77 18.15
C GLU C 107 14.29 13.44 17.06
N GLN C 108 13.09 13.01 17.43
CA GLN C 108 12.15 12.70 16.38
C GLN C 108 11.72 13.98 15.68
N MET C 109 11.54 15.06 16.43
CA MET C 109 11.16 16.32 15.81
C MET C 109 12.25 16.80 14.88
N HIS C 110 13.49 16.64 15.30
CA HIS C 110 14.64 17.09 14.55
C HIS C 110 14.70 16.37 13.22
N GLU C 111 14.56 15.06 13.25
CA GLU C 111 14.64 14.31 12.02
C GLU C 111 13.47 14.58 11.10
N ASP C 112 12.27 14.76 11.64
CA ASP C 112 11.15 15.01 10.75
C ASP C 112 11.23 16.36 10.09
N ILE C 113 11.73 17.36 10.80
CA ILE C 113 11.84 18.67 10.20
C ILE C 113 12.86 18.68 9.10
N ILE C 114 14.02 18.06 9.32
CA ILE C 114 15.03 18.04 8.29
C ILE C 114 14.51 17.28 7.09
N SER C 115 13.89 16.12 7.35
CA SER C 115 13.36 15.32 6.27
C SER C 115 12.31 16.08 5.47
N LEU C 116 11.43 16.82 6.15
CA LEU C 116 10.42 17.55 5.42
C LEU C 116 11.03 18.60 4.53
N TRP C 117 12.01 19.32 5.03
CA TRP C 117 12.65 20.31 4.19
C TRP C 117 13.29 19.68 2.97
N ASP C 118 13.94 18.53 3.13
CA ASP C 118 14.53 17.94 1.94
C ASP C 118 13.47 17.49 0.96
N GLN C 119 12.35 16.94 1.45
CA GLN C 119 11.34 16.50 0.51
C GLN C 119 10.68 17.67 -0.19
N SER C 120 10.49 18.75 0.53
CA SER C 120 9.84 19.92 -0.03
C SER C 120 10.68 20.55 -1.12
N LEU C 121 11.98 20.65 -0.88
CA LEU C 121 12.85 21.27 -1.85
C LEU C 121 13.17 20.38 -3.03
N LYS C 122 13.27 19.07 -2.81
CA LYS C 122 13.61 18.13 -3.87
C LYS C 122 12.90 18.35 -5.22
N PRO C 123 11.55 18.36 -5.34
CA PRO C 123 10.83 18.53 -6.60
C PRO C 123 10.76 19.98 -7.03
N CYS C 124 11.93 20.58 -7.35
CA CYS C 124 12.08 21.98 -7.70
C CYS C 124 13.30 22.17 -8.62
N VAL C 125 13.60 23.41 -8.95
CA VAL C 125 14.63 23.81 -9.89
C VAL C 125 16.05 23.71 -9.35
N LYS C 126 16.90 23.05 -10.11
CA LYS C 126 18.30 22.94 -9.74
C LYS C 126 19.03 24.12 -10.30
N LEU C 127 20.03 24.60 -9.59
CA LEU C 127 20.79 25.72 -10.09
C LEU C 127 22.16 25.37 -10.60
N THR C 128 22.39 24.11 -10.90
CA THR C 128 23.67 23.65 -11.43
C THR C 128 24.17 24.56 -12.59
N PRO C 129 23.32 24.96 -13.57
CA PRO C 129 23.69 25.80 -14.70
C PRO C 129 24.30 27.15 -14.33
N LEU C 130 24.17 27.59 -13.07
CA LEU C 130 24.74 28.87 -12.69
C LEU C 130 26.24 28.81 -12.28
N CYS C 131 26.87 27.60 -12.20
CA CYS C 131 28.27 27.45 -11.82
C CYS C 131 29.18 27.78 -12.99
N VAL C 132 29.19 29.06 -13.32
CA VAL C 132 29.94 29.66 -14.41
C VAL C 132 30.71 30.82 -13.86
N THR C 133 31.67 31.32 -14.61
CA THR C 133 32.38 32.48 -14.16
C THR C 133 31.47 33.68 -14.20
N LEU C 134 31.46 34.44 -13.14
CA LEU C 134 30.66 35.65 -13.09
C LEU C 134 31.59 36.85 -13.23
N ASN C 135 31.19 37.86 -14.03
CA ASN C 135 31.88 39.14 -14.19
C ASN C 135 31.19 40.15 -13.27
N CYS C 136 31.73 40.39 -12.05
CA CYS C 136 31.05 41.17 -11.00
C CYS C 136 31.70 42.51 -10.75
N THR C 137 30.90 43.55 -10.86
CA THR C 137 31.31 44.93 -10.62
C THR C 137 30.36 45.54 -9.58
N ASN C 138 30.67 46.75 -9.05
CA ASN C 138 29.85 47.46 -8.05
C ASN C 138 28.47 47.82 -8.64
N ALA C 139 27.39 47.45 -7.91
CA ALA C 139 25.99 47.68 -8.29
C ALA C 139 25.57 49.12 -8.02
N THR C 140 24.67 49.65 -8.84
CA THR C 140 24.09 50.97 -8.64
C THR C 140 23.09 50.94 -7.49
N ALA C 141 23.18 51.92 -6.59
CA ALA C 141 22.23 52.01 -5.45
C ALA C 141 21.00 52.82 -5.86
N SER C 142 20.28 53.37 -4.87
CA SER C 142 19.14 54.26 -5.20
C SER C 142 19.69 55.44 -6.01
N ASN C 143 20.86 55.94 -5.63
CA ASN C 143 21.51 57.04 -6.40
C ASN C 143 22.99 56.70 -6.59
N SER C 144 23.44 56.56 -7.85
CA SER C 144 24.88 56.28 -8.14
C SER C 144 25.31 54.91 -7.60
N SER C 145 26.62 54.67 -7.51
CA SER C 145 27.14 53.35 -7.11
C SER C 145 27.64 53.36 -5.67
N ILE C 146 26.71 53.52 -4.76
CA ILE C 146 27.03 53.64 -3.34
C ILE C 146 26.45 52.55 -2.47
N ILE C 147 25.98 51.46 -3.05
CA ILE C 147 25.40 50.41 -2.23
C ILE C 147 26.40 49.34 -1.93
N GLU C 148 26.58 49.09 -0.65
CA GLU C 148 27.52 48.09 -0.20
C GLU C 148 26.81 46.77 -0.05
N GLY C 149 27.58 45.70 -0.17
CA GLY C 149 27.06 44.37 0.08
C GLY C 149 26.53 43.70 -1.17
N MET C 150 26.43 44.44 -2.26
CA MET C 150 25.92 43.91 -3.51
C MET C 150 26.89 44.06 -4.64
N LYS C 151 26.87 43.10 -5.54
CA LYS C 151 27.63 43.21 -6.76
C LYS C 151 26.72 42.85 -7.95
N ASN C 152 26.95 43.52 -9.10
CA ASN C 152 26.24 43.31 -10.37
C ASN C 152 27.06 42.34 -11.23
N CYS C 153 26.59 41.07 -11.32
CA CYS C 153 27.31 39.97 -11.96
C CYS C 153 26.70 39.57 -13.29
N SER C 154 27.56 39.53 -14.32
CA SER C 154 27.13 39.11 -15.66
C SER C 154 27.75 37.77 -16.02
N PHE C 155 26.99 36.96 -16.74
CA PHE C 155 27.46 35.64 -17.14
C PHE C 155 26.81 35.04 -18.40
N ASN C 156 27.49 34.04 -19.02
CA ASN C 156 27.04 33.26 -20.18
C ASN C 156 26.37 31.95 -19.73
N ILE C 157 25.03 31.85 -19.88
CA ILE C 157 24.22 30.70 -19.43
C ILE C 157 23.38 30.08 -20.54
N THR C 158 23.27 28.75 -20.53
CA THR C 158 22.49 28.02 -21.52
C THR C 158 21.02 28.36 -21.39
N THR C 159 20.37 28.57 -22.53
CA THR C 159 18.95 28.92 -22.64
C THR C 159 18.13 27.66 -22.77
N GLU C 160 16.81 27.74 -23.01
CA GLU C 160 16.07 26.48 -23.02
C GLU C 160 16.66 25.51 -24.04
N LEU C 161 17.08 26.05 -25.18
CA LEU C 161 17.69 25.25 -26.22
C LEU C 161 19.13 24.99 -25.85
N ARG C 162 19.57 23.78 -26.08
CA ARG C 162 20.91 23.38 -25.73
C ARG C 162 22.02 23.90 -26.63
N ASP C 163 21.66 24.47 -27.75
CA ASP C 163 22.65 24.98 -28.65
C ASP C 163 22.84 26.49 -28.55
N LYS C 164 22.23 27.14 -27.55
CA LYS C 164 22.41 28.57 -27.43
C LYS C 164 22.80 29.02 -26.04
N ARG C 165 23.57 30.10 -26.00
CA ARG C 165 23.99 30.71 -24.76
C ARG C 165 23.51 32.14 -24.77
N GLU C 166 23.16 32.65 -23.61
CA GLU C 166 22.72 34.03 -23.49
C GLU C 166 23.50 34.76 -22.41
N LYS C 167 23.68 36.06 -22.61
CA LYS C 167 24.32 36.87 -21.59
C LYS C 167 23.27 37.45 -20.67
N LYS C 168 23.34 37.07 -19.42
CA LYS C 168 22.40 37.44 -18.39
C LYS C 168 23.10 38.04 -17.22
N ASN C 169 22.35 38.73 -16.38
CA ASN C 169 22.95 39.25 -15.19
C ASN C 169 21.98 39.27 -14.04
N ALA C 170 22.54 39.39 -12.85
CA ALA C 170 21.77 39.45 -11.62
C ALA C 170 22.57 40.15 -10.55
N LEU C 171 21.88 40.69 -9.55
CA LEU C 171 22.64 41.22 -8.45
C LEU C 171 22.75 40.12 -7.42
N PHE C 172 23.89 40.06 -6.75
CA PHE C 172 24.11 39.10 -5.69
C PHE C 172 24.67 39.75 -4.45
N TYR C 173 24.40 39.14 -3.32
CA TYR C 173 24.99 39.60 -2.09
C TYR C 173 26.42 39.12 -2.01
N LYS C 174 27.28 39.92 -1.41
CA LYS C 174 28.68 39.54 -1.26
C LYS C 174 28.85 38.26 -0.48
N LEU C 175 27.97 38.01 0.47
CA LEU C 175 28.09 36.83 1.30
C LEU C 175 27.85 35.52 0.54
N ASP C 176 27.27 35.60 -0.65
CA ASP C 176 27.00 34.42 -1.46
C ASP C 176 28.04 34.24 -2.57
N ILE C 177 29.00 35.17 -2.68
CA ILE C 177 29.95 35.15 -3.79
C ILE C 177 31.42 35.03 -3.38
N VAL C 178 32.14 34.12 -4.02
CA VAL C 178 33.57 33.96 -3.73
C VAL C 178 34.43 34.24 -4.95
N GLN C 179 35.48 35.02 -4.73
CA GLN C 179 36.40 35.43 -5.78
C GLN C 179 37.24 34.28 -6.30
N LEU C 180 37.40 34.21 -7.62
CA LEU C 180 38.20 33.16 -8.23
C LEU C 180 39.70 33.37 -8.21
N ASP C 181 40.17 34.62 -8.27
CA ASP C 181 41.61 34.86 -8.23
C ASP C 181 41.90 36.25 -7.68
N GLY C 182 43.16 36.60 -7.54
CA GLY C 182 43.49 37.91 -7.03
C GLY C 182 43.28 38.98 -8.09
N ASN C 183 42.95 40.18 -7.65
CA ASN C 183 42.82 41.31 -8.56
C ASN C 183 41.92 40.99 -9.75
N SER C 184 40.77 40.39 -9.50
CA SER C 184 39.90 40.01 -10.60
C SER C 184 38.41 40.14 -10.36
N SER C 185 37.72 40.46 -11.46
CA SER C 185 36.28 40.59 -11.54
C SER C 185 35.60 39.24 -11.61
N GLN C 186 36.40 38.19 -11.76
CA GLN C 186 35.86 36.86 -11.88
C GLN C 186 35.54 36.21 -10.54
N TYR C 187 34.28 35.82 -10.39
CA TYR C 187 33.72 35.22 -9.19
C TYR C 187 32.87 33.99 -9.49
N ARG C 188 32.62 33.20 -8.48
CA ARG C 188 31.71 32.06 -8.58
C ARG C 188 30.77 32.04 -7.38
N LEU C 189 29.68 31.30 -7.50
CA LEU C 189 28.79 31.17 -6.35
C LEU C 189 29.50 30.33 -5.31
N ILE C 190 29.31 30.64 -4.03
CA ILE C 190 29.99 29.88 -2.97
C ILE C 190 29.67 28.41 -2.89
N ASN C 191 28.54 27.99 -3.38
CA ASN C 191 28.24 26.57 -3.29
C ASN C 191 28.96 25.64 -4.27
N CYS C 192 29.48 26.17 -5.43
CA CYS C 192 30.01 25.37 -6.54
C CYS C 192 31.29 24.66 -6.17
N ASN C 193 31.87 25.06 -5.06
CA ASN C 193 33.06 24.45 -4.51
C ASN C 193 32.76 23.08 -3.86
N THR C 194 31.50 22.86 -3.34
CA THR C 194 31.06 21.66 -2.62
C THR C 194 29.93 20.91 -3.29
N SER C 195 28.92 21.63 -3.76
CA SER C 195 27.75 20.97 -4.31
C SER C 195 26.88 21.85 -5.19
N ALA C 196 26.05 21.21 -5.98
CA ALA C 196 25.00 21.89 -6.70
C ALA C 196 23.96 22.23 -5.67
N ILE C 197 23.19 23.29 -5.91
CA ILE C 197 22.17 23.66 -4.96
C ILE C 197 20.81 23.72 -5.57
N THR C 198 19.81 23.67 -4.70
CA THR C 198 18.43 23.68 -5.14
C THR C 198 17.73 24.96 -4.77
N GLN C 199 17.03 25.54 -5.72
CA GLN C 199 16.26 26.74 -5.48
C GLN C 199 15.00 26.38 -4.76
N ALA C 200 14.60 27.17 -3.80
CA ALA C 200 13.31 26.90 -3.18
C ALA C 200 12.25 27.51 -4.10
N CYS C 201 11.21 26.73 -4.47
CA CYS C 201 10.12 27.19 -5.34
C CYS C 201 9.16 28.10 -4.55
N PRO C 202 8.88 29.33 -5.02
CA PRO C 202 7.99 30.28 -4.37
C PRO C 202 6.56 29.94 -4.70
N LYS C 203 6.21 28.70 -4.37
CA LYS C 203 4.96 28.06 -4.60
C LYS C 203 4.60 27.47 -3.27
N VAL C 204 5.67 27.19 -2.52
CA VAL C 204 5.51 26.53 -1.25
C VAL C 204 5.96 27.43 -0.14
N SER C 205 5.10 27.53 0.86
CA SER C 205 5.39 28.32 2.03
C SER C 205 5.97 27.48 3.11
N PHE C 206 6.94 28.05 3.80
CA PHE C 206 7.56 27.37 4.92
C PHE C 206 7.18 28.01 6.24
N GLU C 207 6.18 28.89 6.20
CA GLU C 207 5.76 29.60 7.39
C GLU C 207 5.31 28.61 8.46
N PRO C 208 5.93 28.63 9.66
CA PRO C 208 5.65 27.69 10.71
C PRO C 208 4.24 27.83 11.24
N ILE C 209 3.61 26.69 11.50
CA ILE C 209 2.30 26.64 12.10
C ILE C 209 2.52 25.71 13.29
N PRO C 210 1.71 25.71 14.33
CA PRO C 210 1.89 24.81 15.44
C PRO C 210 1.73 23.38 14.97
N ILE C 211 2.63 22.50 15.37
CA ILE C 211 2.51 21.09 15.05
C ILE C 211 2.29 20.31 16.30
N HIS C 212 1.26 19.48 16.28
CA HIS C 212 0.93 18.70 17.45
C HIS C 212 1.51 17.32 17.25
N TYR C 213 2.31 16.85 18.18
CA TYR C 213 2.87 15.51 18.01
C TYR C 213 2.01 14.58 18.82
N CYS C 214 1.55 13.47 18.21
CA CYS C 214 0.59 12.52 18.78
C CYS C 214 1.17 11.12 18.89
N ALA C 215 0.87 10.47 20.01
CA ALA C 215 1.30 9.09 20.22
C ALA C 215 0.38 8.14 19.47
N PRO C 216 0.88 6.99 19.01
CA PRO C 216 0.15 5.88 18.42
C PRO C 216 -0.60 5.06 19.46
N ALA C 217 -1.52 4.21 19.02
CA ALA C 217 -2.23 3.36 19.95
C ALA C 217 -1.23 2.52 20.72
N GLY C 218 -1.51 2.29 22.01
CA GLY C 218 -0.61 1.53 22.86
C GLY C 218 0.39 2.42 23.61
N PHE C 219 0.43 3.70 23.25
CA PHE C 219 1.33 4.69 23.82
C PHE C 219 0.60 5.91 24.33
N ALA C 220 1.26 6.62 25.22
CA ALA C 220 0.68 7.85 25.75
C ALA C 220 1.74 8.87 26.04
N ILE C 221 1.35 10.15 26.08
CA ILE C 221 2.33 11.16 26.39
C ILE C 221 2.03 11.74 27.76
N LEU C 222 3.00 11.69 28.64
CA LEU C 222 2.79 12.24 29.94
C LEU C 222 3.26 13.65 29.87
N LYS C 223 2.59 14.52 30.57
CA LYS C 223 2.97 15.91 30.58
C LYS C 223 3.20 16.37 32.01
N CYS C 224 4.28 17.16 32.23
CA CYS C 224 4.63 17.76 33.52
C CYS C 224 3.88 19.09 33.67
N ASN C 225 3.17 19.23 34.78
CA ASN C 225 2.42 20.46 35.05
C ASN C 225 2.97 21.33 36.20
N ASN C 226 4.26 21.15 36.54
CA ASN C 226 4.97 21.92 37.56
C ASN C 226 5.56 23.18 36.89
N LYS C 227 5.04 24.36 37.28
CA LYS C 227 5.34 25.69 36.73
C LYS C 227 6.78 26.12 36.95
N THR C 228 7.44 25.44 37.88
CA THR C 228 8.82 25.73 38.19
C THR C 228 9.74 24.57 37.85
N PHE C 229 9.27 23.64 37.02
CA PHE C 229 10.08 22.50 36.64
C PHE C 229 11.33 22.90 35.86
N THR C 230 12.47 22.36 36.29
CA THR C 230 13.77 22.69 35.72
C THR C 230 14.28 21.77 34.63
N GLY C 231 13.48 20.79 34.24
CA GLY C 231 13.85 19.90 33.15
C GLY C 231 14.49 18.55 33.47
N THR C 232 14.97 18.31 34.70
CA THR C 232 15.58 17.00 35.01
C THR C 232 15.02 16.21 36.19
N GLY C 233 14.23 16.82 37.04
CA GLY C 233 13.75 16.15 38.24
C GLY C 233 12.39 15.47 38.06
N PRO C 234 11.83 14.93 39.15
CA PRO C 234 10.51 14.35 39.21
C PRO C 234 9.51 15.47 39.14
N CYS C 235 8.33 15.19 38.59
CA CYS C 235 7.17 16.07 38.60
C CYS C 235 6.16 15.41 39.48
N ASN C 236 5.65 16.18 40.43
CA ASN C 236 4.63 15.66 41.35
C ASN C 236 3.17 15.98 40.95
N ASN C 237 2.98 16.58 39.76
CA ASN C 237 1.72 16.96 39.14
C ASN C 237 1.86 16.62 37.64
N VAL C 238 1.30 15.47 37.25
CA VAL C 238 1.42 14.85 35.92
C VAL C 238 0.06 14.63 35.31
N SER C 239 -0.07 14.90 34.03
CA SER C 239 -1.31 14.65 33.32
C SER C 239 -1.02 13.89 32.05
N THR C 240 -2.02 13.23 31.51
CA THR C 240 -1.84 12.48 30.28
C THR C 240 -2.61 13.06 29.13
N VAL C 241 -1.92 13.17 28.01
CA VAL C 241 -2.50 13.66 26.79
C VAL C 241 -2.18 12.70 25.67
N GLN C 242 -2.93 12.78 24.58
CA GLN C 242 -2.56 11.97 23.42
C GLN C 242 -1.65 12.73 22.44
N CYS C 243 -1.83 14.09 22.37
CA CYS C 243 -1.13 15.01 21.47
C CYS C 243 -0.56 16.18 22.28
N THR C 244 0.55 16.73 21.81
CA THR C 244 1.16 17.91 22.44
C THR C 244 0.34 19.14 22.07
N HIS C 245 0.64 20.26 22.74
CA HIS C 245 -0.11 21.51 22.59
C HIS C 245 0.03 22.23 21.27
N GLY C 246 1.04 21.88 20.51
CA GLY C 246 1.29 22.50 19.21
C GLY C 246 2.49 23.40 19.28
N ILE C 247 3.59 22.95 18.70
CA ILE C 247 4.83 23.72 18.72
C ILE C 247 5.14 24.26 17.36
N LYS C 248 5.30 25.56 17.26
CA LYS C 248 5.64 26.13 15.98
C LYS C 248 7.13 25.84 15.73
N PRO C 249 7.52 25.25 14.61
CA PRO C 249 8.88 24.92 14.25
C PRO C 249 9.63 26.16 13.79
N VAL C 250 9.84 27.07 14.72
CA VAL C 250 10.54 28.32 14.47
C VAL C 250 12.01 28.06 14.59
N VAL C 251 12.76 28.53 13.61
CA VAL C 251 14.20 28.34 13.57
C VAL C 251 15.00 29.61 13.81
N SER C 252 15.87 29.57 14.80
CA SER C 252 16.74 30.70 15.10
C SER C 252 18.04 30.25 15.78
N THR C 253 19.03 31.13 15.82
CA THR C 253 20.31 30.77 16.45
C THR C 253 20.72 31.35 17.80
N GLN C 254 20.11 32.42 18.26
CA GLN C 254 20.56 33.04 19.53
C GLN C 254 19.41 33.36 20.45
N LEU C 255 18.41 33.98 19.89
CA LEU C 255 17.24 34.36 20.63
C LEU C 255 16.17 33.45 20.10
N LEU C 256 15.42 32.86 21.01
CA LEU C 256 14.33 31.97 20.66
C LEU C 256 13.13 32.83 20.47
N LEU C 257 12.53 32.69 19.31
CA LEU C 257 11.40 33.51 18.95
C LEU C 257 10.11 32.70 18.93
N ASN C 258 8.99 33.39 19.23
CA ASN C 258 7.59 32.96 19.12
C ASN C 258 7.25 31.66 19.88
N GLY C 259 7.84 31.42 21.06
CA GLY C 259 7.54 30.24 21.88
C GLY C 259 6.52 30.58 22.95
N SER C 260 6.30 29.64 23.83
CA SER C 260 5.39 29.84 24.94
C SER C 260 6.22 30.39 26.09
N LEU C 261 5.67 31.33 26.84
CA LEU C 261 6.36 31.91 27.99
C LEU C 261 6.17 31.07 29.21
N ALA C 262 7.13 31.15 30.13
CA ALA C 262 7.04 30.39 31.36
C ALA C 262 5.80 30.83 32.14
N GLU C 263 5.08 29.85 32.74
CA GLU C 263 3.93 30.18 33.58
C GLU C 263 4.36 30.90 34.86
N GLY C 264 5.51 30.51 35.38
CA GLY C 264 6.07 31.07 36.60
C GLY C 264 7.12 32.09 36.23
N GLU C 265 8.11 32.24 37.09
CA GLU C 265 9.19 33.19 36.92
C GLU C 265 10.21 32.68 35.92
N ILE C 266 11.26 33.45 35.66
CA ILE C 266 12.23 33.02 34.66
C ILE C 266 12.96 31.79 35.13
N ILE C 267 13.03 30.79 34.28
CA ILE C 267 13.68 29.56 34.66
C ILE C 267 14.95 29.34 33.89
N ILE C 268 16.02 29.09 34.62
CA ILE C 268 17.29 28.83 33.98
C ILE C 268 17.42 27.32 33.91
N ARG C 269 17.50 26.76 32.71
CA ARG C 269 17.58 25.32 32.60
C ARG C 269 18.85 24.87 31.92
N SER C 270 19.53 23.94 32.54
CA SER C 270 20.76 23.43 31.98
C SER C 270 20.87 22.00 32.41
N GLU C 271 21.65 21.20 31.70
CA GLU C 271 21.85 19.82 32.10
C GLU C 271 22.75 19.81 33.33
N ASN C 272 23.70 20.70 33.32
CA ASN C 272 24.67 20.87 34.38
C ASN C 272 25.08 22.33 34.37
N ILE C 273 24.65 23.11 35.36
CA ILE C 273 24.91 24.54 35.34
C ILE C 273 26.39 24.84 35.61
N THR C 274 27.01 24.03 36.45
CA THR C 274 28.40 24.13 36.84
C THR C 274 29.34 23.94 35.66
N ASP C 275 29.02 22.98 34.81
CA ASP C 275 29.80 22.64 33.64
C ASP C 275 29.71 23.70 32.53
N ASN C 276 30.85 24.22 32.09
CA ASN C 276 30.82 25.22 31.04
C ASN C 276 30.41 24.61 29.70
N GLY C 277 30.69 23.34 29.46
CA GLY C 277 30.40 22.74 28.16
C GLY C 277 28.95 22.30 27.98
N LYS C 278 28.03 23.16 28.35
CA LYS C 278 26.61 22.91 28.29
C LYS C 278 25.84 24.12 27.85
N THR C 279 24.71 23.89 27.20
CA THR C 279 23.83 24.96 26.81
C THR C 279 22.99 25.39 27.99
N ILE C 280 22.84 26.70 28.19
CA ILE C 280 21.97 27.22 29.21
C ILE C 280 20.76 27.84 28.54
N LEU C 281 19.60 27.34 28.86
CA LEU C 281 18.41 27.86 28.25
C LEU C 281 17.68 28.75 29.22
N VAL C 282 17.47 29.99 28.83
CA VAL C 282 16.78 30.90 29.70
C VAL C 282 15.39 31.07 29.18
N HIS C 283 14.43 30.65 29.97
CA HIS C 283 13.06 30.70 29.53
C HIS C 283 12.38 31.88 30.20
N LEU C 284 12.02 32.86 29.40
CA LEU C 284 11.48 34.09 29.94
C LEU C 284 10.00 33.91 30.27
N ASN C 285 9.51 34.67 31.28
CA ASN C 285 8.10 34.75 31.69
C ASN C 285 7.34 35.95 31.09
N GLU C 286 8.06 36.84 30.37
CA GLU C 286 7.57 38.04 29.70
C GLU C 286 8.28 38.08 28.37
N SER C 287 7.60 38.47 27.33
CA SER C 287 8.23 38.56 26.03
C SER C 287 8.86 39.92 25.79
N VAL C 288 9.79 39.96 24.85
CA VAL C 288 10.35 41.22 24.39
C VAL C 288 9.99 41.38 22.93
N LYS C 289 9.34 42.49 22.60
CA LYS C 289 8.95 42.66 21.22
C LYS C 289 10.11 43.08 20.37
N ILE C 290 10.26 42.43 19.23
CA ILE C 290 11.29 42.79 18.26
C ILE C 290 10.69 43.01 16.87
N GLU C 291 11.08 44.10 16.21
CA GLU C 291 10.59 44.36 14.86
C GLU C 291 11.79 44.41 13.91
N CYS C 292 11.71 43.67 12.77
CA CYS C 292 12.79 43.55 11.79
C CYS C 292 12.33 43.96 10.41
N THR C 293 13.17 44.71 9.72
CA THR C 293 12.78 45.16 8.41
C THR C 293 13.88 45.46 7.44
N ARG C 294 13.47 45.45 6.18
CA ARG C 294 14.27 45.79 5.02
C ARG C 294 13.54 46.81 4.15
N PRO C 295 13.71 48.12 4.37
CA PRO C 295 13.01 49.21 3.71
C PRO C 295 13.58 49.51 2.34
N ASN C 296 13.48 48.53 1.46
CA ASN C 296 13.95 48.64 0.09
C ASN C 296 13.14 47.68 -0.82
N ASN C 297 12.51 48.22 -1.89
CA ASN C 297 11.67 47.47 -2.84
C ASN C 297 12.53 46.76 -3.88
N LYS C 298 12.64 45.41 -3.75
CA LYS C 298 13.45 44.56 -4.61
C LYS C 298 12.68 44.16 -5.87
N THR C 299 13.41 43.97 -6.96
CA THR C 299 12.83 43.53 -8.21
C THR C 299 13.07 42.06 -8.43
N ARG C 300 12.00 41.30 -8.62
CA ARG C 300 12.15 39.89 -8.88
C ARG C 300 12.01 39.63 -10.35
N THR C 301 13.05 39.09 -10.93
CA THR C 301 13.04 38.80 -12.34
C THR C 301 13.54 37.41 -12.55
N SER C 302 13.59 36.95 -13.80
CA SER C 302 14.04 35.58 -13.94
C SER C 302 14.82 35.27 -15.19
N ILE C 303 15.60 34.21 -15.06
CA ILE C 303 16.39 33.65 -16.12
C ILE C 303 15.96 32.24 -16.41
N ARG C 304 15.60 31.97 -17.66
CA ARG C 304 15.21 30.62 -18.01
C ARG C 304 16.47 29.81 -18.15
N ILE C 305 16.48 28.62 -17.55
CA ILE C 305 17.64 27.76 -17.63
C ILE C 305 17.34 26.40 -18.25
N GLY C 306 16.07 26.09 -18.46
CA GLY C 306 15.70 24.82 -19.05
C GLY C 306 14.20 24.72 -19.31
N PRO C 307 13.68 23.55 -19.68
CA PRO C 307 12.31 23.33 -20.08
C PRO C 307 11.37 23.45 -18.90
N GLY C 308 11.02 24.68 -18.58
CA GLY C 308 10.15 25.01 -17.45
C GLY C 308 10.96 25.31 -16.20
N GLN C 309 12.26 25.38 -16.37
CA GLN C 309 13.17 25.62 -15.27
C GLN C 309 13.60 27.06 -15.27
N ALA C 310 13.45 27.74 -14.14
CA ALA C 310 13.85 29.14 -14.07
C ALA C 310 14.45 29.50 -12.74
N PHE C 311 15.42 30.38 -12.82
CA PHE C 311 16.12 30.96 -11.70
C PHE C 311 15.61 32.33 -11.41
N TYR C 312 15.40 32.61 -10.13
CA TYR C 312 14.96 33.94 -9.78
C TYR C 312 16.10 34.82 -9.36
N ALA C 313 16.25 35.87 -10.15
CA ALA C 313 17.34 36.82 -10.07
C ALA C 313 16.91 38.12 -9.43
N THR C 314 17.88 38.80 -8.85
CA THR C 314 17.63 40.11 -8.26
C THR C 314 17.96 41.22 -9.25
N GLY C 315 16.99 42.12 -9.47
CA GLY C 315 17.16 43.27 -10.34
C GLY C 315 17.41 44.53 -9.53
N GLN C 316 17.13 45.71 -10.11
CA GLN C 316 17.39 46.96 -9.39
C GLN C 316 16.54 47.08 -8.15
N VAL C 317 17.16 47.53 -7.07
CA VAL C 317 16.45 47.68 -5.82
C VAL C 317 16.25 49.17 -5.51
N ILE C 318 15.03 49.54 -5.13
CA ILE C 318 14.67 50.93 -4.86
C ILE C 318 14.32 51.20 -3.40
N GLY C 319 15.07 52.10 -2.78
CA GLY C 319 14.84 52.40 -1.37
C GLY C 319 16.12 52.78 -0.68
N ASP C 320 16.25 52.42 0.60
CA ASP C 320 17.43 52.80 1.36
C ASP C 320 18.60 51.87 1.04
N ILE C 321 19.75 52.14 1.62
CA ILE C 321 20.94 51.31 1.43
C ILE C 321 21.46 50.78 2.75
N ARG C 322 20.73 51.05 3.82
CA ARG C 322 21.07 50.56 5.16
C ARG C 322 20.83 49.06 5.27
N GLU C 323 20.08 48.52 4.31
CA GLU C 323 19.64 47.15 4.21
C GLU C 323 18.74 46.77 5.37
N ALA C 324 19.06 45.71 6.07
CA ALA C 324 18.18 45.27 7.12
C ALA C 324 18.68 45.64 8.49
N TYR C 325 17.72 45.80 9.39
CA TYR C 325 18.00 46.07 10.79
C TYR C 325 16.84 45.59 11.66
N CYS C 326 17.08 45.44 12.98
CA CYS C 326 16.04 45.07 13.97
C CYS C 326 16.01 45.99 15.18
N ASN C 327 14.79 46.40 15.54
CA ASN C 327 14.42 47.26 16.65
C ASN C 327 14.03 46.46 17.91
N ILE C 328 14.81 46.60 18.99
CA ILE C 328 14.55 45.99 20.31
C ILE C 328 14.30 47.12 21.29
N SER C 329 13.17 47.10 21.98
CA SER C 329 12.83 48.22 22.82
C SER C 329 13.83 48.48 23.94
N GLU C 330 14.03 49.76 24.24
CA GLU C 330 14.92 50.17 25.30
C GLU C 330 14.16 50.09 26.59
N SER C 331 14.91 49.92 27.67
CA SER C 331 14.38 49.82 29.05
C SER C 331 13.36 48.71 29.13
N THR C 332 13.55 47.76 28.24
CA THR C 332 12.77 46.58 28.06
C THR C 332 13.80 45.49 28.07
N TRP C 333 14.77 45.62 27.16
CA TRP C 333 15.87 44.68 27.13
C TRP C 333 16.64 44.73 28.44
N ASN C 334 16.91 45.94 28.96
CA ASN C 334 17.68 46.05 30.19
C ASN C 334 16.93 45.44 31.35
N GLU C 335 15.62 45.58 31.33
CA GLU C 335 14.77 45.06 32.37
C GLU C 335 14.72 43.55 32.29
N THR C 336 14.66 43.04 31.07
CA THR C 336 14.61 41.62 30.85
C THR C 336 15.90 41.01 31.31
N LEU C 337 17.03 41.63 30.96
CA LEU C 337 18.28 41.06 31.37
C LEU C 337 18.39 41.18 32.88
N GLY C 338 17.86 42.29 33.45
CA GLY C 338 17.83 42.50 34.89
C GLY C 338 17.29 41.27 35.57
N LYS C 339 16.12 40.84 35.13
CA LYS C 339 15.47 39.68 35.69
C LYS C 339 16.28 38.39 35.45
N VAL C 340 16.88 38.23 34.27
CA VAL C 340 17.66 37.02 34.00
C VAL C 340 18.87 36.90 34.90
N VAL C 341 19.59 37.99 35.08
CA VAL C 341 20.77 37.95 35.91
C VAL C 341 20.38 37.67 37.34
N LYS C 342 19.30 38.27 37.80
CA LYS C 342 18.86 38.01 39.15
C LYS C 342 18.75 36.50 39.38
N GLN C 343 18.27 35.76 38.37
CA GLN C 343 18.17 34.31 38.51
C GLN C 343 19.53 33.63 38.32
N LEU C 344 20.39 34.17 37.45
CA LEU C 344 21.71 33.55 37.28
C LEU C 344 22.51 33.61 38.56
N ARG C 345 22.30 34.67 39.34
CA ARG C 345 22.99 34.88 40.60
C ARG C 345 22.68 33.79 41.62
N LYS C 346 21.65 32.98 41.38
CA LYS C 346 21.34 31.91 42.31
C LYS C 346 22.31 30.75 42.10
N HIS C 347 23.01 30.76 40.98
CA HIS C 347 23.97 29.73 40.66
C HIS C 347 25.35 30.34 40.73
N PHE C 348 25.39 31.66 40.55
CA PHE C 348 26.62 32.42 40.54
C PHE C 348 26.52 33.61 41.53
N PRO C 349 26.51 33.34 42.86
CA PRO C 349 26.23 34.25 43.97
C PRO C 349 27.25 35.37 44.17
N HIS C 350 28.41 35.24 43.56
CA HIS C 350 29.45 36.25 43.68
C HIS C 350 29.22 37.41 42.71
N LYS C 351 28.20 37.28 41.86
CA LYS C 351 27.84 38.25 40.83
C LYS C 351 28.95 38.35 39.82
N ASN C 352 29.40 39.56 39.48
CA ASN C 352 30.43 39.70 38.46
C ASN C 352 30.03 38.96 37.18
N ILE C 353 28.78 39.15 36.78
CA ILE C 353 28.25 38.52 35.59
C ILE C 353 28.42 39.40 34.38
N THR C 354 29.14 38.86 33.41
CA THR C 354 29.52 39.56 32.22
C THR C 354 28.87 39.01 30.96
N PHE C 355 28.27 39.88 30.17
CA PHE C 355 27.72 39.47 28.89
C PHE C 355 28.54 40.04 27.74
N GLN C 356 29.10 39.14 26.95
CA GLN C 356 29.91 39.47 25.80
C GLN C 356 29.26 38.96 24.52
N PRO C 357 29.59 39.53 23.34
CA PRO C 357 29.17 39.09 22.02
C PRO C 357 29.71 37.70 21.74
N SER C 358 29.09 36.99 20.81
CA SER C 358 29.61 35.67 20.49
C SER C 358 31.07 35.84 20.12
N SER C 359 31.89 34.92 20.62
CA SER C 359 33.34 34.99 20.46
C SER C 359 33.88 34.81 19.06
N GLY C 360 33.15 34.16 18.17
CA GLY C 360 33.65 33.97 16.83
C GLY C 360 33.07 32.74 16.19
N GLY C 361 33.47 32.48 14.95
CA GLY C 361 32.94 31.36 14.19
C GLY C 361 32.19 31.88 12.99
N ASP C 362 31.49 30.98 12.32
CA ASP C 362 30.75 31.28 11.10
C ASP C 362 29.61 32.25 11.33
N LEU C 363 29.20 32.96 10.30
CA LEU C 363 28.12 33.93 10.43
C LEU C 363 26.89 33.30 11.10
N GLU C 364 26.61 32.06 10.75
CA GLU C 364 25.47 31.32 11.24
C GLU C 364 25.50 31.07 12.75
N VAL C 365 26.66 31.19 13.39
CA VAL C 365 26.74 30.99 14.82
C VAL C 365 27.14 32.28 15.56
N THR C 366 27.57 33.31 14.84
CA THR C 366 27.93 34.54 15.54
C THR C 366 26.81 35.56 15.49
N THR C 367 25.87 35.37 14.58
CA THR C 367 24.73 36.26 14.45
C THR C 367 23.44 35.55 14.75
N HIS C 368 22.40 36.36 14.90
CA HIS C 368 21.06 35.90 15.14
C HIS C 368 20.39 35.64 13.84
N SER C 369 20.25 34.39 13.51
CA SER C 369 19.67 34.04 12.27
C SER C 369 18.23 33.74 12.43
N PHE C 370 17.44 34.18 11.46
CA PHE C 370 16.03 33.85 11.39
C PHE C 370 15.45 34.01 9.99
N ASN C 371 14.35 33.32 9.76
CA ASN C 371 13.60 33.41 8.51
C ASN C 371 12.47 34.43 8.62
N CYS C 372 12.58 35.56 7.90
CA CYS C 372 11.65 36.67 7.89
C CYS C 372 10.87 36.66 6.57
N GLY C 373 9.72 36.00 6.56
CA GLY C 373 8.92 35.97 5.33
C GLY C 373 9.59 35.29 4.16
N GLY C 374 10.50 34.34 4.41
CA GLY C 374 11.24 33.68 3.36
C GLY C 374 12.65 34.27 3.17
N GLU C 375 12.93 35.42 3.76
CA GLU C 375 14.26 36.03 3.64
C GLU C 375 15.14 35.65 4.83
N PHE C 376 16.39 35.35 4.59
CA PHE C 376 17.26 34.97 5.70
C PHE C 376 18.16 36.06 6.20
N PHE C 377 17.88 36.46 7.44
CA PHE C 377 18.54 37.54 8.16
C PHE C 377 19.60 37.02 9.09
N TYR C 378 20.70 37.76 9.19
CA TYR C 378 21.82 37.52 10.10
C TYR C 378 22.16 38.77 10.90
N CYS C 379 21.53 38.96 12.09
CA CYS C 379 21.60 40.18 12.88
C CYS C 379 22.76 40.13 13.89
N ASN C 380 23.45 41.24 14.00
CA ASN C 380 24.67 41.37 14.79
C ASN C 380 24.53 40.97 16.29
N THR C 381 23.58 41.58 17.06
CA THR C 381 23.32 41.37 18.53
C THR C 381 24.39 41.85 19.52
N SER C 382 25.53 42.37 19.04
CA SER C 382 26.59 42.74 19.97
C SER C 382 26.21 43.92 20.80
N GLY C 383 25.18 44.63 20.39
CA GLY C 383 24.71 45.78 21.13
C GLY C 383 23.87 45.35 22.33
N LEU C 384 23.50 44.08 22.39
CA LEU C 384 22.69 43.58 23.49
C LEU C 384 23.58 42.91 24.50
N PHE C 385 24.49 42.06 24.03
CA PHE C 385 25.33 41.30 24.93
C PHE C 385 26.65 41.99 25.17
N ASN C 386 26.59 43.18 25.72
CA ASN C 386 27.79 43.98 25.97
C ASN C 386 27.74 44.75 27.26
N SER C 387 27.72 44.05 28.38
CA SER C 387 27.62 44.74 29.66
C SER C 387 28.11 43.91 30.83
N THR C 388 28.83 44.54 31.77
CA THR C 388 29.37 43.81 32.93
C THR C 388 28.73 44.27 34.25
N TRP C 389 28.11 43.31 35.00
CA TRP C 389 27.43 43.52 36.29
C TRP C 389 26.85 42.19 36.79
N ASP C 405 14.49 55.52 22.53
CA ASP C 405 13.48 54.58 22.97
C ASP C 405 13.73 53.11 22.55
N SER C 406 14.73 52.84 21.66
CA SER C 406 15.11 51.50 21.18
C SER C 406 16.57 51.41 20.79
N ILE C 407 17.02 50.17 20.68
CA ILE C 407 18.35 49.84 20.21
C ILE C 407 18.21 49.09 18.91
N THR C 408 19.05 49.39 17.93
CA THR C 408 18.95 48.64 16.71
C THR C 408 20.18 47.87 16.38
N LEU C 409 19.95 46.75 15.76
CA LEU C 409 21.03 45.93 15.29
C LEU C 409 21.06 45.98 13.79
N PRO C 410 22.21 46.07 13.14
CA PRO C 410 22.35 45.94 11.71
C PRO C 410 22.17 44.47 11.44
N CYS C 411 21.64 44.11 10.25
CA CYS C 411 21.45 42.72 9.82
C CYS C 411 21.93 42.52 8.38
N ARG C 412 22.52 41.38 8.12
CA ARG C 412 22.90 41.06 6.76
C ARG C 412 21.99 40.01 6.17
N ILE C 413 21.97 39.93 4.86
CA ILE C 413 21.11 39.00 4.15
C ILE C 413 21.87 38.01 3.29
N LYS C 414 21.46 36.74 3.28
CA LYS C 414 22.09 35.76 2.39
C LYS C 414 21.05 35.02 1.59
N GLN C 415 21.40 34.64 0.36
CA GLN C 415 20.51 33.81 -0.43
C GLN C 415 20.93 32.36 -0.48
N ILE C 416 22.22 32.05 -0.30
CA ILE C 416 22.60 30.65 -0.35
C ILE C 416 22.71 30.18 1.07
N ILE C 417 21.83 29.27 1.42
CA ILE C 417 21.70 28.86 2.78
C ILE C 417 22.17 27.45 3.05
N ASN C 418 23.15 27.33 3.93
CA ASN C 418 23.61 26.02 4.33
C ASN C 418 22.74 25.68 5.49
N MET C 419 21.77 24.83 5.24
CA MET C 419 20.80 24.55 6.25
C MET C 419 21.31 23.59 7.28
N TRP C 420 20.73 23.72 8.44
CA TRP C 420 20.98 22.87 9.56
C TRP C 420 22.46 22.89 9.85
N GLN C 421 23.09 21.73 9.91
CA GLN C 421 24.49 21.63 10.20
C GLN C 421 25.30 21.13 9.02
N GLU C 422 24.74 21.15 7.81
CA GLU C 422 25.48 20.57 6.69
C GLU C 422 25.63 21.41 5.44
N VAL C 423 26.87 21.50 5.01
CA VAL C 423 27.22 22.17 3.79
C VAL C 423 27.18 21.09 2.71
N GLY C 424 26.51 21.38 1.61
CA GLY C 424 26.37 20.41 0.52
C GLY C 424 24.90 20.08 0.22
N ARG C 425 24.01 20.58 1.06
CA ARG C 425 22.57 20.41 0.90
C ARG C 425 21.93 21.78 0.83
N ALA C 426 22.73 22.75 0.41
CA ALA C 426 22.33 24.14 0.38
C ALA C 426 21.19 24.45 -0.57
N MET C 427 20.42 25.41 -0.10
CA MET C 427 19.26 25.98 -0.71
C MET C 427 19.47 27.39 -1.23
N TYR C 428 18.84 27.72 -2.36
CA TYR C 428 18.86 29.11 -2.80
C TYR C 428 17.53 29.77 -2.54
N ALA C 429 17.56 30.82 -1.75
CA ALA C 429 16.35 31.53 -1.42
C ALA C 429 16.11 32.59 -2.50
N PRO C 430 15.00 32.56 -3.23
CA PRO C 430 14.72 33.48 -4.29
C PRO C 430 14.48 34.81 -3.62
N PRO C 431 14.67 35.92 -4.31
CA PRO C 431 14.42 37.25 -3.82
C PRO C 431 12.96 37.48 -3.63
N ILE C 432 12.62 38.33 -2.68
CA ILE C 432 11.24 38.71 -2.45
C ILE C 432 11.04 40.13 -2.90
N GLN C 433 10.15 40.29 -3.86
CA GLN C 433 9.85 41.58 -4.45
C GLN C 433 9.21 42.52 -3.46
N GLY C 434 9.54 43.78 -3.58
CA GLY C 434 8.99 44.78 -2.68
C GLY C 434 9.82 44.77 -1.41
N ASN C 435 9.32 45.43 -0.34
CA ASN C 435 10.00 45.56 0.96
C ASN C 435 9.34 44.60 1.97
N ILE C 436 10.02 44.36 3.12
CA ILE C 436 9.50 43.46 4.19
C ILE C 436 9.63 43.98 5.62
N THR C 437 8.60 43.71 6.41
CA THR C 437 8.63 43.93 7.86
C THR C 437 8.10 42.66 8.57
N CYS C 438 8.82 42.19 9.61
CA CYS C 438 8.47 41.06 10.48
C CYS C 438 8.37 41.55 11.92
N VAL C 439 7.41 40.97 12.62
CA VAL C 439 7.24 41.27 14.03
C VAL C 439 7.29 39.96 14.78
N SER C 440 8.09 39.90 15.82
CA SER C 440 8.17 38.65 16.56
C SER C 440 8.40 38.87 18.06
N ASN C 441 8.15 37.80 18.85
CA ASN C 441 8.29 37.78 20.30
C ASN C 441 9.54 37.01 20.74
N ILE C 442 10.45 37.67 21.51
CA ILE C 442 11.62 36.99 22.07
C ILE C 442 11.12 36.33 23.33
N THR C 443 11.18 35.00 23.37
CA THR C 443 10.63 34.24 24.47
C THR C 443 11.69 33.53 25.27
N GLY C 444 12.88 33.45 24.73
CA GLY C 444 13.95 32.82 25.48
C GLY C 444 15.29 33.14 24.90
N LEU C 445 16.31 32.91 25.68
CA LEU C 445 17.66 33.19 25.27
C LEU C 445 18.49 31.94 25.31
N ILE C 446 19.47 31.82 24.43
CA ILE C 446 20.39 30.72 24.62
C ILE C 446 21.72 31.26 25.03
N LEU C 447 22.21 30.84 26.17
CA LEU C 447 23.49 31.30 26.64
C LEU C 447 24.47 30.16 26.76
N THR C 448 25.73 30.46 26.58
CA THR C 448 26.77 29.50 26.88
C THR C 448 27.66 30.22 27.87
N ARG C 449 28.49 29.52 28.63
CA ARG C 449 29.32 30.18 29.62
C ARG C 449 30.80 29.82 29.49
N ASP C 450 31.69 30.79 29.86
CA ASP C 450 33.15 30.66 29.89
C ASP C 450 33.65 31.10 31.28
N ASN C 455 37.90 35.21 38.41
CA ASN C 455 36.99 35.57 39.50
C ASN C 455 35.62 36.19 39.05
N THR C 456 35.30 36.11 37.75
CA THR C 456 34.09 36.62 37.11
C THR C 456 33.56 35.52 36.20
N GLU C 457 32.33 35.66 35.72
CA GLU C 457 31.75 34.68 34.79
C GLU C 457 31.32 35.34 33.50
N THR C 458 31.62 34.72 32.36
CA THR C 458 31.21 35.33 31.10
C THR C 458 30.21 34.48 30.35
N PHE C 459 29.15 35.14 29.94
CA PHE C 459 28.11 34.53 29.18
C PHE C 459 28.17 35.05 27.76
N ARG C 460 27.89 34.17 26.84
CA ARG C 460 27.90 34.50 25.43
C ARG C 460 26.58 34.08 24.81
N PRO C 461 26.08 34.77 23.79
CA PRO C 461 24.93 34.41 23.01
C PRO C 461 25.33 33.34 22.02
N GLY C 462 25.62 32.18 22.57
CA GLY C 462 26.06 31.05 21.79
C GLY C 462 24.84 30.27 21.37
N GLY C 463 24.99 29.00 21.04
CA GLY C 463 23.83 28.25 20.59
C GLY C 463 24.16 26.80 20.32
N GLY C 464 23.13 26.01 20.02
CA GLY C 464 23.30 24.60 19.76
C GLY C 464 22.90 24.23 18.35
N ASP C 465 22.88 22.94 18.07
CA ASP C 465 22.57 22.43 16.74
C ASP C 465 21.10 22.20 16.54
N MET C 466 20.31 23.25 16.66
CA MET C 466 18.83 23.21 16.51
C MET C 466 18.06 22.45 17.57
N ARG C 467 18.59 21.35 18.02
CA ARG C 467 17.94 20.54 19.02
C ARG C 467 17.56 21.37 20.23
N ASP C 468 18.41 22.30 20.61
CA ASP C 468 18.19 23.16 21.76
C ASP C 468 17.03 24.12 21.58
N ASN C 469 16.60 24.36 20.34
CA ASN C 469 15.50 25.27 20.13
C ASN C 469 14.21 24.53 20.34
N TRP C 470 14.23 23.24 20.01
CA TRP C 470 13.05 22.42 20.13
C TRP C 470 12.92 21.88 21.56
N ARG C 471 14.07 21.68 22.21
CA ARG C 471 14.11 21.25 23.58
C ARG C 471 14.00 22.51 24.42
N SER C 472 12.89 23.16 24.26
CA SER C 472 12.59 24.41 24.89
C SER C 472 11.16 24.31 25.23
N GLU C 473 10.47 23.49 24.45
CA GLU C 473 9.05 23.22 24.69
C GLU C 473 8.88 21.74 25.00
N LEU C 474 9.66 20.89 24.34
CA LEU C 474 9.56 19.47 24.59
C LEU C 474 10.39 19.12 25.81
N TYR C 475 9.95 19.61 26.95
CA TYR C 475 10.62 19.32 28.18
C TYR C 475 9.55 18.93 29.11
N LYS C 476 8.34 19.29 28.72
CA LYS C 476 7.22 18.94 29.56
C LYS C 476 6.65 17.62 29.15
N TYR C 477 7.10 17.07 28.04
CA TYR C 477 6.47 15.86 27.55
C TYR C 477 7.38 14.64 27.56
N LYS C 478 6.79 13.50 27.91
CA LYS C 478 7.49 12.23 27.89
C LYS C 478 6.65 11.13 27.26
N VAL C 479 7.26 10.27 26.47
CA VAL C 479 6.51 9.17 25.88
C VAL C 479 6.68 7.89 26.65
N VAL C 480 5.55 7.26 26.99
CA VAL C 480 5.62 6.00 27.70
C VAL C 480 4.78 4.94 26.99
N LYS C 481 5.21 3.71 27.13
CA LYS C 481 4.55 2.54 26.58
C LYS C 481 3.63 1.93 27.60
N ILE C 482 2.41 1.65 27.21
CA ILE C 482 1.46 1.04 28.13
C ILE C 482 1.76 -0.44 28.23
N GLU C 483 1.82 -0.97 29.45
CA GLU C 483 2.07 -2.40 29.68
C GLU C 483 0.92 -3.06 30.45
N PRO C 484 -0.14 -3.53 29.75
CA PRO C 484 -1.39 -4.05 30.28
C PRO C 484 -1.32 -5.30 31.14
N LEU C 485 -0.24 -6.08 31.09
CA LEU C 485 -0.22 -7.29 31.91
C LEU C 485 0.56 -7.19 33.18
N GLY C 486 0.06 -7.89 34.16
CA GLY C 486 0.76 -8.03 35.42
C GLY C 486 0.05 -9.03 36.30
N VAL C 487 0.66 -9.32 37.42
CA VAL C 487 0.10 -10.28 38.36
C VAL C 487 0.11 -9.72 39.75
N ALA C 488 -0.70 -10.29 40.62
CA ALA C 488 -0.73 -9.99 42.04
C ALA C 488 -1.37 -11.19 42.73
N PRO C 489 -1.09 -11.49 44.00
CA PRO C 489 -1.77 -12.52 44.74
C PRO C 489 -3.16 -12.14 45.16
N THR C 490 -4.03 -13.14 45.25
CA THR C 490 -5.37 -13.03 45.81
C THR C 490 -5.60 -14.24 46.70
N ALA C 491 -6.71 -14.26 47.42
CA ALA C 491 -6.99 -15.41 48.28
C ALA C 491 -7.65 -16.62 47.58
N CYS C 492 -7.94 -16.55 46.24
CA CYS C 492 -8.69 -17.58 45.54
C CYS C 492 -7.85 -18.31 44.48
N LYS C 493 -7.86 -19.64 44.58
CA LYS C 493 -7.20 -20.53 43.62
C LYS C 493 -8.17 -20.80 42.50
N ARG C 494 -7.69 -21.10 41.31
CA ARG C 494 -8.61 -21.51 40.26
C ARG C 494 -9.20 -22.88 40.57
N ARG C 495 -10.47 -23.07 40.23
CA ARG C 495 -11.12 -24.36 40.43
C ARG C 495 -11.81 -24.80 39.14
N VAL C 496 -12.01 -26.13 38.98
CA VAL C 496 -12.70 -26.76 37.85
C VAL C 496 -14.21 -26.74 38.13
N GLU D 37 -21.33 -44.90 18.39
CA GLU D 37 -20.39 -45.35 17.38
C GLU D 37 -19.00 -44.78 17.70
N ASN D 38 -17.94 -45.46 17.20
CA ASN D 38 -16.51 -45.13 17.37
C ASN D 38 -16.00 -44.28 16.20
N LEU D 39 -14.73 -43.90 16.25
CA LEU D 39 -14.04 -43.19 15.17
C LEU D 39 -14.60 -41.79 14.91
N TRP D 40 -14.06 -40.81 15.62
CA TRP D 40 -14.48 -39.40 15.59
C TRP D 40 -13.35 -38.46 15.21
N VAL D 41 -13.66 -37.31 14.62
CA VAL D 41 -12.59 -36.37 14.27
C VAL D 41 -12.09 -35.55 15.45
N THR D 42 -10.77 -35.55 15.66
CA THR D 42 -10.13 -34.74 16.69
C THR D 42 -9.24 -33.70 16.05
N VAL D 43 -9.36 -32.47 16.52
CA VAL D 43 -8.55 -31.37 16.01
C VAL D 43 -7.34 -31.15 16.89
N TYR D 44 -6.17 -31.04 16.27
CA TYR D 44 -4.94 -30.78 17.00
C TYR D 44 -4.28 -29.51 16.51
N TYR D 45 -3.65 -28.78 17.44
CA TYR D 45 -2.88 -27.60 17.07
C TYR D 45 -1.48 -27.67 17.68
N GLY D 46 -0.46 -27.47 16.85
CA GLY D 46 0.94 -27.57 17.27
C GLY D 46 1.56 -28.86 16.73
N VAL D 47 0.89 -29.47 15.77
CA VAL D 47 1.34 -30.70 15.17
C VAL D 47 2.66 -30.41 14.44
N PRO D 48 3.74 -31.17 14.67
CA PRO D 48 5.07 -30.95 14.13
C PRO D 48 5.24 -31.35 12.68
N VAL D 49 4.54 -30.66 11.80
CA VAL D 49 4.64 -30.94 10.37
C VAL D 49 4.95 -29.67 9.59
N TRP D 50 5.44 -29.85 8.37
CA TRP D 50 5.81 -28.73 7.52
C TRP D 50 5.69 -29.02 6.04
N LYS D 51 5.69 -27.94 5.26
CA LYS D 51 5.63 -28.01 3.80
C LYS D 51 6.76 -27.23 3.18
N ASP D 52 7.23 -27.65 2.02
CA ASP D 52 8.27 -26.88 1.36
C ASP D 52 7.78 -25.50 1.05
N ALA D 53 8.62 -24.48 1.20
CA ALA D 53 8.12 -23.16 0.91
C ALA D 53 9.16 -22.19 0.39
N GLU D 54 8.68 -21.20 -0.35
CA GLU D 54 9.52 -20.15 -0.87
C GLU D 54 9.14 -18.83 -0.24
N THR D 55 9.97 -18.38 0.67
CA THR D 55 9.66 -17.14 1.36
C THR D 55 10.86 -16.25 1.38
N THR D 56 10.69 -15.09 1.98
CA THR D 56 11.77 -14.14 2.06
C THR D 56 12.48 -14.32 3.38
N LEU D 57 13.77 -14.54 3.32
CA LEU D 57 14.59 -14.71 4.49
C LEU D 57 15.19 -13.39 4.81
N PHE D 58 15.60 -13.17 6.04
CA PHE D 58 16.22 -11.90 6.32
C PHE D 58 17.69 -12.13 6.54
N CYS D 59 18.49 -11.08 6.30
CA CYS D 59 19.93 -11.08 6.46
C CYS D 59 20.32 -10.57 7.84
N ALA D 60 21.22 -11.29 8.48
CA ALA D 60 21.69 -10.89 9.80
C ALA D 60 23.19 -11.22 9.96
N SER D 61 23.86 -10.46 10.86
CA SER D 61 25.28 -10.56 11.23
C SER D 61 25.46 -11.33 12.55
N HIS D 71 30.78 1.90 7.02
CA HIS D 71 31.44 2.02 5.70
C HIS D 71 31.42 0.71 4.84
N ASN D 72 31.14 -0.47 5.45
CA ASN D 72 31.03 -1.78 4.83
C ASN D 72 29.59 -2.04 4.43
N VAL D 73 29.34 -2.26 3.15
CA VAL D 73 27.96 -2.38 2.68
C VAL D 73 27.23 -3.57 3.27
N TRP D 74 27.95 -4.65 3.50
CA TRP D 74 27.31 -5.84 3.99
C TRP D 74 26.88 -5.60 5.40
N ALA D 75 27.79 -5.01 6.16
CA ALA D 75 27.56 -4.73 7.56
C ALA D 75 26.49 -3.68 7.77
N THR D 76 26.45 -2.70 6.87
CA THR D 76 25.50 -1.61 6.95
C THR D 76 24.10 -2.10 6.71
N HIS D 77 23.94 -2.92 5.68
CA HIS D 77 22.64 -3.46 5.33
C HIS D 77 22.13 -4.54 6.31
N CYS D 78 22.98 -5.54 6.66
CA CYS D 78 22.64 -6.69 7.51
C CYS D 78 22.93 -6.27 8.95
N CYS D 79 22.15 -5.26 9.37
CA CYS D 79 22.27 -4.61 10.66
C CYS D 79 21.70 -5.43 11.80
N VAL D 80 20.89 -6.40 11.45
CA VAL D 80 20.26 -7.27 12.41
C VAL D 80 21.30 -8.25 12.93
N PRO D 81 21.53 -8.38 14.24
CA PRO D 81 22.45 -9.31 14.83
C PRO D 81 21.88 -10.71 14.81
N THR D 82 22.75 -11.71 14.83
CA THR D 82 22.31 -13.09 15.00
C THR D 82 22.43 -13.59 16.42
N ASP D 83 21.77 -14.71 16.67
CA ASP D 83 21.84 -15.46 17.91
C ASP D 83 23.24 -16.04 18.05
N PRO D 84 24.03 -15.70 19.10
CA PRO D 84 25.36 -16.23 19.31
C PRO D 84 25.35 -17.72 19.64
N ASN D 85 24.19 -18.26 20.05
CA ASN D 85 24.09 -19.66 20.41
C ASN D 85 22.84 -20.32 19.84
N PRO D 86 22.71 -20.45 18.51
CA PRO D 86 21.58 -21.03 17.83
C PRO D 86 21.64 -22.49 18.13
N GLN D 87 20.52 -23.16 18.11
CA GLN D 87 20.54 -24.58 18.37
C GLN D 87 20.30 -25.40 17.14
N GLU D 88 20.76 -26.64 17.17
CA GLU D 88 20.49 -27.55 16.09
C GLU D 88 19.59 -28.62 16.62
N ILE D 89 18.34 -28.56 16.27
CA ILE D 89 17.44 -29.51 16.86
C ILE D 89 17.41 -30.71 15.97
N VAL D 90 17.92 -31.81 16.45
CA VAL D 90 18.05 -32.98 15.61
C VAL D 90 16.74 -33.74 15.58
N LEU D 91 16.31 -34.09 14.38
CA LEU D 91 15.06 -34.79 14.23
C LEU D 91 15.28 -36.30 14.11
N GLU D 92 14.91 -37.01 15.16
CA GLU D 92 15.14 -38.44 15.20
C GLU D 92 14.38 -39.14 14.09
N ASN D 93 15.09 -39.93 13.31
CA ASN D 93 14.52 -40.69 12.22
C ASN D 93 13.74 -39.86 11.20
N VAL D 94 14.18 -38.64 10.91
CA VAL D 94 13.47 -37.88 9.88
C VAL D 94 14.24 -37.75 8.61
N THR D 95 13.62 -38.18 7.53
CA THR D 95 14.24 -38.12 6.22
C THR D 95 13.61 -36.98 5.44
N GLU D 96 14.45 -36.16 4.83
CA GLU D 96 13.98 -35.01 4.06
C GLU D 96 14.69 -34.94 2.71
N ASN D 97 13.93 -34.69 1.65
CA ASN D 97 14.51 -34.58 0.31
C ASN D 97 15.00 -33.17 0.00
N PHE D 98 16.30 -33.06 -0.21
CA PHE D 98 16.94 -31.79 -0.47
C PHE D 98 17.29 -31.70 -1.95
N ASN D 99 17.35 -30.48 -2.49
CA ASN D 99 17.75 -30.33 -3.88
C ASN D 99 18.50 -29.02 -4.09
N MET D 100 19.82 -29.08 -4.05
CA MET D 100 20.70 -27.93 -4.16
C MET D 100 20.43 -27.11 -5.41
N TRP D 101 20.19 -27.78 -6.50
CA TRP D 101 20.05 -27.16 -7.78
C TRP D 101 18.76 -26.37 -7.94
N LYS D 102 17.81 -26.57 -7.03
CA LYS D 102 16.52 -25.92 -7.10
C LYS D 102 16.30 -25.13 -5.83
N ASN D 103 17.37 -24.86 -5.10
CA ASN D 103 17.25 -24.22 -3.81
C ASN D 103 17.01 -22.72 -3.92
N ASN D 104 15.83 -22.29 -3.49
CA ASN D 104 15.40 -20.90 -3.58
C ASN D 104 16.25 -19.96 -2.74
N MET D 105 16.98 -20.50 -1.78
CA MET D 105 17.80 -19.67 -0.93
C MET D 105 18.94 -19.08 -1.75
N VAL D 106 19.30 -19.76 -2.85
CA VAL D 106 20.39 -19.34 -3.70
C VAL D 106 19.93 -18.14 -4.47
N GLU D 107 18.71 -18.21 -4.98
CA GLU D 107 18.18 -17.10 -5.72
C GLU D 107 18.01 -15.92 -4.80
N GLN D 108 17.59 -16.16 -3.55
CA GLN D 108 17.42 -15.03 -2.64
C GLN D 108 18.76 -14.39 -2.36
N MET D 109 19.82 -15.19 -2.18
CA MET D 109 21.11 -14.60 -1.91
C MET D 109 21.56 -13.78 -3.10
N HIS D 110 21.33 -14.30 -4.30
CA HIS D 110 21.73 -13.58 -5.48
C HIS D 110 21.00 -12.26 -5.56
N GLU D 111 19.69 -12.27 -5.40
CA GLU D 111 18.97 -11.01 -5.49
C GLU D 111 19.44 -10.01 -4.46
N ASP D 112 19.70 -10.46 -3.23
CA ASP D 112 20.12 -9.52 -2.20
C ASP D 112 21.45 -8.90 -2.56
N ILE D 113 22.34 -9.69 -3.14
CA ILE D 113 23.65 -9.20 -3.51
C ILE D 113 23.57 -8.22 -4.63
N ILE D 114 22.78 -8.50 -5.66
CA ILE D 114 22.73 -7.59 -6.77
C ILE D 114 22.11 -6.29 -6.30
N SER D 115 21.05 -6.39 -5.52
CA SER D 115 20.36 -5.23 -5.02
C SER D 115 21.25 -4.39 -4.13
N LEU D 116 21.97 -5.01 -3.20
CA LEU D 116 22.83 -4.25 -2.33
C LEU D 116 23.96 -3.60 -3.08
N TRP D 117 24.54 -4.35 -4.00
CA TRP D 117 25.64 -3.83 -4.77
C TRP D 117 25.19 -2.56 -5.46
N ASP D 118 24.05 -2.65 -6.16
CA ASP D 118 23.58 -1.48 -6.89
C ASP D 118 23.21 -0.34 -5.98
N GLN D 119 22.57 -0.63 -4.85
CA GLN D 119 22.15 0.45 -3.99
C GLN D 119 23.32 1.23 -3.44
N SER D 120 24.41 0.53 -3.17
CA SER D 120 25.60 1.14 -2.59
C SER D 120 26.29 2.10 -3.52
N LEU D 121 26.01 2.03 -4.82
CA LEU D 121 26.68 2.89 -5.77
C LEU D 121 25.84 4.07 -6.15
N LYS D 122 24.62 4.14 -5.65
CA LYS D 122 23.79 5.23 -6.11
C LYS D 122 24.29 6.62 -5.70
N PRO D 123 24.60 6.91 -4.42
CA PRO D 123 24.99 8.23 -3.98
C PRO D 123 26.47 8.55 -4.23
N CYS D 124 26.92 8.48 -5.50
CA CYS D 124 28.31 8.70 -5.91
C CYS D 124 28.41 9.23 -7.33
N VAL D 125 29.60 9.71 -7.65
CA VAL D 125 29.90 10.33 -8.93
C VAL D 125 29.73 9.45 -10.13
N LYS D 126 29.10 10.02 -11.13
CA LYS D 126 28.90 9.38 -12.39
C LYS D 126 30.04 9.87 -13.24
N LEU D 127 30.60 9.03 -14.07
CA LEU D 127 31.73 9.45 -14.87
C LEU D 127 31.37 9.79 -16.28
N THR D 128 30.08 9.97 -16.55
CA THR D 128 29.60 10.34 -17.86
C THR D 128 30.45 11.43 -18.54
N PRO D 129 30.87 12.54 -17.87
CA PRO D 129 31.65 13.62 -18.44
C PRO D 129 32.95 13.17 -19.07
N LEU D 130 33.42 11.99 -18.73
CA LEU D 130 34.67 11.47 -19.28
C LEU D 130 34.59 10.85 -20.67
N CYS D 131 33.37 10.64 -21.24
CA CYS D 131 33.17 10.00 -22.54
C CYS D 131 33.51 10.98 -23.67
N VAL D 132 34.80 11.26 -23.76
CA VAL D 132 35.37 12.17 -24.75
C VAL D 132 36.47 11.45 -25.48
N THR D 133 36.89 11.98 -26.60
CA THR D 133 37.93 11.34 -27.37
C THR D 133 39.22 11.36 -26.57
N LEU D 134 39.89 10.22 -26.48
CA LEU D 134 41.15 10.18 -25.77
C LEU D 134 42.31 10.11 -26.76
N ASN D 135 43.35 10.97 -26.58
CA ASN D 135 44.57 10.99 -27.38
C ASN D 135 45.63 10.18 -26.62
N CYS D 136 45.89 8.90 -27.04
CA CYS D 136 46.70 7.98 -26.23
C CYS D 136 48.02 7.61 -26.89
N THR D 137 49.01 7.52 -26.02
CA THR D 137 50.36 7.06 -26.34
C THR D 137 50.82 5.99 -25.37
N ASN D 138 52.05 5.54 -25.54
CA ASN D 138 52.57 4.51 -24.66
C ASN D 138 52.99 5.12 -23.33
N ALA D 139 52.50 4.55 -22.23
CA ALA D 139 52.83 5.08 -20.92
C ALA D 139 54.25 4.76 -20.56
N THR D 140 54.85 5.60 -19.74
CA THR D 140 56.19 5.33 -19.30
C THR D 140 56.30 5.18 -17.81
N ALA D 141 57.32 4.45 -17.41
CA ALA D 141 57.74 4.31 -16.02
C ALA D 141 59.14 3.78 -16.09
N SER D 142 59.96 4.01 -15.07
CA SER D 142 61.29 3.44 -15.15
C SER D 142 61.98 3.81 -16.47
N ASN D 143 62.50 2.80 -17.16
CA ASN D 143 63.21 3.05 -18.41
C ASN D 143 62.31 3.22 -19.65
N SER D 144 61.66 4.38 -19.68
CA SER D 144 60.76 4.88 -20.74
C SER D 144 59.48 4.09 -21.09
N SER D 145 59.16 4.03 -22.40
CA SER D 145 57.91 3.44 -22.93
C SER D 145 57.98 1.94 -23.01
N ILE D 146 58.07 1.35 -21.86
CA ILE D 146 58.23 -0.07 -21.69
C ILE D 146 57.13 -0.69 -20.87
N ILE D 147 55.99 -0.02 -20.71
CA ILE D 147 54.97 -0.60 -19.87
C ILE D 147 53.87 -1.21 -20.71
N GLU D 148 53.92 -2.51 -20.85
CA GLU D 148 52.97 -3.18 -21.69
C GLU D 148 51.63 -3.16 -21.02
N GLY D 149 50.61 -2.78 -21.76
CA GLY D 149 49.27 -2.77 -21.23
C GLY D 149 48.84 -1.41 -20.76
N MET D 150 49.76 -0.46 -20.64
CA MET D 150 49.35 0.84 -20.16
C MET D 150 49.46 1.96 -21.16
N LYS D 151 48.43 2.78 -21.18
CA LYS D 151 48.39 3.93 -22.05
C LYS D 151 48.31 5.23 -21.26
N ASN D 152 49.00 6.26 -21.78
CA ASN D 152 49.01 7.63 -21.27
C ASN D 152 48.10 8.47 -22.17
N CYS D 153 46.87 8.76 -21.69
CA CYS D 153 45.82 9.38 -22.49
C CYS D 153 45.54 10.79 -22.04
N SER D 154 45.46 11.69 -23.01
CA SER D 154 45.10 13.06 -22.70
C SER D 154 43.70 13.33 -23.21
N PHE D 155 42.99 14.20 -22.51
CA PHE D 155 41.65 14.54 -22.91
C PHE D 155 41.15 15.89 -22.40
N ASN D 156 40.11 16.46 -23.06
CA ASN D 156 39.45 17.72 -22.69
C ASN D 156 38.21 17.44 -21.84
N ILE D 157 38.30 17.74 -20.53
CA ILE D 157 37.27 17.48 -19.52
C ILE D 157 36.68 18.80 -19.02
N THR D 158 35.38 18.86 -18.79
CA THR D 158 34.78 20.05 -18.22
C THR D 158 35.23 20.13 -16.79
N THR D 159 35.61 21.32 -16.34
CA THR D 159 36.07 21.50 -14.97
C THR D 159 34.95 21.96 -14.06
N GLU D 160 35.28 22.44 -12.86
CA GLU D 160 34.24 22.79 -11.89
C GLU D 160 33.30 23.85 -12.43
N LEU D 161 33.81 24.79 -13.20
CA LEU D 161 32.93 25.76 -13.79
C LEU D 161 32.55 25.20 -15.15
N ARG D 162 31.29 25.34 -15.47
CA ARG D 162 30.68 24.78 -16.66
C ARG D 162 31.08 25.45 -17.96
N ASP D 163 31.68 26.61 -17.87
CA ASP D 163 32.12 27.34 -19.02
C ASP D 163 33.62 27.21 -19.27
N LYS D 164 34.28 26.28 -18.59
CA LYS D 164 35.70 26.10 -18.79
C LYS D 164 36.05 24.64 -19.01
N ARG D 165 37.01 24.42 -19.90
CA ARG D 165 37.50 23.08 -20.20
C ARG D 165 38.96 23.02 -19.86
N GLU D 166 39.44 21.85 -19.47
CA GLU D 166 40.85 21.66 -19.20
C GLU D 166 41.39 20.41 -19.84
N LYS D 167 42.66 20.45 -20.20
CA LYS D 167 43.31 19.26 -20.72
C LYS D 167 44.00 18.54 -19.57
N LYS D 168 43.60 17.29 -19.38
CA LYS D 168 44.11 16.44 -18.30
C LYS D 168 44.67 15.15 -18.84
N ASN D 169 45.60 14.58 -18.08
CA ASN D 169 46.15 13.29 -18.41
C ASN D 169 45.67 12.24 -17.44
N ALA D 170 45.57 11.00 -17.90
CA ALA D 170 45.27 9.87 -17.04
C ALA D 170 45.95 8.62 -17.57
N LEU D 171 46.32 7.74 -16.64
CA LEU D 171 46.93 6.48 -16.98
C LEU D 171 45.89 5.36 -16.95
N PHE D 172 45.76 4.64 -18.07
CA PHE D 172 44.75 3.59 -18.20
C PHE D 172 45.25 2.24 -18.70
N TYR D 173 44.51 1.19 -18.33
CA TYR D 173 44.78 -0.14 -18.85
C TYR D 173 44.20 -0.24 -20.24
N LYS D 174 44.92 -0.86 -21.16
CA LYS D 174 44.43 -0.97 -22.54
C LYS D 174 43.25 -1.92 -22.64
N LEU D 175 43.05 -2.76 -21.63
CA LEU D 175 41.95 -3.71 -21.64
C LEU D 175 40.61 -3.02 -21.61
N ASP D 176 40.59 -1.79 -21.09
CA ASP D 176 39.37 -1.03 -20.95
C ASP D 176 39.17 0.01 -22.04
N ILE D 177 40.05 0.00 -23.03
CA ILE D 177 40.02 1.00 -24.08
C ILE D 177 39.89 0.48 -25.51
N VAL D 178 38.99 1.09 -26.27
CA VAL D 178 38.79 0.69 -27.64
C VAL D 178 39.25 1.75 -28.61
N GLN D 179 39.97 1.31 -29.64
CA GLN D 179 40.50 2.19 -30.66
C GLN D 179 39.40 2.71 -31.56
N LEU D 180 39.46 4.01 -31.86
CA LEU D 180 38.48 4.67 -32.70
C LEU D 180 38.96 5.01 -34.08
N ASP D 181 38.02 5.07 -35.02
CA ASP D 181 38.26 5.57 -36.36
C ASP D 181 39.40 4.89 -37.11
N GLY D 182 39.46 3.58 -37.02
CA GLY D 182 40.49 2.82 -37.72
C GLY D 182 41.77 2.75 -36.91
N ASN D 183 42.88 2.45 -37.56
CA ASN D 183 44.11 2.28 -36.81
C ASN D 183 44.76 3.61 -36.54
N SER D 184 44.17 4.36 -35.62
CA SER D 184 44.59 5.70 -35.28
C SER D 184 44.99 5.85 -33.82
N SER D 185 45.30 7.09 -33.46
CA SER D 185 45.74 7.45 -32.12
C SER D 185 44.61 7.78 -31.15
N GLN D 186 43.39 7.79 -31.67
CA GLN D 186 42.25 8.16 -30.86
C GLN D 186 41.56 6.93 -30.30
N TYR D 187 41.17 7.05 -29.05
CA TYR D 187 40.53 6.00 -28.27
C TYR D 187 39.31 6.40 -27.45
N ARG D 188 38.53 5.39 -27.05
CA ARG D 188 37.36 5.57 -26.19
C ARG D 188 37.30 4.60 -25.01
N LEU D 189 36.73 5.05 -23.91
CA LEU D 189 36.50 4.14 -22.79
C LEU D 189 35.39 3.21 -23.23
N ILE D 190 35.56 1.91 -23.07
CA ILE D 190 34.57 0.98 -23.62
C ILE D 190 33.17 1.06 -23.07
N ASN D 191 32.99 1.49 -21.84
CA ASN D 191 31.62 1.54 -21.37
C ASN D 191 30.72 2.54 -22.13
N CYS D 192 31.28 3.63 -22.73
CA CYS D 192 30.58 4.76 -23.36
C CYS D 192 29.80 4.33 -24.58
N ASN D 193 30.11 3.15 -25.07
CA ASN D 193 29.44 2.56 -26.22
C ASN D 193 28.02 2.05 -25.84
N THR D 194 27.81 1.59 -24.57
CA THR D 194 26.56 0.99 -24.06
C THR D 194 25.91 1.71 -22.89
N SER D 195 26.71 2.14 -21.90
CA SER D 195 26.13 2.69 -20.69
C SER D 195 27.04 3.64 -19.93
N ALA D 196 26.43 4.49 -19.10
CA ALA D 196 27.19 5.35 -18.20
C ALA D 196 27.80 4.52 -17.11
N ILE D 197 29.00 4.88 -16.68
CA ILE D 197 29.67 4.14 -15.64
C ILE D 197 29.70 4.92 -14.34
N THR D 198 29.35 4.24 -13.26
CA THR D 198 29.32 4.84 -11.94
C THR D 198 30.60 4.53 -11.22
N GLN D 199 31.21 5.50 -10.59
CA GLN D 199 32.44 5.21 -9.89
C GLN D 199 32.20 4.54 -8.56
N ALA D 200 32.99 3.53 -8.26
CA ALA D 200 32.86 2.92 -6.95
C ALA D 200 33.12 4.00 -5.93
N CYS D 201 32.33 4.01 -4.84
CA CYS D 201 32.43 4.99 -3.77
C CYS D 201 33.78 4.82 -3.00
N PRO D 202 34.64 5.86 -2.93
CA PRO D 202 35.96 5.84 -2.29
C PRO D 202 35.96 5.46 -0.82
N LYS D 203 34.82 5.63 -0.17
CA LYS D 203 34.70 5.34 1.25
C LYS D 203 33.89 4.09 1.54
N VAL D 204 33.57 3.32 0.51
CA VAL D 204 32.75 2.14 0.71
C VAL D 204 33.47 0.84 0.48
N SER D 205 33.40 -0.01 1.48
CA SER D 205 34.00 -1.31 1.43
C SER D 205 33.03 -2.40 1.05
N PHE D 206 33.46 -3.22 0.13
CA PHE D 206 32.68 -4.34 -0.32
C PHE D 206 33.26 -5.64 0.19
N GLU D 207 34.21 -5.55 1.13
CA GLU D 207 34.85 -6.74 1.63
C GLU D 207 33.82 -7.71 2.22
N PRO D 208 33.74 -8.96 1.76
CA PRO D 208 32.81 -9.95 2.24
C PRO D 208 32.95 -10.19 3.73
N ILE D 209 31.83 -10.33 4.41
CA ILE D 209 31.83 -10.63 5.82
C ILE D 209 30.91 -11.83 5.87
N PRO D 210 30.94 -12.69 6.87
CA PRO D 210 30.04 -13.81 6.92
C PRO D 210 28.62 -13.28 7.00
N ILE D 211 27.74 -13.86 6.23
CA ILE D 211 26.33 -13.53 6.22
C ILE D 211 25.46 -14.68 6.64
N HIS D 212 24.53 -14.45 7.55
CA HIS D 212 23.66 -15.52 7.95
C HIS D 212 22.27 -15.27 7.43
N TYR D 213 21.65 -16.27 6.84
CA TYR D 213 20.26 -16.11 6.43
C TYR D 213 19.38 -16.74 7.48
N CYS D 214 18.35 -15.99 7.94
CA CYS D 214 17.48 -16.38 9.04
C CYS D 214 16.02 -16.45 8.62
N ALA D 215 15.32 -17.46 9.12
CA ALA D 215 13.91 -17.62 8.80
C ALA D 215 13.03 -16.62 9.52
N PRO D 216 11.94 -16.14 8.90
CA PRO D 216 10.90 -15.32 9.49
C PRO D 216 10.03 -16.20 10.35
N ALA D 217 9.26 -15.61 11.25
CA ALA D 217 8.37 -16.42 12.06
C ALA D 217 7.42 -17.21 11.19
N GLY D 218 7.18 -18.46 11.59
CA GLY D 218 6.30 -19.36 10.87
C GLY D 218 7.08 -20.29 9.95
N PHE D 219 8.37 -20.01 9.82
CA PHE D 219 9.28 -20.76 8.97
C PHE D 219 10.51 -21.26 9.70
N ALA D 220 11.12 -22.27 9.14
CA ALA D 220 12.33 -22.82 9.72
C ALA D 220 13.25 -23.31 8.64
N ILE D 221 14.54 -23.44 8.95
CA ILE D 221 15.48 -23.92 7.98
C ILE D 221 15.95 -25.31 8.35
N LEU D 222 15.79 -26.25 7.44
CA LEU D 222 16.25 -27.58 7.73
C LEU D 222 17.65 -27.69 7.19
N LYS D 223 18.52 -28.31 7.97
CA LYS D 223 19.89 -28.48 7.57
C LYS D 223 20.25 -29.95 7.46
N CYS D 224 20.87 -30.35 6.32
CA CYS D 224 21.32 -31.72 6.09
C CYS D 224 22.69 -31.90 6.73
N ASN D 225 22.78 -32.87 7.64
CA ASN D 225 24.02 -33.12 8.35
C ASN D 225 24.80 -34.38 7.91
N ASN D 226 24.50 -34.91 6.70
CA ASN D 226 25.15 -36.06 6.09
C ASN D 226 26.40 -35.56 5.36
N LYS D 227 27.59 -35.99 5.86
CA LYS D 227 28.93 -35.59 5.42
C LYS D 227 29.25 -35.96 3.99
N THR D 228 28.49 -36.91 3.43
CA THR D 228 28.69 -37.34 2.07
C THR D 228 27.52 -37.00 1.16
N PHE D 229 26.64 -36.10 1.61
CA PHE D 229 25.49 -35.70 0.81
C PHE D 229 25.92 -35.01 -0.48
N THR D 230 25.34 -35.44 -1.59
CA THR D 230 25.68 -35.00 -2.94
C THR D 230 24.88 -33.86 -3.51
N GLY D 231 24.01 -33.28 -2.72
CA GLY D 231 23.20 -32.15 -3.14
C GLY D 231 21.76 -32.49 -3.49
N THR D 232 21.45 -33.74 -3.80
CA THR D 232 20.07 -34.06 -4.08
C THR D 232 19.62 -35.34 -3.41
N GLY D 233 18.32 -35.45 -3.18
CA GLY D 233 17.74 -36.68 -2.68
C GLY D 233 17.60 -36.66 -1.17
N PRO D 234 17.13 -37.74 -0.57
CA PRO D 234 16.85 -37.86 0.84
C PRO D 234 18.11 -37.74 1.65
N CYS D 235 18.04 -37.00 2.75
CA CYS D 235 19.07 -36.83 3.76
C CYS D 235 18.49 -37.46 4.99
N ASN D 236 19.21 -38.43 5.55
CA ASN D 236 18.69 -39.18 6.70
C ASN D 236 19.12 -38.70 8.11
N ASN D 237 19.76 -37.53 8.19
CA ASN D 237 20.19 -36.88 9.43
C ASN D 237 19.98 -35.38 9.24
N VAL D 238 18.82 -34.87 9.70
CA VAL D 238 18.35 -33.51 9.50
C VAL D 238 18.11 -32.80 10.80
N SER D 239 18.64 -31.59 10.92
CA SER D 239 18.41 -30.80 12.10
C SER D 239 17.72 -29.50 11.71
N THR D 240 17.04 -28.88 12.66
CA THR D 240 16.38 -27.62 12.37
C THR D 240 17.07 -26.45 13.03
N VAL D 241 17.30 -25.41 12.25
CA VAL D 241 17.96 -24.21 12.76
C VAL D 241 17.20 -22.93 12.45
N GLN D 242 17.52 -21.89 13.19
CA GLN D 242 16.95 -20.57 12.92
C GLN D 242 17.64 -19.79 11.80
N CYS D 243 18.99 -19.91 11.72
CA CYS D 243 19.88 -19.21 10.81
C CYS D 243 20.89 -20.18 10.22
N THR D 244 21.38 -19.86 9.03
CA THR D 244 22.45 -20.60 8.37
C THR D 244 23.74 -20.19 9.01
N HIS D 245 24.82 -20.89 8.69
CA HIS D 245 26.10 -20.48 9.19
C HIS D 245 26.47 -19.23 8.43
N GLY D 246 27.58 -18.61 8.81
CA GLY D 246 27.94 -17.38 8.12
C GLY D 246 28.66 -17.68 6.83
N ILE D 247 28.04 -17.27 5.73
CA ILE D 247 28.56 -17.50 4.41
C ILE D 247 29.06 -16.20 3.82
N LYS D 248 30.32 -16.13 3.44
CA LYS D 248 30.79 -14.89 2.86
C LYS D 248 30.36 -14.80 1.39
N PRO D 249 29.88 -13.64 0.93
CA PRO D 249 29.51 -13.37 -0.45
C PRO D 249 30.73 -13.09 -1.30
N VAL D 250 31.52 -14.12 -1.47
CA VAL D 250 32.75 -14.06 -2.23
C VAL D 250 32.43 -14.25 -3.71
N VAL D 251 33.03 -13.44 -4.55
CA VAL D 251 32.83 -13.51 -5.99
C VAL D 251 34.05 -14.00 -6.74
N SER D 252 33.87 -15.07 -7.51
CA SER D 252 34.94 -15.67 -8.31
C SER D 252 34.36 -16.45 -9.50
N THR D 253 35.23 -17.02 -10.34
CA THR D 253 34.78 -17.73 -11.53
C THR D 253 35.22 -19.20 -11.53
N GLN D 254 36.41 -19.46 -12.04
CA GLN D 254 36.91 -20.82 -12.17
C GLN D 254 37.23 -21.52 -10.85
N LEU D 255 37.72 -20.77 -9.88
CA LEU D 255 38.07 -21.34 -8.59
C LEU D 255 37.26 -20.65 -7.52
N LEU D 256 36.68 -21.45 -6.63
CA LEU D 256 35.89 -20.95 -5.53
C LEU D 256 36.78 -20.73 -4.36
N LEU D 257 36.79 -19.50 -3.89
CA LEU D 257 37.64 -19.12 -2.81
C LEU D 257 36.88 -18.91 -1.50
N ASN D 258 37.57 -19.14 -0.37
CA ASN D 258 37.20 -18.86 1.01
C ASN D 258 35.84 -19.45 1.47
N GLY D 259 35.50 -20.68 1.04
CA GLY D 259 34.28 -21.38 1.45
C GLY D 259 34.61 -22.34 2.57
N SER D 260 33.66 -23.18 2.91
CA SER D 260 33.86 -24.18 3.93
C SER D 260 34.33 -25.41 3.21
N LEU D 261 35.23 -26.18 3.81
CA LEU D 261 35.70 -27.43 3.22
C LEU D 261 34.78 -28.59 3.51
N ALA D 262 34.77 -29.56 2.62
CA ALA D 262 33.92 -30.72 2.80
C ALA D 262 34.28 -31.46 4.08
N GLU D 263 33.25 -31.93 4.79
CA GLU D 263 33.44 -32.70 6.02
C GLU D 263 34.03 -34.08 5.76
N GLY D 264 33.61 -34.66 4.64
CA GLY D 264 34.03 -35.98 4.23
C GLY D 264 35.10 -35.84 3.18
N GLU D 265 35.17 -36.80 2.29
CA GLU D 265 36.15 -36.83 1.23
C GLU D 265 35.70 -35.88 0.13
N ILE D 266 36.47 -35.75 -0.93
CA ILE D 266 36.08 -34.78 -1.96
C ILE D 266 34.77 -35.17 -2.59
N ILE D 267 33.85 -34.21 -2.68
CA ILE D 267 32.54 -34.50 -3.23
C ILE D 267 32.32 -33.85 -4.57
N ILE D 268 31.90 -34.66 -5.52
CA ILE D 268 31.60 -34.16 -6.84
C ILE D 268 30.11 -33.94 -6.89
N ARG D 269 29.66 -32.71 -7.13
CA ARG D 269 28.23 -32.45 -7.14
C ARG D 269 27.75 -31.92 -8.47
N SER D 270 26.71 -32.53 -8.99
CA SER D 270 26.17 -32.09 -10.28
C SER D 270 24.68 -32.33 -10.33
N GLU D 271 23.99 -31.56 -11.16
CA GLU D 271 22.55 -31.78 -11.35
C GLU D 271 22.35 -33.09 -12.09
N ASN D 272 23.23 -33.33 -13.04
CA ASN D 272 23.24 -34.51 -13.86
C ASN D 272 24.68 -34.75 -14.27
N ILE D 273 25.31 -35.80 -13.73
CA ILE D 273 26.73 -36.00 -14.02
C ILE D 273 26.98 -36.40 -15.46
N THR D 274 26.04 -37.16 -16.03
CA THR D 274 26.05 -37.66 -17.39
C THR D 274 25.94 -36.55 -18.42
N ASP D 275 25.12 -35.55 -18.14
CA ASP D 275 24.84 -34.44 -19.03
C ASP D 275 25.96 -33.38 -19.11
N ASN D 276 26.50 -33.16 -20.30
CA ASN D 276 27.61 -32.21 -20.50
C ASN D 276 27.14 -30.76 -20.41
N GLY D 277 25.83 -30.56 -20.34
CA GLY D 277 25.26 -29.23 -20.26
C GLY D 277 25.18 -28.73 -18.82
N LYS D 278 25.59 -29.54 -17.85
CA LYS D 278 25.50 -29.12 -16.45
C LYS D 278 26.85 -28.82 -15.83
N THR D 279 26.81 -27.91 -14.85
CA THR D 279 27.98 -27.56 -14.06
C THR D 279 28.33 -28.65 -13.08
N ILE D 280 29.62 -28.94 -12.94
CA ILE D 280 30.09 -29.88 -11.93
C ILE D 280 30.83 -29.10 -10.86
N LEU D 281 30.39 -29.17 -9.64
CA LEU D 281 31.08 -28.45 -8.60
C LEU D 281 31.94 -29.45 -7.88
N VAL D 282 33.17 -29.09 -7.60
CA VAL D 282 34.02 -29.98 -6.86
C VAL D 282 34.30 -29.36 -5.53
N HIS D 283 33.88 -30.03 -4.49
CA HIS D 283 34.04 -29.48 -3.16
C HIS D 283 35.17 -30.21 -2.47
N LEU D 284 36.26 -29.49 -2.23
CA LEU D 284 37.45 -30.09 -1.70
C LEU D 284 37.32 -30.25 -0.19
N ASN D 285 37.99 -31.27 0.40
CA ASN D 285 38.07 -31.51 1.85
C ASN D 285 39.33 -30.90 2.50
N GLU D 286 40.27 -30.36 1.67
CA GLU D 286 41.54 -29.73 2.04
C GLU D 286 41.65 -28.51 1.15
N SER D 287 42.13 -27.41 1.70
CA SER D 287 42.29 -26.21 0.91
C SER D 287 43.63 -26.12 0.21
N VAL D 288 43.68 -25.27 -0.80
CA VAL D 288 44.94 -24.98 -1.47
C VAL D 288 45.23 -23.49 -1.35
N LYS D 289 46.40 -23.16 -0.84
CA LYS D 289 46.74 -21.75 -0.65
C LYS D 289 47.11 -21.09 -1.96
N ILE D 290 46.51 -19.93 -2.23
CA ILE D 290 46.84 -19.15 -3.41
C ILE D 290 47.24 -17.73 -3.03
N GLU D 291 48.48 -17.35 -3.35
CA GLU D 291 48.96 -16.01 -2.98
C GLU D 291 49.07 -15.07 -4.19
N CYS D 292 48.20 -14.03 -4.24
CA CYS D 292 48.09 -13.10 -5.37
C CYS D 292 48.63 -11.74 -5.03
N THR D 293 49.51 -11.26 -5.90
CA THR D 293 50.13 -9.99 -5.61
C THR D 293 50.35 -9.13 -6.82
N ARG D 294 50.41 -7.84 -6.54
CA ARG D 294 50.71 -6.81 -7.51
C ARG D 294 51.84 -5.95 -6.96
N PRO D 295 53.11 -6.30 -7.23
CA PRO D 295 54.31 -5.70 -6.67
C PRO D 295 54.66 -4.40 -7.36
N ASN D 296 53.72 -3.48 -7.32
CA ASN D 296 53.84 -2.21 -7.97
C ASN D 296 53.30 -1.17 -7.04
N ASN D 297 53.91 0.01 -7.02
CA ASN D 297 53.49 1.15 -6.21
C ASN D 297 52.74 2.15 -7.11
N LYS D 298 51.39 2.13 -7.01
CA LYS D 298 50.51 2.96 -7.82
C LYS D 298 50.21 4.25 -7.08
N THR D 299 50.15 5.36 -7.81
CA THR D 299 49.74 6.63 -7.22
C THR D 299 48.66 7.24 -8.07
N ARG D 300 47.74 7.96 -7.43
CA ARG D 300 46.63 8.54 -8.17
C ARG D 300 46.58 10.04 -8.08
N THR D 301 45.88 10.62 -9.03
CA THR D 301 45.63 12.04 -9.08
C THR D 301 44.18 12.34 -8.84
N SER D 302 43.82 13.59 -8.91
CA SER D 302 42.43 13.96 -8.71
C SER D 302 41.97 15.03 -9.68
N ILE D 303 41.05 14.64 -10.53
CA ILE D 303 40.50 15.50 -11.54
C ILE D 303 39.07 15.80 -11.16
N ARG D 304 38.80 17.06 -10.84
CA ARG D 304 37.45 17.39 -10.44
C ARG D 304 36.63 17.46 -11.70
N ILE D 305 35.46 16.84 -11.68
CA ILE D 305 34.58 16.81 -12.85
C ILE D 305 33.21 17.36 -12.55
N GLY D 306 33.10 18.08 -11.46
CA GLY D 306 31.84 18.65 -11.06
C GLY D 306 31.93 19.25 -9.67
N PRO D 307 30.84 19.85 -9.20
CA PRO D 307 30.73 20.53 -7.93
C PRO D 307 30.70 19.51 -6.81
N GLY D 308 31.90 19.12 -6.39
CA GLY D 308 32.08 18.11 -5.36
C GLY D 308 32.40 16.72 -5.89
N GLN D 309 32.73 16.60 -7.17
CA GLN D 309 33.04 15.28 -7.73
C GLN D 309 34.40 15.20 -8.38
N ALA D 310 35.02 14.03 -8.31
CA ALA D 310 36.31 13.83 -8.95
C ALA D 310 36.46 12.41 -9.43
N PHE D 311 37.22 12.25 -10.50
CA PHE D 311 37.53 10.98 -11.11
C PHE D 311 38.53 10.05 -10.41
N TYR D 312 39.62 10.56 -9.86
CA TYR D 312 40.64 9.69 -9.24
C TYR D 312 41.32 8.75 -10.23
N ALA D 313 41.81 9.35 -11.30
CA ALA D 313 42.55 8.69 -12.34
C ALA D 313 43.86 8.16 -11.84
N THR D 314 44.33 7.08 -12.43
CA THR D 314 45.64 6.57 -12.09
C THR D 314 46.65 7.61 -12.57
N GLY D 315 47.61 7.93 -11.72
CA GLY D 315 48.65 8.89 -12.03
C GLY D 315 49.86 8.23 -12.67
N GLN D 316 50.61 7.55 -11.82
CA GLN D 316 51.87 6.92 -12.22
C GLN D 316 52.06 5.55 -11.57
N VAL D 317 52.82 4.69 -12.24
CA VAL D 317 53.19 3.42 -11.64
C VAL D 317 54.69 3.26 -11.58
N ILE D 318 55.19 2.80 -10.43
CA ILE D 318 56.60 2.49 -10.29
C ILE D 318 56.70 1.08 -9.71
N GLY D 319 57.83 0.40 -9.86
CA GLY D 319 57.92 -0.93 -9.27
C GLY D 319 58.38 -2.00 -10.23
N ASP D 320 58.05 -3.25 -9.91
CA ASP D 320 58.42 -4.41 -10.70
C ASP D 320 57.33 -4.56 -11.74
N ILE D 321 57.60 -4.23 -12.98
CA ILE D 321 56.49 -4.18 -13.91
C ILE D 321 56.10 -5.54 -14.44
N ARG D 322 55.29 -6.22 -13.62
CA ARG D 322 54.73 -7.52 -13.90
C ARG D 322 53.22 -7.47 -14.12
N GLU D 323 52.59 -6.42 -13.56
CA GLU D 323 51.14 -6.18 -13.54
C GLU D 323 50.29 -7.28 -12.93
N ALA D 324 50.87 -7.92 -11.91
CA ALA D 324 50.28 -8.96 -11.06
C ALA D 324 50.38 -10.40 -11.56
N TYR D 325 50.52 -11.28 -10.58
CA TYR D 325 50.60 -12.71 -10.76
C TYR D 325 50.18 -13.40 -9.46
N CYS D 326 49.86 -14.72 -9.51
CA CYS D 326 49.54 -15.54 -8.33
C CYS D 326 50.45 -16.79 -8.22
N ASN D 327 50.87 -17.06 -6.99
CA ASN D 327 51.72 -18.19 -6.59
C ASN D 327 50.90 -19.32 -5.97
N ILE D 328 50.86 -20.51 -6.62
CA ILE D 328 50.15 -21.72 -6.12
C ILE D 328 51.18 -22.85 -6.03
N SER D 329 51.24 -23.56 -4.90
CA SER D 329 52.26 -24.61 -4.74
C SER D 329 52.08 -25.73 -5.75
N GLU D 330 53.20 -26.20 -6.32
CA GLU D 330 53.11 -27.21 -7.36
C GLU D 330 52.72 -28.58 -6.88
N SER D 331 53.30 -29.03 -5.77
CA SER D 331 52.97 -30.37 -5.33
C SER D 331 51.60 -30.41 -4.73
N THR D 332 51.17 -29.30 -4.15
CA THR D 332 49.87 -29.26 -3.53
C THR D 332 48.84 -29.38 -4.59
N TRP D 333 49.02 -28.63 -5.66
CA TRP D 333 48.07 -28.67 -6.73
C TRP D 333 48.04 -30.05 -7.36
N ASN D 334 49.19 -30.65 -7.64
CA ASN D 334 49.13 -31.94 -8.29
C ASN D 334 48.48 -33.00 -7.43
N GLU D 335 48.73 -32.98 -6.12
CA GLU D 335 48.08 -33.99 -5.30
C GLU D 335 46.59 -33.72 -5.22
N THR D 336 46.22 -32.45 -5.14
CA THR D 336 44.83 -32.11 -5.01
C THR D 336 44.09 -32.54 -6.25
N LEU D 337 44.67 -32.27 -7.41
CA LEU D 337 43.99 -32.61 -8.62
C LEU D 337 43.93 -34.12 -8.76
N GLY D 338 44.99 -34.84 -8.38
CA GLY D 338 44.94 -36.29 -8.51
C GLY D 338 43.81 -36.87 -7.67
N LYS D 339 43.59 -36.32 -6.46
CA LYS D 339 42.50 -36.77 -5.61
C LYS D 339 41.15 -36.49 -6.26
N VAL D 340 41.02 -35.34 -6.92
CA VAL D 340 39.77 -35.02 -7.60
C VAL D 340 39.54 -36.03 -8.70
N VAL D 341 40.59 -36.36 -9.44
CA VAL D 341 40.46 -37.34 -10.51
C VAL D 341 40.03 -38.67 -9.95
N LYS D 342 40.62 -39.10 -8.85
CA LYS D 342 40.21 -40.37 -8.28
C LYS D 342 38.71 -40.40 -8.07
N GLN D 343 38.13 -39.30 -7.59
CA GLN D 343 36.70 -39.25 -7.40
C GLN D 343 35.95 -39.17 -8.73
N LEU D 344 36.50 -38.47 -9.72
CA LEU D 344 35.82 -38.40 -11.01
C LEU D 344 35.74 -39.79 -11.62
N ARG D 345 36.74 -40.63 -11.38
CA ARG D 345 36.79 -41.99 -11.90
C ARG D 345 35.66 -42.87 -11.38
N LYS D 346 34.92 -42.42 -10.37
CA LYS D 346 33.80 -43.20 -9.87
C LYS D 346 32.59 -42.97 -10.74
N HIS D 347 32.65 -41.95 -11.59
CA HIS D 347 31.58 -41.62 -12.49
C HIS D 347 32.06 -41.92 -13.90
N PHE D 348 33.38 -41.90 -14.05
CA PHE D 348 34.02 -42.14 -15.31
C PHE D 348 35.07 -43.26 -15.18
N PRO D 349 34.62 -44.52 -15.00
CA PRO D 349 35.38 -45.70 -14.66
C PRO D 349 36.36 -46.18 -15.71
N HIS D 350 36.30 -45.63 -16.91
CA HIS D 350 37.21 -46.05 -17.95
C HIS D 350 38.61 -45.45 -17.78
N LYS D 351 38.78 -44.59 -16.78
CA LYS D 351 40.09 -44.02 -16.43
C LYS D 351 40.78 -43.26 -17.56
N ASN D 352 40.03 -42.43 -18.26
CA ASN D 352 40.66 -41.65 -19.32
C ASN D 352 40.12 -40.23 -19.19
N ILE D 353 40.88 -39.44 -18.43
CA ILE D 353 40.58 -38.06 -18.02
C ILE D 353 41.66 -37.05 -18.35
N THR D 354 41.25 -35.90 -18.90
CA THR D 354 42.20 -34.82 -19.13
C THR D 354 41.61 -33.48 -18.76
N PHE D 355 42.50 -32.58 -18.38
CA PHE D 355 42.13 -31.22 -18.05
C PHE D 355 42.71 -30.26 -19.03
N GLN D 356 41.84 -29.42 -19.55
CA GLN D 356 42.21 -28.44 -20.54
C GLN D 356 41.79 -27.04 -20.05
N PRO D 357 42.41 -25.96 -20.52
CA PRO D 357 42.06 -24.57 -20.23
C PRO D 357 40.66 -24.21 -20.70
N SER D 358 40.10 -23.16 -20.11
CA SER D 358 38.78 -22.69 -20.52
C SER D 358 38.80 -22.44 -22.02
N SER D 359 37.75 -22.88 -22.70
CA SER D 359 37.67 -22.82 -24.16
C SER D 359 37.46 -21.49 -24.85
N GLY D 360 36.94 -20.46 -24.20
CA GLY D 360 36.73 -19.24 -24.95
C GLY D 360 35.77 -18.26 -24.30
N GLY D 361 35.43 -17.20 -25.03
CA GLY D 361 34.58 -16.16 -24.51
C GLY D 361 35.46 -15.06 -23.93
N ASP D 362 34.87 -14.14 -23.15
CA ASP D 362 35.64 -13.03 -22.65
C ASP D 362 36.34 -13.38 -21.33
N LEU D 363 37.01 -12.42 -20.72
CA LEU D 363 37.81 -12.74 -19.55
C LEU D 363 37.00 -13.26 -18.38
N GLU D 364 35.73 -12.91 -18.29
CA GLU D 364 34.92 -13.37 -17.18
C GLU D 364 34.77 -14.90 -17.21
N VAL D 365 34.94 -15.52 -18.37
CA VAL D 365 34.83 -16.97 -18.47
C VAL D 365 36.12 -17.66 -18.89
N THR D 366 37.11 -16.92 -19.37
CA THR D 366 38.37 -17.55 -19.73
C THR D 366 39.38 -17.49 -18.60
N THR D 367 39.19 -16.57 -17.65
CA THR D 367 40.14 -16.42 -16.56
C THR D 367 39.53 -16.58 -15.19
N HIS D 368 40.42 -16.62 -14.21
CA HIS D 368 40.01 -16.65 -12.83
C HIS D 368 39.91 -15.24 -12.36
N SER D 369 38.72 -14.80 -11.99
CA SER D 369 38.64 -13.42 -11.57
C SER D 369 38.32 -13.31 -10.11
N PHE D 370 38.83 -12.25 -9.51
CA PHE D 370 38.52 -11.95 -8.13
C PHE D 370 38.81 -10.51 -7.78
N ASN D 371 38.21 -10.05 -6.69
CA ASN D 371 38.47 -8.70 -6.20
C ASN D 371 39.43 -8.74 -5.01
N CYS D 372 40.67 -8.26 -5.20
CA CYS D 372 41.76 -8.24 -4.24
C CYS D 372 41.89 -6.83 -3.69
N GLY D 373 41.45 -6.62 -2.47
CA GLY D 373 41.42 -5.26 -2.00
C GLY D 373 40.46 -4.54 -2.93
N GLY D 374 40.91 -3.47 -3.55
CA GLY D 374 40.08 -2.70 -4.48
C GLY D 374 40.36 -2.98 -5.96
N GLU D 375 41.17 -3.99 -6.28
CA GLU D 375 41.51 -4.25 -7.68
C GLU D 375 40.93 -5.54 -8.22
N PHE D 376 40.56 -5.50 -9.48
CA PHE D 376 40.00 -6.66 -10.13
C PHE D 376 40.99 -7.37 -11.00
N PHE D 377 41.33 -8.58 -10.57
CA PHE D 377 42.30 -9.43 -11.21
C PHE D 377 41.67 -10.44 -12.10
N TYR D 378 42.32 -10.72 -13.22
CA TYR D 378 41.96 -11.78 -14.15
C TYR D 378 43.21 -12.65 -14.39
N CYS D 379 43.23 -13.94 -13.96
CA CYS D 379 44.41 -14.82 -14.04
C CYS D 379 44.21 -15.93 -15.08
N ASN D 380 45.29 -16.28 -15.79
CA ASN D 380 45.16 -17.24 -16.90
C ASN D 380 44.69 -18.65 -16.50
N THR D 381 45.19 -19.24 -15.37
CA THR D 381 44.86 -20.62 -14.84
C THR D 381 45.27 -21.81 -15.73
N SER D 382 45.75 -21.55 -16.95
CA SER D 382 46.12 -22.58 -17.92
C SER D 382 47.28 -23.40 -17.46
N GLY D 383 47.99 -22.88 -16.48
CA GLY D 383 49.13 -23.57 -15.91
C GLY D 383 48.66 -24.65 -14.94
N LEU D 384 47.36 -24.66 -14.63
CA LEU D 384 46.83 -25.64 -13.72
C LEU D 384 46.02 -26.67 -14.45
N PHE D 385 45.15 -26.21 -15.33
CA PHE D 385 44.27 -27.12 -16.04
C PHE D 385 44.84 -27.60 -17.35
N ASN D 386 45.96 -28.29 -17.26
CA ASN D 386 46.62 -28.85 -18.43
C ASN D 386 47.33 -30.14 -18.10
N SER D 387 46.59 -31.25 -18.12
CA SER D 387 47.18 -32.55 -17.77
C SER D 387 46.37 -33.74 -18.24
N THR D 388 46.99 -34.92 -18.25
CA THR D 388 46.27 -36.14 -18.56
C THR D 388 46.48 -37.13 -17.42
N TRP D 389 45.47 -38.00 -17.18
CA TRP D 389 45.47 -39.01 -16.11
C TRP D 389 45.04 -40.37 -16.64
N ASP D 405 58.78 -25.59 -4.69
CA ASP D 405 58.38 -25.58 -6.10
C ASP D 405 56.93 -25.06 -6.21
N SER D 406 56.70 -24.10 -7.14
CA SER D 406 55.40 -23.45 -7.36
C SER D 406 55.16 -23.11 -8.80
N ILE D 407 53.91 -22.83 -9.07
CA ILE D 407 53.41 -22.43 -10.37
C ILE D 407 52.99 -20.97 -10.30
N THR D 408 53.46 -20.19 -11.26
CA THR D 408 53.05 -18.80 -11.30
C THR D 408 52.02 -18.61 -12.37
N LEU D 409 50.94 -17.98 -11.98
CA LEU D 409 49.85 -17.67 -12.85
C LEU D 409 49.91 -16.19 -13.21
N PRO D 410 50.16 -15.78 -14.45
CA PRO D 410 50.15 -14.40 -14.87
C PRO D 410 48.74 -13.89 -14.68
N CYS D 411 48.55 -12.59 -14.32
CA CYS D 411 47.24 -11.96 -14.16
C CYS D 411 47.23 -10.58 -14.79
N ARG D 412 46.03 -10.07 -15.05
CA ARG D 412 45.86 -8.71 -15.54
C ARG D 412 44.84 -7.95 -14.71
N ILE D 413 44.96 -6.64 -14.71
CA ILE D 413 44.06 -5.79 -13.94
C ILE D 413 43.14 -4.91 -14.78
N LYS D 414 41.86 -4.86 -14.42
CA LYS D 414 40.91 -3.98 -15.11
C LYS D 414 40.29 -2.95 -14.17
N GLN D 415 39.84 -1.83 -14.71
CA GLN D 415 39.13 -0.83 -13.92
C GLN D 415 37.66 -0.71 -14.30
N ILE D 416 37.33 -1.03 -15.55
CA ILE D 416 35.93 -0.99 -16.00
C ILE D 416 35.35 -2.36 -15.76
N ILE D 417 34.44 -2.46 -14.80
CA ILE D 417 33.93 -3.75 -14.44
C ILE D 417 32.47 -3.95 -14.80
N ASN D 418 32.21 -4.95 -15.64
CA ASN D 418 30.82 -5.28 -16.00
C ASN D 418 30.33 -6.24 -14.96
N MET D 419 30.10 -5.71 -13.80
CA MET D 419 29.85 -6.54 -12.66
C MET D 419 28.53 -7.23 -12.92
N TRP D 420 28.49 -8.50 -12.55
CA TRP D 420 27.32 -9.37 -12.63
C TRP D 420 26.77 -9.51 -14.03
N GLN D 421 27.53 -9.09 -15.04
CA GLN D 421 27.11 -9.12 -16.42
C GLN D 421 25.81 -8.37 -16.64
N GLU D 422 25.64 -7.23 -15.95
CA GLU D 422 24.44 -6.40 -16.13
C GLU D 422 24.37 -5.74 -17.49
N VAL D 423 25.52 -5.40 -18.11
CA VAL D 423 25.63 -4.76 -19.44
C VAL D 423 25.17 -3.30 -19.45
N GLY D 424 23.97 -3.04 -18.95
CA GLY D 424 23.39 -1.71 -18.90
C GLY D 424 23.96 -0.89 -17.74
N ARG D 425 24.84 -1.52 -16.98
CA ARG D 425 25.52 -0.94 -15.84
C ARG D 425 26.98 -1.32 -15.86
N ALA D 426 27.79 -0.47 -15.28
CA ALA D 426 29.20 -0.75 -15.11
C ALA D 426 29.69 0.04 -13.93
N MET D 427 30.75 -0.45 -13.31
CA MET D 427 31.38 0.25 -12.21
C MET D 427 32.82 0.57 -12.53
N TYR D 428 33.27 1.75 -12.13
CA TYR D 428 34.69 2.06 -12.30
C TYR D 428 35.38 1.82 -10.98
N ALA D 429 36.43 1.05 -11.01
CA ALA D 429 37.18 0.79 -9.80
C ALA D 429 38.35 1.76 -9.70
N PRO D 430 38.40 2.69 -8.73
CA PRO D 430 39.47 3.61 -8.55
C PRO D 430 40.68 2.78 -8.29
N PRO D 431 41.87 3.24 -8.62
CA PRO D 431 43.12 2.57 -8.38
C PRO D 431 43.40 2.57 -6.91
N ILE D 432 44.04 1.53 -6.41
CA ILE D 432 44.43 1.59 -5.02
C ILE D 432 45.90 1.91 -4.99
N GLN D 433 46.27 2.87 -4.16
CA GLN D 433 47.64 3.31 -4.11
C GLN D 433 48.53 2.35 -3.37
N GLY D 434 49.80 2.35 -3.74
CA GLY D 434 50.78 1.49 -3.11
C GLY D 434 50.74 0.12 -3.75
N ASN D 435 51.27 -0.91 -3.04
CA ASN D 435 51.43 -2.30 -3.47
C ASN D 435 50.46 -3.20 -2.67
N ILE D 436 49.94 -4.28 -3.31
CA ILE D 436 48.96 -5.21 -2.67
C ILE D 436 49.22 -6.70 -2.81
N THR D 437 49.01 -7.42 -1.70
CA THR D 437 49.03 -8.88 -1.69
C THR D 437 47.79 -9.41 -0.94
N CYS D 438 47.09 -10.42 -1.52
CA CYS D 438 45.95 -11.13 -0.96
C CYS D 438 46.29 -12.61 -0.90
N VAL D 439 45.90 -13.25 0.19
CA VAL D 439 46.07 -14.68 0.28
C VAL D 439 44.73 -15.30 0.46
N SER D 440 44.37 -16.18 -0.44
CA SER D 440 43.06 -16.79 -0.37
C SER D 440 43.17 -18.30 -0.30
N ASN D 441 42.09 -18.96 0.15
CA ASN D 441 41.96 -20.41 0.26
C ASN D 441 41.09 -20.95 -0.88
N ILE D 442 41.63 -21.84 -1.75
CA ILE D 442 40.85 -22.48 -2.82
C ILE D 442 40.13 -23.61 -2.15
N THR D 443 38.81 -23.54 -2.16
CA THR D 443 38.01 -24.53 -1.47
C THR D 443 37.22 -25.39 -2.42
N GLY D 444 37.14 -24.95 -3.67
CA GLY D 444 36.44 -25.75 -4.65
C GLY D 444 36.72 -25.30 -6.05
N LEU D 445 36.38 -26.16 -6.98
CA LEU D 445 36.61 -25.91 -8.39
C LEU D 445 35.31 -25.91 -9.14
N ILE D 446 35.20 -25.15 -10.21
CA ILE D 446 34.04 -25.34 -11.05
C ILE D 446 34.48 -25.87 -12.39
N LEU D 447 33.98 -27.05 -12.72
CA LEU D 447 34.34 -27.70 -13.96
C LEU D 447 33.17 -27.93 -14.89
N THR D 448 33.45 -27.90 -16.17
CA THR D 448 32.49 -28.28 -17.18
C THR D 448 33.08 -29.45 -17.94
N ARG D 449 32.31 -30.52 -18.06
CA ARG D 449 32.79 -31.68 -18.80
C ARG D 449 32.29 -31.58 -20.25
N ASP D 450 33.13 -32.00 -21.22
CA ASP D 450 32.79 -32.11 -22.65
C ASP D 450 33.84 -32.97 -23.35
N ASN D 455 36.93 -40.77 -26.51
CA ASN D 455 37.00 -41.69 -25.37
C ASN D 455 37.31 -40.95 -24.04
N THR D 456 38.37 -40.10 -24.06
CA THR D 456 38.86 -39.30 -22.93
C THR D 456 37.87 -38.23 -22.55
N GLU D 457 37.57 -38.10 -21.27
CA GLU D 457 36.67 -37.07 -20.82
C GLU D 457 37.46 -35.80 -20.68
N THR D 458 36.95 -34.70 -21.19
CA THR D 458 37.68 -33.45 -21.06
C THR D 458 37.00 -32.53 -20.10
N PHE D 459 37.76 -32.10 -19.11
CA PHE D 459 37.23 -31.18 -18.14
C PHE D 459 37.90 -29.86 -18.31
N ARG D 460 37.12 -28.81 -18.35
CA ARG D 460 37.69 -27.49 -18.47
C ARG D 460 37.14 -26.69 -17.32
N PRO D 461 37.89 -25.75 -16.79
CA PRO D 461 37.45 -24.87 -15.77
C PRO D 461 36.51 -23.92 -16.43
N GLY D 462 35.63 -23.34 -15.66
CA GLY D 462 34.76 -22.28 -16.14
C GLY D 462 33.65 -22.12 -15.16
N GLY D 463 33.30 -20.89 -14.85
CA GLY D 463 32.27 -20.67 -13.85
C GLY D 463 30.89 -20.66 -14.42
N GLY D 464 29.94 -20.29 -13.58
CA GLY D 464 28.52 -20.23 -13.90
C GLY D 464 28.07 -18.78 -13.98
N ASP D 465 26.86 -18.52 -13.52
CA ASP D 465 26.21 -17.22 -13.55
C ASP D 465 26.16 -16.61 -12.17
N MET D 466 27.08 -17.03 -11.33
CA MET D 466 27.25 -16.67 -9.91
C MET D 466 26.43 -17.50 -8.98
N ARG D 467 25.31 -18.05 -9.41
CA ARG D 467 24.48 -18.80 -8.50
C ARG D 467 25.25 -20.03 -8.04
N ASP D 468 26.05 -20.58 -8.93
CA ASP D 468 26.86 -21.75 -8.67
C ASP D 468 27.88 -21.51 -7.56
N ASN D 469 28.22 -20.25 -7.29
CA ASN D 469 29.22 -19.99 -6.28
C ASN D 469 28.62 -19.98 -4.90
N TRP D 470 27.30 -19.95 -4.83
CA TRP D 470 26.65 -19.88 -3.54
C TRP D 470 25.95 -21.19 -3.26
N ARG D 471 25.69 -21.97 -4.31
CA ARG D 471 25.11 -23.29 -4.13
C ARG D 471 26.03 -24.13 -3.28
N SER D 472 27.32 -23.92 -3.44
CA SER D 472 28.33 -24.68 -2.71
C SER D 472 28.27 -24.48 -1.20
N GLU D 473 27.62 -23.41 -0.74
CA GLU D 473 27.48 -23.17 0.69
C GLU D 473 26.03 -23.44 1.14
N LEU D 474 25.06 -23.15 0.27
CA LEU D 474 23.67 -23.29 0.63
C LEU D 474 23.06 -24.67 0.33
N TYR D 475 23.84 -25.57 -0.23
CA TYR D 475 23.35 -26.91 -0.59
C TYR D 475 22.75 -27.71 0.54
N LYS D 476 23.14 -27.45 1.77
CA LYS D 476 22.63 -28.24 2.85
C LYS D 476 21.43 -27.60 3.51
N TYR D 477 20.96 -26.45 3.03
CA TYR D 477 19.85 -25.82 3.71
C TYR D 477 18.56 -25.80 2.88
N LYS D 478 17.44 -26.02 3.55
CA LYS D 478 16.13 -25.95 2.91
C LYS D 478 15.14 -25.15 3.73
N VAL D 479 14.26 -24.39 3.09
CA VAL D 479 13.28 -23.63 3.85
C VAL D 479 11.91 -24.26 3.83
N VAL D 480 11.32 -24.45 5.02
CA VAL D 480 10.00 -25.03 5.08
C VAL D 480 9.06 -24.18 5.93
N LYS D 481 7.78 -24.25 5.61
CA LYS D 481 6.72 -23.58 6.33
C LYS D 481 6.14 -24.49 7.38
N ILE D 482 5.97 -23.96 8.57
CA ILE D 482 5.40 -24.72 9.66
C ILE D 482 3.88 -24.74 9.54
N GLU D 483 3.27 -25.92 9.66
CA GLU D 483 1.81 -26.06 9.55
C GLU D 483 1.20 -26.74 10.78
N PRO D 484 0.90 -26.00 11.86
CA PRO D 484 0.44 -26.48 13.16
C PRO D 484 -0.91 -27.21 13.20
N LEU D 485 -1.78 -27.05 12.21
CA LEU D 485 -3.07 -27.74 12.31
C LEU D 485 -3.16 -29.05 11.59
N GLY D 486 -3.95 -29.94 12.18
CA GLY D 486 -4.25 -31.21 11.55
C GLY D 486 -5.30 -31.95 12.35
N VAL D 487 -5.75 -33.06 11.79
CA VAL D 487 -6.76 -33.88 12.40
C VAL D 487 -6.37 -35.34 12.40
N ALA D 488 -7.02 -36.13 13.25
CA ALA D 488 -6.84 -37.59 13.30
C ALA D 488 -8.11 -38.19 13.91
N PRO D 489 -8.45 -39.47 13.66
CA PRO D 489 -9.54 -40.14 14.29
C PRO D 489 -9.26 -40.44 15.75
N THR D 490 -10.29 -40.40 16.57
CA THR D 490 -10.29 -40.82 17.96
C THR D 490 -11.46 -41.67 18.35
N ALA D 491 -11.43 -42.15 19.56
CA ALA D 491 -12.57 -42.89 20.08
C ALA D 491 -13.72 -41.99 20.61
N CYS D 492 -13.39 -40.77 21.09
CA CYS D 492 -14.29 -39.79 21.71
C CYS D 492 -15.10 -38.94 20.76
N LYS D 493 -16.34 -38.71 21.20
CA LYS D 493 -17.28 -37.78 20.62
C LYS D 493 -17.33 -36.61 21.60
N ARG D 494 -17.57 -35.41 21.11
CA ARG D 494 -17.65 -34.22 21.95
C ARG D 494 -18.78 -34.28 22.96
N ARG D 495 -18.47 -33.89 24.20
CA ARG D 495 -19.48 -33.83 25.25
C ARG D 495 -20.37 -32.60 25.04
N VAL D 496 -21.72 -32.80 25.02
CA VAL D 496 -22.81 -31.84 24.81
C VAL D 496 -22.36 -30.40 24.43
N ALA E 14 -6.46 6.45 36.83
CA ALA E 14 -6.43 5.06 37.29
C ALA E 14 -5.06 4.70 37.91
N ALA E 15 -3.96 5.20 37.29
CA ALA E 15 -2.56 4.95 37.70
C ALA E 15 -2.26 5.62 39.02
N GLY E 16 -3.10 6.56 39.39
CA GLY E 16 -2.96 7.30 40.62
C GLY E 16 -3.73 6.68 41.78
N SER E 17 -4.38 5.56 41.53
CA SER E 17 -5.19 4.96 42.57
C SER E 17 -4.48 3.79 43.20
N THR E 18 -5.27 2.88 43.73
CA THR E 18 -4.72 1.74 44.42
C THR E 18 -5.13 0.44 43.76
N MET E 19 -4.32 -0.58 43.95
CA MET E 19 -4.65 -1.83 43.35
C MET E 19 -5.91 -2.29 43.99
N GLY E 20 -6.82 -2.77 43.19
CA GLY E 20 -8.11 -3.27 43.64
C GLY E 20 -9.20 -2.24 43.44
N ALA E 21 -8.81 -0.97 43.33
CA ALA E 21 -9.73 0.10 43.04
C ALA E 21 -9.56 0.41 41.58
N ALA E 22 -8.30 0.30 41.16
CA ALA E 22 -7.87 0.52 39.80
C ALA E 22 -8.27 -0.67 38.97
N SER E 23 -8.68 -1.72 39.64
CA SER E 23 -9.13 -2.94 39.01
C SER E 23 -10.50 -2.71 38.42
N MET E 24 -11.13 -1.59 38.77
CA MET E 24 -12.42 -1.32 38.25
C MET E 24 -12.32 -0.56 36.92
N THR E 25 -11.10 -0.27 36.48
CA THR E 25 -10.85 0.49 35.26
C THR E 25 -10.10 -0.36 34.24
N LEU E 26 -10.08 -1.67 34.40
CA LEU E 26 -9.30 -2.48 33.48
C LEU E 26 -9.76 -2.38 32.02
N THR E 27 -11.03 -2.07 31.77
CA THR E 27 -11.48 -1.99 30.40
C THR E 27 -11.03 -0.74 29.68
N VAL E 28 -10.80 0.36 30.39
CA VAL E 28 -10.50 1.58 29.67
C VAL E 28 -9.05 1.59 29.27
N GLN E 29 -8.29 0.72 29.92
CA GLN E 29 -6.88 0.57 29.69
C GLN E 29 -6.63 -0.49 28.63
N ALA E 30 -7.69 -1.15 28.15
CA ALA E 30 -7.54 -2.18 27.15
C ALA E 30 -8.03 -1.66 25.80
N ARG E 31 -9.06 -0.87 25.84
CA ARG E 31 -9.69 -0.43 24.61
C ARG E 31 -8.86 0.64 23.89
N ASN E 32 -7.83 1.17 24.54
CA ASN E 32 -6.99 2.20 23.97
C ASN E 32 -5.65 1.64 23.44
N LEU E 33 -5.62 0.32 23.27
CA LEU E 33 -4.42 -0.33 22.76
C LEU E 33 -4.46 -0.49 21.24
N LEU E 34 -5.66 -0.52 20.66
CA LEU E 34 -5.79 -0.68 19.22
C LEU E 34 -6.10 0.67 18.55
N SER E 35 -5.66 0.83 17.28
CA SER E 35 -5.86 1.98 16.39
C SER E 35 -7.29 2.55 16.44
N ASP E 57 4.85 10.25 -0.63
CA ASP E 57 5.73 10.24 0.53
C ASP E 57 5.81 8.80 1.09
N THR E 58 6.75 7.99 0.52
CA THR E 58 6.96 6.60 0.92
C THR E 58 7.73 6.50 2.20
N HIS E 59 8.47 7.54 2.55
CA HIS E 59 9.19 7.52 3.81
C HIS E 59 8.18 7.53 4.95
N TRP E 60 7.26 8.49 4.89
CA TRP E 60 6.24 8.61 5.91
C TRP E 60 5.35 7.39 5.89
N GLY E 61 4.93 6.95 4.68
CA GLY E 61 4.06 5.80 4.61
C GLY E 61 4.66 4.59 5.31
N ILE E 62 5.97 4.34 5.15
CA ILE E 62 6.57 3.23 5.87
C ILE E 62 6.56 3.49 7.36
N LYS E 63 6.91 4.69 7.82
CA LYS E 63 6.92 4.92 9.25
C LYS E 63 5.54 4.67 9.87
N GLN E 64 4.48 5.07 9.19
CA GLN E 64 3.17 4.87 9.75
C GLN E 64 2.73 3.41 9.68
N LEU E 65 3.09 2.71 8.61
CA LEU E 65 2.74 1.31 8.57
C LEU E 65 3.48 0.56 9.64
N GLN E 66 4.74 0.93 9.90
CA GLN E 66 5.47 0.24 10.93
C GLN E 66 4.81 0.47 12.27
N ALA E 67 4.35 1.70 12.53
CA ALA E 67 3.71 1.96 13.80
C ALA E 67 2.43 1.14 13.96
N ARG E 68 1.66 0.99 12.89
CA ARG E 68 0.43 0.22 13.00
C ARG E 68 0.71 -1.26 13.19
N VAL E 69 1.69 -1.77 12.46
CA VAL E 69 2.02 -3.18 12.56
C VAL E 69 2.55 -3.48 13.93
N LEU E 70 3.37 -2.61 14.47
CA LEU E 70 3.91 -2.86 15.78
C LEU E 70 2.80 -2.86 16.82
N ALA E 71 1.83 -1.93 16.73
CA ALA E 71 0.76 -1.95 17.71
C ALA E 71 0.01 -3.27 17.65
N VAL E 72 -0.19 -3.81 16.43
CA VAL E 72 -0.86 -5.08 16.29
C VAL E 72 -0.04 -6.19 16.88
N GLU E 73 1.27 -6.21 16.61
CA GLU E 73 2.10 -7.26 17.17
C GLU E 73 2.02 -7.26 18.68
N HIS E 74 2.05 -6.10 19.31
CA HIS E 74 2.03 -6.08 20.75
C HIS E 74 0.70 -6.55 21.28
N TYR E 75 -0.38 -6.15 20.64
CA TYR E 75 -1.68 -6.59 21.09
C TYR E 75 -1.76 -8.09 21.04
N LEU E 76 -1.38 -8.66 19.90
CA LEU E 76 -1.48 -10.09 19.74
C LEU E 76 -0.56 -10.81 20.68
N ARG E 77 0.63 -10.27 20.93
CA ARG E 77 1.52 -10.96 21.84
C ARG E 77 0.88 -11.09 23.21
N ASP E 78 0.24 -10.05 23.71
CA ASP E 78 -0.39 -10.18 25.01
C ASP E 78 -1.55 -11.14 24.97
N GLN E 79 -2.33 -11.12 23.90
CA GLN E 79 -3.47 -12.02 23.87
C GLN E 79 -3.04 -13.47 23.76
N GLN E 80 -2.00 -13.73 22.99
CA GLN E 80 -1.55 -15.09 22.85
C GLN E 80 -1.02 -15.58 24.15
N LEU E 81 -0.33 -14.72 24.89
CA LEU E 81 0.26 -15.11 26.13
C LEU E 81 -0.84 -15.44 27.15
N LEU E 82 -1.90 -14.64 27.19
CA LEU E 82 -3.00 -14.95 28.09
C LEU E 82 -3.62 -16.28 27.69
N GLY E 83 -3.68 -16.54 26.39
CA GLY E 83 -4.20 -17.80 25.89
C GLY E 83 -3.35 -18.98 26.38
N ILE E 84 -2.03 -18.84 26.27
CA ILE E 84 -1.10 -19.88 26.68
C ILE E 84 -1.19 -20.18 28.15
N TRP E 85 -1.32 -19.17 28.97
CA TRP E 85 -1.43 -19.35 30.40
C TRP E 85 -2.77 -19.92 30.83
N GLY E 86 -3.71 -20.07 29.91
CA GLY E 86 -5.03 -20.59 30.25
C GLY E 86 -6.07 -19.55 30.74
N CYS E 87 -5.81 -18.25 30.54
CA CYS E 87 -6.67 -17.15 30.94
C CYS E 87 -7.59 -16.78 29.77
N SER E 88 -6.98 -16.66 28.61
CA SER E 88 -7.66 -16.25 27.39
C SER E 88 -8.36 -14.91 27.51
N GLY E 89 -9.51 -14.76 26.86
CA GLY E 89 -10.24 -13.49 26.76
C GLY E 89 -10.97 -13.03 28.01
N LYS E 90 -10.23 -12.83 29.08
CA LYS E 90 -10.72 -12.38 30.38
C LYS E 90 -9.87 -11.22 30.88
N LEU E 91 -10.42 -10.39 31.76
CA LEU E 91 -9.65 -9.30 32.32
C LEU E 91 -8.97 -9.77 33.59
N ILE E 92 -9.67 -10.61 34.35
CA ILE E 92 -9.09 -11.14 35.59
C ILE E 92 -9.16 -12.67 35.60
N CYS E 93 -8.02 -13.38 35.83
CA CYS E 93 -7.99 -14.87 35.91
C CYS E 93 -7.26 -15.38 37.11
N THR E 94 -7.85 -16.35 37.78
CA THR E 94 -7.12 -16.98 38.85
C THR E 94 -6.39 -18.15 38.21
N THR E 95 -5.36 -18.64 38.87
CA THR E 95 -4.67 -19.83 38.38
C THR E 95 -4.25 -20.81 39.45
N ASN E 96 -3.41 -21.76 39.06
CA ASN E 96 -2.94 -22.82 39.93
C ASN E 96 -1.50 -22.67 40.40
N VAL E 97 -0.97 -21.46 40.32
CA VAL E 97 0.37 -21.15 40.76
C VAL E 97 0.29 -20.41 42.09
N PRO E 98 0.87 -20.94 43.19
CA PRO E 98 0.90 -20.34 44.51
C PRO E 98 1.75 -19.10 44.52
N TRP E 99 1.50 -18.23 45.47
CA TRP E 99 2.34 -17.06 45.68
C TRP E 99 3.26 -17.34 46.89
N ASN E 100 4.54 -16.84 46.93
CA ASN E 100 5.37 -16.96 48.15
C ASN E 100 6.31 -15.74 48.32
N SER E 101 7.01 -15.72 49.51
CA SER E 101 7.86 -14.64 50.07
C SER E 101 9.05 -14.30 49.21
N THR E 102 9.41 -15.24 48.40
CA THR E 102 10.50 -15.08 47.49
C THR E 102 10.20 -13.91 46.59
N TRP E 103 8.93 -13.82 46.16
CA TRP E 103 8.50 -12.80 45.25
C TRP E 103 8.14 -11.59 46.07
N SER E 104 7.29 -11.78 47.08
CA SER E 104 6.92 -10.67 47.97
C SER E 104 6.18 -11.14 49.24
N ASN E 105 6.76 -10.89 50.46
CA ASN E 105 6.17 -11.32 51.74
C ASN E 105 5.20 -10.25 52.28
N LYS E 106 4.05 -10.13 51.60
CA LYS E 106 3.00 -9.16 51.88
C LYS E 106 1.70 -9.86 52.11
N THR E 107 0.85 -9.24 52.91
CA THR E 107 -0.49 -9.76 53.11
C THR E 107 -1.36 -9.14 52.05
N LEU E 108 -2.54 -9.69 51.85
CA LEU E 108 -3.40 -9.08 50.85
C LEU E 108 -3.83 -7.70 51.28
N SER E 109 -3.96 -7.49 52.58
CA SER E 109 -4.35 -6.21 53.10
C SER E 109 -3.31 -5.11 52.90
N GLU E 110 -2.04 -5.48 52.68
CA GLU E 110 -1.05 -4.46 52.46
C GLU E 110 -0.97 -4.07 51.01
N ILE E 111 -1.08 -5.03 50.10
CA ILE E 111 -0.90 -4.65 48.72
C ILE E 111 -2.20 -4.15 48.12
N TRP E 112 -3.34 -4.73 48.49
CA TRP E 112 -4.57 -4.28 47.89
C TRP E 112 -5.08 -3.08 48.67
N ASP E 113 -5.41 -2.05 47.95
CA ASP E 113 -5.91 -0.77 48.45
C ASP E 113 -4.89 0.10 49.21
N ASN E 114 -3.65 -0.34 49.38
CA ASN E 114 -2.66 0.51 50.04
C ASN E 114 -1.44 0.72 49.17
N MET E 115 -1.52 0.29 47.93
CA MET E 115 -0.42 0.39 47.00
C MET E 115 -0.94 0.67 45.61
N THR E 116 -0.19 1.40 44.82
CA THR E 116 -0.51 1.70 43.42
C THR E 116 0.05 0.60 42.51
N TRP E 117 -0.60 0.29 41.39
CA TRP E 117 -0.05 -0.75 40.48
C TRP E 117 1.36 -0.47 40.03
N LEU E 118 1.72 0.80 39.88
CA LEU E 118 3.06 1.20 39.48
C LEU E 118 4.07 0.82 40.56
N GLN E 119 3.67 0.94 41.83
CA GLN E 119 4.57 0.65 42.93
C GLN E 119 4.75 -0.84 43.03
N TRP E 120 3.66 -1.55 42.79
CA TRP E 120 3.67 -3.00 42.83
C TRP E 120 4.58 -3.51 41.75
N ASP E 121 4.46 -2.94 40.55
CA ASP E 121 5.30 -3.38 39.46
C ASP E 121 6.77 -3.20 39.86
N LYS E 122 7.10 -2.11 40.54
CA LYS E 122 8.46 -1.97 40.99
C LYS E 122 8.82 -2.98 42.09
N GLU E 123 7.93 -3.22 43.06
CA GLU E 123 8.28 -4.13 44.15
C GLU E 123 8.53 -5.54 43.69
N ILE E 124 7.81 -5.98 42.67
CA ILE E 124 8.02 -7.31 42.17
C ILE E 124 8.69 -7.30 40.83
N SER E 125 9.48 -6.26 40.56
CA SER E 125 10.28 -6.23 39.36
C SER E 125 11.23 -7.38 39.50
N ASN E 126 11.57 -8.03 38.38
CA ASN E 126 12.35 -9.25 38.37
C ASN E 126 11.26 -10.25 38.67
N TYR E 127 11.51 -11.53 38.75
CA TYR E 127 10.46 -12.52 39.04
C TYR E 127 9.39 -12.71 37.98
N THR E 128 9.06 -11.68 37.25
CA THR E 128 7.97 -11.70 36.30
C THR E 128 8.14 -12.82 35.32
N GLN E 129 9.34 -13.01 34.83
CA GLN E 129 9.68 -14.05 33.89
C GLN E 129 9.62 -15.47 34.51
N ILE E 130 9.67 -15.55 35.84
CA ILE E 130 9.62 -16.82 36.53
C ILE E 130 8.18 -17.17 36.66
N ILE E 131 7.38 -16.19 37.06
CA ILE E 131 5.98 -16.40 37.26
C ILE E 131 5.38 -16.73 35.92
N TYR E 132 5.75 -16.00 34.88
CA TYR E 132 5.21 -16.30 33.58
C TYR E 132 5.57 -17.71 33.16
N GLY E 133 6.80 -18.15 33.43
CA GLY E 133 7.17 -19.51 33.11
C GLY E 133 6.32 -20.50 33.89
N LEU E 134 6.08 -20.22 35.18
CA LEU E 134 5.26 -21.11 35.99
C LEU E 134 3.84 -21.17 35.50
N LEU E 135 3.30 -20.04 35.04
CA LEU E 135 1.93 -20.02 34.58
C LEU E 135 1.80 -20.91 33.37
N GLU E 136 2.78 -20.86 32.47
CA GLU E 136 2.74 -21.72 31.32
C GLU E 136 2.85 -23.18 31.71
N GLU E 137 3.75 -23.50 32.63
CA GLU E 137 3.93 -24.90 33.02
C GLU E 137 2.68 -25.45 33.66
N SER E 138 2.03 -24.64 34.48
CA SER E 138 0.83 -25.06 35.17
C SER E 138 -0.25 -25.34 34.14
N GLN E 139 -0.40 -24.46 33.16
CA GLN E 139 -1.41 -24.72 32.16
C GLN E 139 -1.05 -25.91 31.31
N ASN E 140 0.23 -26.12 31.04
CA ASN E 140 0.56 -27.28 30.24
C ASN E 140 0.11 -28.52 30.98
N GLN E 141 0.28 -28.55 32.31
CA GLN E 141 -0.17 -29.70 33.06
C GLN E 141 -1.68 -29.81 33.05
N GLN E 142 -2.39 -28.68 33.14
CA GLN E 142 -3.84 -28.75 33.14
C GLN E 142 -4.38 -29.30 31.82
N GLU E 143 -3.74 -28.89 30.73
CA GLU E 143 -4.18 -29.33 29.42
C GLU E 143 -3.87 -30.81 29.33
N LYS E 144 -2.70 -31.20 29.84
CA LYS E 144 -2.31 -32.60 29.83
C LYS E 144 -3.28 -33.47 30.63
N ASN E 145 -3.74 -33.01 31.85
CA ASN E 145 -4.68 -33.77 32.69
C ASN E 145 -5.98 -34.09 31.94
N GLU E 146 -6.54 -33.11 31.18
CA GLU E 146 -7.77 -33.30 30.40
C GLU E 146 -7.52 -34.21 29.20
N THR E 147 -6.35 -34.04 28.59
CA THR E 147 -5.95 -34.81 27.44
C THR E 147 -5.79 -36.28 27.81
N ASP E 148 -5.16 -36.54 28.96
CA ASP E 148 -4.96 -37.90 29.45
C ASP E 148 -6.22 -38.54 30.02
N ASN E 149 -7.07 -37.76 30.68
CA ASN E 149 -8.23 -38.37 31.29
C ASN E 149 -9.18 -38.93 30.24
N LEU E 150 -9.24 -38.27 29.08
CA LEU E 150 -10.10 -38.74 27.96
C LEU E 150 -11.56 -38.77 28.41
N THR E 151 -11.96 -37.84 29.28
CA THR E 151 -13.39 -37.75 29.70
C THR E 151 -14.18 -37.07 28.58
N CYS E 152 -15.03 -37.83 27.88
CA CYS E 152 -15.77 -37.25 26.71
C CYS E 152 -17.20 -37.76 26.71
N ASP E 153 -18.06 -37.22 25.83
CA ASP E 153 -19.47 -37.65 25.74
C ASP E 153 -19.61 -39.08 26.24
N GLY F 16 6.08 -36.39 13.07
CA GLY F 16 6.94 -35.56 12.25
C GLY F 16 8.37 -35.62 12.77
N SER F 17 8.64 -34.91 13.90
CA SER F 17 9.94 -34.90 14.62
C SER F 17 10.10 -36.19 15.40
N THR F 18 8.98 -36.88 15.52
CA THR F 18 8.78 -38.14 16.20
C THR F 18 7.58 -38.89 15.59
N MET F 19 7.06 -39.85 16.33
CA MET F 19 5.89 -40.64 15.91
C MET F 19 4.64 -39.81 15.92
N GLY F 20 3.52 -40.38 15.45
CA GLY F 20 2.21 -39.72 15.35
C GLY F 20 1.51 -39.56 16.69
N ALA F 21 2.25 -39.80 17.75
CA ALA F 21 1.83 -39.67 19.11
C ALA F 21 1.57 -38.22 19.36
N ALA F 22 0.59 -37.90 20.17
CA ALA F 22 0.40 -36.50 20.45
C ALA F 22 1.60 -36.01 21.23
N SER F 23 2.05 -34.81 20.92
CA SER F 23 3.13 -34.19 21.67
C SER F 23 2.55 -33.46 22.81
N MET F 24 3.28 -33.38 23.90
CA MET F 24 2.77 -32.65 25.04
C MET F 24 3.24 -31.21 25.02
N THR F 25 4.09 -30.86 24.05
CA THR F 25 4.58 -29.49 23.93
C THR F 25 4.05 -28.92 22.66
N LEU F 26 3.08 -28.03 22.81
CA LEU F 26 2.39 -27.41 21.70
C LEU F 26 2.57 -25.90 21.70
N THR F 27 2.84 -25.36 22.89
CA THR F 27 2.90 -23.93 23.11
C THR F 27 4.14 -23.29 22.54
N VAL F 28 5.19 -24.07 22.33
CA VAL F 28 6.39 -23.51 21.79
C VAL F 28 6.14 -23.19 20.33
N GLN F 29 5.49 -24.11 19.63
CA GLN F 29 5.21 -23.91 18.23
C GLN F 29 4.29 -22.72 18.07
N ALA F 30 3.33 -22.59 18.98
CA ALA F 30 2.40 -21.50 18.89
C ALA F 30 3.00 -20.14 19.25
N ARG F 31 3.85 -20.07 20.28
CA ARG F 31 4.35 -18.76 20.69
C ARG F 31 5.34 -18.23 19.67
N ASN F 32 6.00 -19.13 18.98
CA ASN F 32 6.99 -18.73 18.01
C ASN F 32 6.39 -17.98 16.83
N LEU F 33 5.08 -18.14 16.60
CA LEU F 33 4.43 -17.53 15.44
C LEU F 33 4.42 -16.02 15.52
N LEU F 34 4.29 -15.44 16.70
CA LEU F 34 4.20 -13.98 16.77
C LEU F 34 5.55 -13.38 16.98
N SER F 35 6.40 -13.52 15.98
CA SER F 35 7.78 -13.02 16.08
C SER F 35 8.45 -13.47 17.40
N GLY F 36 8.39 -14.80 17.72
CA GLY F 36 8.91 -15.37 18.93
C GLY F 36 7.82 -15.29 20.00
N ASP F 57 16.94 1.98 0.86
CA ASP F 57 16.31 0.74 1.29
C ASP F 57 14.77 0.87 1.52
N THR F 58 14.06 1.65 0.65
CA THR F 58 12.58 1.83 0.68
C THR F 58 11.88 0.51 0.36
N HIS F 59 12.36 -0.18 -0.68
CA HIS F 59 11.78 -1.45 -1.06
C HIS F 59 12.09 -2.51 -0.03
N TRP F 60 13.21 -2.36 0.67
CA TRP F 60 13.57 -3.29 1.71
C TRP F 60 12.53 -3.16 2.81
N GLY F 61 12.21 -1.91 3.18
CA GLY F 61 11.22 -1.66 4.21
C GLY F 61 9.88 -2.26 3.81
N ILE F 62 9.52 -2.17 2.53
CA ILE F 62 8.26 -2.77 2.10
C ILE F 62 8.33 -4.27 2.26
N LYS F 63 9.42 -4.90 1.83
CA LYS F 63 9.50 -6.34 1.96
C LYS F 63 9.43 -6.77 3.43
N GLN F 64 10.05 -6.01 4.34
CA GLN F 64 9.99 -6.39 5.73
C GLN F 64 8.59 -6.23 6.28
N LEU F 65 7.86 -5.19 5.87
CA LEU F 65 6.49 -5.07 6.33
C LEU F 65 5.66 -6.18 5.76
N GLN F 66 5.91 -6.58 4.53
CA GLN F 66 5.10 -7.65 3.98
C GLN F 66 5.33 -8.92 4.76
N ALA F 67 6.58 -9.19 5.14
CA ALA F 67 6.84 -10.40 5.90
C ALA F 67 6.16 -10.39 7.25
N ARG F 68 6.14 -9.23 7.92
CA ARG F 68 5.52 -9.14 9.22
C ARG F 68 4.02 -9.23 9.13
N VAL F 69 3.44 -8.59 8.12
CA VAL F 69 2.01 -8.62 7.95
C VAL F 69 1.57 -10.02 7.65
N LEU F 70 2.28 -10.72 6.78
CA LEU F 70 1.88 -12.07 6.48
C LEU F 70 2.01 -12.96 7.69
N ALA F 71 3.04 -12.80 8.53
CA ALA F 71 3.09 -13.66 9.70
C ALA F 71 1.84 -13.47 10.54
N VAL F 72 1.38 -12.22 10.65
CA VAL F 72 0.17 -11.95 11.40
C VAL F 72 -1.03 -12.56 10.71
N GLU F 73 -1.13 -12.42 9.41
CA GLU F 73 -2.28 -12.99 8.73
C GLU F 73 -2.32 -14.50 8.89
N HIS F 74 -1.17 -15.17 8.83
CA HIS F 74 -1.20 -16.62 8.95
C HIS F 74 -1.63 -17.00 10.35
N TYR F 75 -1.15 -16.26 11.34
CA TYR F 75 -1.55 -16.54 12.71
C TYR F 75 -3.04 -16.42 12.85
N LEU F 76 -3.60 -15.32 12.35
CA LEU F 76 -5.01 -15.11 12.49
C LEU F 76 -5.82 -16.09 11.69
N ARG F 77 -5.39 -16.49 10.50
CA ARG F 77 -6.20 -17.42 9.77
C ARG F 77 -6.34 -18.72 10.54
N ASP F 78 -5.28 -19.18 11.20
CA ASP F 78 -5.45 -20.41 11.97
C ASP F 78 -6.38 -20.17 13.14
N GLN F 79 -6.31 -19.01 13.77
CA GLN F 79 -7.21 -18.78 14.89
C GLN F 79 -8.66 -18.66 14.44
N GLN F 80 -8.91 -18.07 13.27
CA GLN F 80 -10.27 -17.94 12.79
C GLN F 80 -10.84 -19.30 12.46
N LEU F 81 -10.00 -20.14 11.88
CA LEU F 81 -10.42 -21.47 11.50
C LEU F 81 -10.75 -22.29 12.73
N LEU F 82 -9.93 -22.18 13.77
CA LEU F 82 -10.26 -22.90 14.99
C LEU F 82 -11.53 -22.35 15.61
N GLY F 83 -11.72 -21.05 15.56
CA GLY F 83 -12.91 -20.48 16.16
C GLY F 83 -14.19 -21.02 15.56
N ILE F 84 -14.24 -21.18 14.24
CA ILE F 84 -15.46 -21.69 13.61
C ILE F 84 -15.71 -23.16 13.86
N TRP F 85 -14.77 -23.86 14.48
CA TRP F 85 -14.94 -25.26 14.81
C TRP F 85 -15.24 -25.41 16.29
N GLY F 86 -15.36 -24.28 16.99
CA GLY F 86 -15.57 -24.28 18.44
C GLY F 86 -14.30 -24.59 19.27
N CYS F 87 -13.08 -24.29 18.72
CA CYS F 87 -11.78 -24.57 19.32
C CYS F 87 -11.06 -23.31 19.80
N SER F 88 -11.77 -22.22 19.99
CA SER F 88 -11.04 -21.08 20.47
C SER F 88 -10.51 -21.41 21.85
N GLY F 89 -9.23 -21.12 22.09
CA GLY F 89 -8.62 -21.31 23.40
C GLY F 89 -8.13 -22.72 23.69
N LYS F 90 -8.28 -23.66 22.76
CA LYS F 90 -7.84 -25.02 23.04
C LYS F 90 -6.74 -25.47 22.12
N LEU F 91 -5.90 -26.38 22.61
CA LEU F 91 -4.83 -26.96 21.79
C LEU F 91 -5.24 -28.31 21.22
N ILE F 92 -6.40 -28.77 21.64
CA ILE F 92 -6.95 -30.03 21.18
C ILE F 92 -8.49 -29.97 21.34
N CYS F 93 -9.26 -30.49 20.35
CA CYS F 93 -10.74 -30.52 20.41
C CYS F 93 -11.34 -31.85 20.01
N THR F 94 -12.28 -32.26 20.80
CA THR F 94 -13.06 -33.43 20.47
C THR F 94 -14.24 -32.80 19.72
N THR F 95 -14.68 -33.40 18.63
CA THR F 95 -15.77 -32.80 17.86
C THR F 95 -16.92 -33.79 17.69
N ASN F 96 -17.98 -33.35 17.01
CA ASN F 96 -19.13 -34.20 16.72
C ASN F 96 -19.15 -34.71 15.29
N VAL F 97 -18.04 -34.60 14.58
CA VAL F 97 -17.99 -35.11 13.23
C VAL F 97 -17.39 -36.50 13.29
N PRO F 98 -18.06 -37.54 12.79
CA PRO F 98 -17.58 -38.90 12.79
C PRO F 98 -16.49 -39.00 11.78
N TRP F 99 -15.58 -39.92 11.98
CA TRP F 99 -14.54 -40.15 11.02
C TRP F 99 -15.10 -41.11 9.96
N ASN F 100 -14.95 -40.78 8.67
CA ASN F 100 -15.37 -41.60 7.54
C ASN F 100 -14.26 -42.62 7.22
N SER F 101 -14.65 -43.88 6.89
CA SER F 101 -13.73 -44.94 6.48
C SER F 101 -13.06 -44.60 5.16
N THR F 102 -13.71 -43.77 4.34
CA THR F 102 -13.18 -43.41 3.04
C THR F 102 -12.00 -42.46 3.17
N TRP F 103 -11.78 -41.93 4.37
CA TRP F 103 -10.69 -41.02 4.64
C TRP F 103 -9.45 -41.77 5.12
N SER F 104 -9.55 -43.08 5.33
CA SER F 104 -8.38 -43.82 5.82
C SER F 104 -8.41 -45.33 5.55
N ASN F 105 -9.58 -45.95 5.78
CA ASN F 105 -9.77 -47.39 5.78
C ASN F 105 -8.83 -48.07 6.75
N LYS F 106 -8.60 -47.40 7.89
CA LYS F 106 -7.74 -47.88 8.96
C LYS F 106 -8.36 -47.65 10.30
N THR F 107 -8.03 -48.51 11.25
CA THR F 107 -8.49 -48.31 12.61
C THR F 107 -7.52 -47.51 13.44
N LEU F 108 -7.88 -47.28 14.68
CA LEU F 108 -7.08 -46.40 15.52
C LEU F 108 -5.69 -46.95 15.78
N SER F 109 -5.60 -48.26 15.90
CA SER F 109 -4.34 -48.94 16.19
C SER F 109 -3.39 -48.96 15.00
N GLU F 110 -3.88 -48.59 13.83
CA GLU F 110 -3.07 -48.57 12.63
C GLU F 110 -2.51 -47.18 12.38
N ILE F 111 -2.98 -46.21 13.16
CA ILE F 111 -2.60 -44.84 12.97
C ILE F 111 -1.81 -44.35 14.17
N TRP F 112 -2.39 -44.49 15.34
CA TRP F 112 -1.75 -43.94 16.50
C TRP F 112 -0.59 -44.80 16.90
N ASP F 113 0.54 -44.14 17.05
CA ASP F 113 1.82 -44.72 17.42
C ASP F 113 2.33 -45.71 16.37
N ASN F 114 1.73 -45.69 15.17
CA ASN F 114 2.15 -46.52 14.05
C ASN F 114 2.76 -45.65 12.96
N MET F 115 2.11 -44.53 12.70
CA MET F 115 2.54 -43.57 11.70
C MET F 115 3.13 -42.34 12.36
N THR F 116 3.87 -41.54 11.58
CA THR F 116 4.38 -40.25 12.03
C THR F 116 3.36 -39.19 11.63
N TRP F 117 3.49 -37.96 12.16
CA TRP F 117 2.51 -36.94 11.77
C TRP F 117 2.68 -36.52 10.33
N LEU F 118 3.90 -36.57 9.80
CA LEU F 118 4.10 -36.22 8.41
C LEU F 118 3.48 -37.27 7.52
N GLN F 119 3.62 -38.54 7.88
CA GLN F 119 3.05 -39.58 7.05
C GLN F 119 1.55 -39.50 7.06
N TRP F 120 0.99 -39.21 8.22
CA TRP F 120 -0.43 -39.11 8.36
C TRP F 120 -0.93 -37.94 7.54
N ASP F 121 -0.25 -36.80 7.64
CA ASP F 121 -0.68 -35.64 6.90
C ASP F 121 -0.69 -35.93 5.41
N LYS F 122 0.31 -36.67 4.93
CA LYS F 122 0.30 -37.01 3.52
C LYS F 122 -0.84 -37.94 3.19
N GLU F 123 -1.08 -38.95 4.03
CA GLU F 123 -2.13 -39.93 3.73
C GLU F 123 -3.48 -39.32 3.57
N ILE F 124 -3.79 -38.31 4.37
CA ILE F 124 -5.10 -37.72 4.28
C ILE F 124 -5.11 -36.34 3.66
N SER F 125 -4.09 -36.00 2.88
CA SER F 125 -4.06 -34.67 2.29
C SER F 125 -5.23 -34.34 1.34
N ASN F 126 -5.91 -35.35 0.75
CA ASN F 126 -7.07 -35.19 -0.16
C ASN F 126 -8.41 -35.00 0.60
N TYR F 127 -8.41 -35.08 1.96
CA TYR F 127 -9.61 -34.99 2.79
C TYR F 127 -9.59 -33.78 3.69
N THR F 128 -8.55 -32.97 3.61
CA THR F 128 -8.43 -31.86 4.53
C THR F 128 -9.57 -30.88 4.38
N GLN F 129 -9.93 -30.56 3.17
CA GLN F 129 -10.99 -29.60 2.93
C GLN F 129 -12.33 -30.20 3.29
N ILE F 130 -12.48 -31.50 3.09
CA ILE F 130 -13.71 -32.17 3.42
C ILE F 130 -13.92 -32.15 4.91
N ILE F 131 -12.89 -32.49 5.65
CA ILE F 131 -13.01 -32.54 7.08
C ILE F 131 -13.26 -31.17 7.61
N TYR F 132 -12.53 -30.17 7.11
CA TYR F 132 -12.74 -28.84 7.60
C TYR F 132 -14.15 -28.37 7.32
N GLY F 133 -14.69 -28.69 6.15
CA GLY F 133 -16.05 -28.31 5.83
C GLY F 133 -17.05 -28.96 6.79
N LEU F 134 -16.84 -30.23 7.11
CA LEU F 134 -17.73 -30.91 8.02
C LEU F 134 -17.63 -30.34 9.42
N LEU F 135 -16.44 -29.96 9.85
CA LEU F 135 -16.31 -29.38 11.17
C LEU F 135 -17.05 -28.07 11.23
N GLU F 136 -16.99 -27.27 10.16
CA GLU F 136 -17.72 -26.01 10.14
C GLU F 136 -19.21 -26.27 10.23
N GLU F 137 -19.70 -27.26 9.51
CA GLU F 137 -21.13 -27.55 9.53
C GLU F 137 -21.58 -28.05 10.88
N SER F 138 -20.78 -28.89 11.53
CA SER F 138 -21.16 -29.40 12.82
C SER F 138 -21.28 -28.27 13.80
N GLN F 139 -20.33 -27.34 13.77
CA GLN F 139 -20.39 -26.24 14.70
C GLN F 139 -21.59 -25.37 14.39
N ASN F 140 -21.93 -25.19 13.11
CA ASN F 140 -23.09 -24.37 12.82
C ASN F 140 -24.36 -24.98 13.38
N GLN F 141 -24.46 -26.30 13.37
CA GLN F 141 -25.65 -26.94 13.92
C GLN F 141 -25.70 -26.78 15.42
N GLN F 142 -24.54 -26.85 16.06
CA GLN F 142 -24.47 -26.70 17.51
C GLN F 142 -24.86 -25.29 17.91
N GLU F 143 -24.46 -24.31 17.10
CA GLU F 143 -24.76 -22.90 17.36
C GLU F 143 -26.20 -22.55 16.99
N LYS F 144 -26.79 -23.29 16.03
CA LYS F 144 -28.20 -23.10 15.75
C LYS F 144 -28.94 -23.56 16.98
N ASN F 145 -28.47 -24.66 17.57
CA ASN F 145 -29.06 -25.07 18.81
C ASN F 145 -28.48 -24.04 19.74
N GLU F 146 -28.77 -24.04 21.01
CA GLU F 146 -28.36 -22.93 21.89
C GLU F 146 -29.11 -21.65 21.45
N THR F 147 -28.90 -21.12 20.25
CA THR F 147 -29.63 -19.96 19.77
C THR F 147 -31.13 -20.19 19.86
N ASP F 148 -31.58 -21.36 19.44
CA ASP F 148 -32.99 -21.69 19.51
C ASP F 148 -33.45 -22.03 20.92
N ASN F 149 -32.51 -22.22 21.84
CA ASN F 149 -32.79 -22.62 23.20
C ASN F 149 -31.89 -21.86 24.17
N LEU F 150 -31.97 -20.53 24.19
CA LEU F 150 -31.09 -19.78 25.06
C LEU F 150 -31.54 -19.93 26.48
N THR F 151 -30.59 -19.97 27.39
CA THR F 151 -30.90 -20.02 28.80
C THR F 151 -30.89 -18.59 29.35
N CYS F 152 -31.98 -18.20 30.02
CA CYS F 152 -32.19 -16.88 30.62
C CYS F 152 -32.27 -17.03 32.14
N ASP F 153 -31.86 -15.98 32.86
CA ASP F 153 -31.92 -15.89 34.32
C ASP F 153 -32.45 -17.21 34.92
N GLU G 37 -37.36 -6.27 36.66
CA GLU G 37 -37.33 -5.49 35.43
C GLU G 37 -37.49 -6.44 34.20
N ASN G 38 -37.50 -5.85 33.00
CA ASN G 38 -37.63 -6.52 31.71
C ASN G 38 -36.81 -5.72 30.75
N LEU G 39 -36.75 -6.12 29.50
CA LEU G 39 -36.02 -5.38 28.48
C LEU G 39 -34.57 -5.17 28.86
N TRP G 40 -33.78 -6.17 28.62
CA TRP G 40 -32.36 -6.23 28.91
C TRP G 40 -31.60 -6.06 27.62
N VAL G 41 -30.40 -5.52 27.69
CA VAL G 41 -29.59 -5.35 26.49
C VAL G 41 -29.04 -6.69 26.00
N THR G 42 -29.14 -6.91 24.71
CA THR G 42 -28.52 -8.08 24.11
C THR G 42 -27.70 -7.60 22.94
N VAL G 43 -26.61 -8.30 22.67
CA VAL G 43 -25.71 -7.90 21.62
C VAL G 43 -25.75 -8.88 20.49
N TYR G 44 -25.86 -8.37 19.28
CA TYR G 44 -25.88 -9.26 18.14
C TYR G 44 -24.71 -8.98 17.23
N TYR G 45 -24.12 -10.04 16.71
CA TYR G 45 -23.03 -9.88 15.78
C TYR G 45 -23.38 -10.59 14.49
N GLY G 46 -23.17 -9.93 13.35
CA GLY G 46 -23.52 -10.48 12.05
C GLY G 46 -24.76 -9.80 11.49
N VAL G 47 -25.08 -8.66 12.08
CA VAL G 47 -26.20 -7.81 11.75
C VAL G 47 -26.07 -7.15 10.37
N PRO G 48 -27.08 -7.21 9.49
CA PRO G 48 -27.06 -6.67 8.14
C PRO G 48 -27.21 -5.16 8.05
N VAL G 49 -26.20 -4.47 8.55
CA VAL G 49 -26.13 -3.01 8.58
C VAL G 49 -24.88 -2.46 7.93
N TRP G 50 -25.03 -1.37 7.20
CA TRP G 50 -23.89 -0.74 6.56
C TRP G 50 -24.01 0.76 6.56
N LYS G 51 -22.87 1.41 6.36
CA LYS G 51 -22.78 2.86 6.29
C LYS G 51 -21.99 3.35 5.09
N ASP G 52 -22.29 4.54 4.61
CA ASP G 52 -21.53 5.08 3.48
C ASP G 52 -20.07 5.13 3.87
N ALA G 53 -19.16 4.73 2.99
CA ALA G 53 -17.78 4.77 3.38
C ALA G 53 -16.83 4.90 2.23
N GLU G 54 -15.64 5.40 2.50
CA GLU G 54 -14.65 5.49 1.44
C GLU G 54 -13.44 4.67 1.81
N THR G 55 -13.07 3.76 0.94
CA THR G 55 -11.91 2.92 1.17
C THR G 55 -11.11 2.80 -0.08
N THR G 56 -10.06 2.02 0.01
CA THR G 56 -9.22 1.77 -1.15
C THR G 56 -9.62 0.47 -1.78
N LEU G 57 -10.00 0.51 -3.04
CA LEU G 57 -10.40 -0.68 -3.75
C LEU G 57 -9.17 -1.24 -4.40
N PHE G 58 -9.16 -2.54 -4.63
CA PHE G 58 -8.00 -3.05 -5.31
C PHE G 58 -8.40 -3.36 -6.75
N CYS G 59 -7.40 -3.34 -7.65
CA CYS G 59 -7.57 -3.59 -9.07
C CYS G 59 -7.29 -5.06 -9.37
N ALA G 60 -8.23 -5.70 -10.05
CA ALA G 60 -8.06 -7.09 -10.42
C ALA G 60 -8.57 -7.33 -11.85
N SER G 61 -7.94 -8.30 -12.56
CA SER G 61 -8.27 -8.72 -13.93
C SER G 61 -7.27 -9.81 -14.36
N HIS G 71 3.12 -7.78 -21.66
CA HIS G 71 3.66 -6.45 -21.99
C HIS G 71 2.64 -5.28 -21.82
N ASN G 72 1.33 -5.60 -21.58
CA ASN G 72 0.24 -4.65 -21.31
C ASN G 72 0.39 -4.03 -19.94
N VAL G 73 0.28 -2.72 -19.90
CA VAL G 73 0.49 -1.96 -18.69
C VAL G 73 -0.51 -2.27 -17.58
N TRP G 74 -1.76 -2.56 -17.93
CA TRP G 74 -2.70 -2.84 -16.87
C TRP G 74 -2.64 -4.28 -16.53
N ALA G 75 -2.35 -5.12 -17.50
CA ALA G 75 -2.31 -6.53 -17.19
C ALA G 75 -1.17 -6.79 -16.20
N THR G 76 -0.08 -6.05 -16.36
CA THR G 76 1.07 -6.18 -15.51
C THR G 76 0.78 -5.66 -14.12
N HIS G 77 0.18 -4.47 -14.03
CA HIS G 77 -0.12 -3.87 -12.75
C HIS G 77 -1.25 -4.56 -11.96
N CYS G 78 -2.40 -4.83 -12.61
CA CYS G 78 -3.61 -5.42 -12.02
C CYS G 78 -3.46 -6.93 -12.19
N CYS G 79 -2.44 -7.42 -11.49
CA CYS G 79 -2.00 -8.80 -11.52
C CYS G 79 -2.90 -9.73 -10.73
N VAL G 80 -3.73 -9.14 -9.91
CA VAL G 80 -4.64 -9.86 -9.05
C VAL G 80 -5.77 -10.41 -9.92
N PRO G 81 -6.08 -11.71 -9.86
CA PRO G 81 -7.13 -12.37 -10.60
C PRO G 81 -8.46 -11.99 -10.04
N THR G 82 -9.51 -12.13 -10.82
CA THR G 82 -10.85 -11.92 -10.33
C THR G 82 -11.46 -13.25 -9.99
N ASP G 83 -12.60 -13.19 -9.31
CA ASP G 83 -13.37 -14.37 -8.99
C ASP G 83 -13.93 -14.91 -10.30
N PRO G 84 -13.61 -16.15 -10.73
CA PRO G 84 -14.10 -16.74 -11.96
C PRO G 84 -15.61 -16.99 -11.92
N ASN G 85 -16.19 -16.98 -10.71
CA ASN G 85 -17.62 -17.21 -10.57
C ASN G 85 -18.17 -16.28 -9.49
N PRO G 86 -18.20 -14.96 -9.74
CA PRO G 86 -18.58 -13.94 -8.78
C PRO G 86 -20.05 -14.06 -8.53
N GLN G 87 -20.47 -13.71 -7.34
CA GLN G 87 -21.88 -13.74 -7.05
C GLN G 87 -22.47 -12.37 -6.88
N GLU G 88 -23.76 -12.29 -7.13
CA GLU G 88 -24.51 -11.07 -6.92
C GLU G 88 -25.70 -11.38 -6.06
N ILE G 89 -25.84 -10.65 -4.97
CA ILE G 89 -26.91 -10.91 -4.04
C ILE G 89 -28.01 -9.90 -4.08
N VAL G 90 -29.21 -10.34 -4.38
CA VAL G 90 -30.31 -9.42 -4.47
C VAL G 90 -30.75 -9.03 -3.09
N LEU G 91 -30.87 -7.74 -2.82
CA LEU G 91 -31.34 -7.33 -1.53
C LEU G 91 -32.79 -7.02 -1.69
N GLU G 92 -33.62 -7.85 -1.14
CA GLU G 92 -35.03 -7.64 -1.33
C GLU G 92 -35.51 -6.55 -0.40
N ASN G 93 -36.48 -5.74 -0.86
CA ASN G 93 -37.17 -4.72 -0.09
C ASN G 93 -36.23 -3.69 0.59
N VAL G 94 -35.23 -3.17 -0.15
CA VAL G 94 -34.34 -2.11 0.34
C VAL G 94 -34.37 -1.02 -0.68
N THR G 95 -34.05 0.18 -0.24
CA THR G 95 -33.91 1.32 -1.12
C THR G 95 -32.60 1.94 -0.73
N GLU G 96 -31.81 2.35 -1.69
CA GLU G 96 -30.55 3.00 -1.35
C GLU G 96 -30.37 4.25 -2.16
N ASN G 97 -29.67 5.21 -1.59
CA ASN G 97 -29.38 6.49 -2.25
C ASN G 97 -28.02 6.55 -2.90
N PHE G 98 -28.05 6.75 -4.21
CA PHE G 98 -26.88 6.80 -5.04
C PHE G 98 -26.67 8.21 -5.58
N ASN G 99 -25.41 8.59 -5.84
CA ASN G 99 -25.13 9.86 -6.48
C ASN G 99 -23.85 9.76 -7.26
N MET G 100 -23.96 9.57 -8.56
CA MET G 100 -22.79 9.33 -9.37
C MET G 100 -21.84 10.50 -9.48
N TRP G 101 -22.31 11.69 -9.17
CA TRP G 101 -21.50 12.88 -9.32
C TRP G 101 -20.61 13.12 -8.12
N LYS G 102 -20.89 12.40 -7.04
CA LYS G 102 -20.18 12.53 -5.78
C LYS G 102 -19.56 11.20 -5.41
N ASN G 103 -19.46 10.34 -6.40
CA ASN G 103 -18.97 8.98 -6.22
C ASN G 103 -17.46 8.92 -6.25
N ASN G 104 -16.86 8.64 -5.10
CA ASN G 104 -15.41 8.67 -4.96
C ASN G 104 -14.71 7.54 -5.68
N MET G 105 -15.47 6.59 -6.21
CA MET G 105 -14.85 5.50 -6.95
C MET G 105 -14.28 6.09 -8.22
N VAL G 106 -14.89 7.17 -8.73
CA VAL G 106 -14.43 7.76 -9.96
C VAL G 106 -13.11 8.42 -9.70
N GLU G 107 -13.04 9.14 -8.58
CA GLU G 107 -11.82 9.83 -8.23
C GLU G 107 -10.71 8.87 -7.95
N GLN G 108 -11.03 7.75 -7.32
CA GLN G 108 -10.00 6.81 -7.02
C GLN G 108 -9.49 6.15 -8.27
N MET G 109 -10.38 5.79 -9.20
CA MET G 109 -9.87 5.17 -10.39
C MET G 109 -9.04 6.15 -11.17
N HIS G 110 -9.43 7.42 -11.18
CA HIS G 110 -8.66 8.45 -11.86
C HIS G 110 -7.26 8.51 -11.33
N GLU G 111 -7.11 8.54 -10.01
CA GLU G 111 -5.77 8.63 -9.47
C GLU G 111 -4.96 7.39 -9.78
N ASP G 112 -5.58 6.21 -9.77
CA ASP G 112 -4.81 5.02 -10.07
C ASP G 112 -4.34 5.01 -11.51
N ILE G 113 -5.18 5.50 -12.42
CA ILE G 113 -4.78 5.56 -13.81
C ILE G 113 -3.62 6.49 -14.00
N ILE G 114 -3.65 7.64 -13.34
CA ILE G 114 -2.54 8.57 -13.49
C ILE G 114 -1.26 7.94 -12.95
N SER G 115 -1.34 7.30 -11.78
CA SER G 115 -0.13 6.74 -11.23
C SER G 115 0.43 5.66 -12.12
N LEU G 116 -0.42 4.83 -12.72
CA LEU G 116 0.09 3.79 -13.57
C LEU G 116 0.72 4.37 -14.82
N TRP G 117 0.08 5.37 -15.40
CA TRP G 117 0.60 6.01 -16.59
C TRP G 117 2.02 6.49 -16.36
N ASP G 118 2.23 7.19 -15.24
CA ASP G 118 3.56 7.69 -14.96
C ASP G 118 4.51 6.59 -14.60
N GLN G 119 4.06 5.58 -13.88
CA GLN G 119 4.95 4.50 -13.51
C GLN G 119 5.46 3.80 -14.75
N SER G 120 4.57 3.61 -15.71
CA SER G 120 4.89 2.93 -16.95
C SER G 120 5.88 3.69 -17.80
N LEU G 121 5.70 5.00 -17.92
CA LEU G 121 6.59 5.80 -18.75
C LEU G 121 7.88 6.18 -18.06
N LYS G 122 7.88 6.31 -16.76
CA LYS G 122 9.07 6.69 -16.03
C LYS G 122 10.38 5.98 -16.47
N PRO G 123 10.51 4.63 -16.47
CA PRO G 123 11.73 3.93 -16.86
C PRO G 123 11.92 3.81 -18.38
N CYS G 124 12.03 4.96 -19.07
CA CYS G 124 12.15 5.09 -20.53
C CYS G 124 13.07 6.25 -20.90
N VAL G 125 13.34 6.37 -22.18
CA VAL G 125 14.24 7.38 -22.72
C VAL G 125 13.75 8.80 -22.62
N LYS G 126 14.60 9.67 -22.12
CA LYS G 126 14.23 11.06 -22.03
C LYS G 126 14.65 11.71 -23.33
N LEU G 127 13.88 12.67 -23.81
CA LEU G 127 14.26 13.37 -25.02
C LEU G 127 14.80 14.73 -24.68
N THR G 128 15.14 14.94 -23.44
CA THR G 128 15.71 16.17 -22.98
C THR G 128 16.88 16.67 -23.87
N PRO G 129 17.87 15.83 -24.31
CA PRO G 129 18.93 16.24 -25.22
C PRO G 129 18.46 16.57 -26.62
N LEU G 130 17.25 16.16 -26.97
CA LEU G 130 16.73 16.41 -28.30
C LEU G 130 15.97 17.74 -28.30
N CYS G 131 16.69 18.85 -28.04
CA CYS G 131 16.10 20.18 -27.97
C CYS G 131 17.11 21.25 -28.36
N VAL G 132 17.25 21.36 -29.65
CA VAL G 132 18.16 22.25 -30.31
C VAL G 132 17.38 22.95 -31.35
N THR G 133 17.92 23.99 -31.91
CA THR G 133 17.24 24.65 -32.96
C THR G 133 17.07 23.65 -34.08
N LEU G 134 15.86 23.52 -34.60
CA LEU G 134 15.63 22.62 -35.70
C LEU G 134 15.56 23.42 -36.99
N ASN G 135 16.31 23.01 -38.03
CA ASN G 135 16.34 23.66 -39.35
C ASN G 135 15.34 22.90 -40.25
N CYS G 136 14.14 23.48 -40.48
CA CYS G 136 13.03 22.77 -41.11
C CYS G 136 12.60 23.35 -42.45
N THR G 137 12.29 22.44 -43.37
CA THR G 137 11.73 22.74 -44.68
C THR G 137 10.48 21.93 -44.97
N ASN G 138 9.92 22.11 -46.13
CA ASN G 138 8.67 21.41 -46.43
C ASN G 138 8.87 19.92 -46.67
N ALA G 139 8.04 19.09 -46.02
CA ALA G 139 8.09 17.65 -46.23
C ALA G 139 7.54 17.32 -47.59
N THR G 140 8.08 16.26 -48.19
CA THR G 140 7.63 15.88 -49.52
C THR G 140 7.16 14.46 -49.58
N ALA G 141 6.57 14.14 -50.71
CA ALA G 141 6.08 12.83 -51.06
C ALA G 141 6.31 12.72 -52.53
N SER G 142 6.20 11.54 -53.10
CA SER G 142 6.56 11.44 -54.48
C SER G 142 5.92 12.49 -55.38
N ASN G 143 6.81 13.09 -56.15
CA ASN G 143 6.61 14.12 -57.17
C ASN G 143 6.24 15.55 -56.73
N SER G 144 6.11 15.85 -55.43
CA SER G 144 5.81 17.24 -55.03
C SER G 144 5.88 17.63 -53.53
N SER G 145 5.62 18.93 -53.28
CA SER G 145 5.57 19.53 -51.93
C SER G 145 4.21 19.25 -51.34
N ILE G 146 4.04 17.98 -51.07
CA ILE G 146 2.83 17.31 -50.69
C ILE G 146 2.47 17.23 -49.23
N ILE G 147 3.41 17.01 -48.33
CA ILE G 147 2.86 16.72 -47.05
C ILE G 147 2.62 18.02 -46.33
N GLU G 148 1.38 18.44 -46.42
CA GLU G 148 0.92 19.72 -45.92
C GLU G 148 0.97 19.82 -44.42
N GLY G 149 0.94 18.68 -43.75
CA GLY G 149 0.97 18.62 -42.30
C GLY G 149 2.34 18.34 -41.68
N MET G 150 3.42 18.27 -42.47
CA MET G 150 4.70 17.91 -41.88
C MET G 150 5.91 18.67 -42.41
N LYS G 151 6.95 18.68 -41.58
CA LYS G 151 8.22 19.28 -41.94
C LYS G 151 9.39 18.32 -41.93
N ASN G 152 10.35 18.64 -42.79
CA ASN G 152 11.64 17.96 -42.85
C ASN G 152 12.63 18.70 -41.98
N CYS G 153 12.91 18.22 -40.74
CA CYS G 153 13.75 18.95 -39.78
C CYS G 153 15.09 18.29 -39.57
N SER G 154 16.12 19.12 -39.61
CA SER G 154 17.48 18.65 -39.37
C SER G 154 18.06 19.32 -38.15
N PHE G 155 18.96 18.60 -37.48
CA PHE G 155 19.58 19.12 -36.29
C PHE G 155 20.94 18.51 -35.93
N ASN G 156 21.75 19.27 -35.13
CA ASN G 156 23.06 18.86 -34.61
C ASN G 156 22.92 18.29 -33.19
N ILE G 157 23.04 16.96 -33.05
CA ILE G 157 22.85 16.25 -31.77
C ILE G 157 24.07 15.45 -31.34
N THR G 158 24.37 15.51 -30.04
CA THR G 158 25.51 14.83 -29.44
C THR G 158 25.44 13.34 -29.68
N THR G 159 26.58 12.79 -30.06
CA THR G 159 26.73 11.38 -30.37
C THR G 159 27.39 10.59 -29.26
N GLU G 160 28.03 9.49 -29.61
CA GLU G 160 28.63 8.59 -28.63
C GLU G 160 29.63 9.30 -27.75
N LEU G 161 30.38 10.23 -28.31
CA LEU G 161 31.29 11.02 -27.53
C LEU G 161 30.71 12.39 -27.32
N ARG G 162 30.98 12.94 -26.16
CA ARG G 162 30.48 14.24 -25.74
C ARG G 162 31.13 15.41 -26.44
N ASP G 163 32.22 15.17 -27.14
CA ASP G 163 32.91 16.19 -27.87
C ASP G 163 32.57 16.17 -29.36
N LYS G 164 31.59 15.36 -29.76
CA LYS G 164 31.20 15.30 -31.16
C LYS G 164 29.70 15.39 -31.34
N ARG G 165 29.27 15.98 -32.45
CA ARG G 165 27.86 16.02 -32.79
C ARG G 165 27.68 15.55 -34.20
N GLU G 166 26.53 14.98 -34.49
CA GLU G 166 26.22 14.54 -35.83
C GLU G 166 24.97 15.24 -36.32
N LYS G 167 24.89 15.43 -37.63
CA LYS G 167 23.69 15.98 -38.18
C LYS G 167 22.73 14.85 -38.52
N LYS G 168 21.56 14.93 -37.93
CA LYS G 168 20.50 13.95 -38.08
C LYS G 168 19.28 14.68 -38.58
N ASN G 169 18.33 13.99 -39.25
CA ASN G 169 17.07 14.59 -39.67
C ASN G 169 15.92 13.59 -39.56
N ALA G 170 14.69 14.12 -39.35
CA ALA G 170 13.45 13.35 -39.23
C ALA G 170 12.23 14.19 -39.57
N LEU G 171 11.14 13.51 -39.90
CA LEU G 171 9.89 14.18 -40.13
C LEU G 171 9.14 14.43 -38.84
N PHE G 172 8.60 15.64 -38.71
CA PHE G 172 7.78 16.04 -37.57
C PHE G 172 6.46 16.65 -38.02
N TYR G 173 5.43 16.49 -37.21
CA TYR G 173 4.14 17.08 -37.51
C TYR G 173 4.10 18.54 -37.18
N LYS G 174 3.37 19.30 -37.97
CA LYS G 174 3.23 20.72 -37.68
C LYS G 174 2.62 20.99 -36.32
N LEU G 175 1.71 20.15 -35.90
CA LEU G 175 1.05 20.38 -34.62
C LEU G 175 1.97 20.30 -33.43
N ASP G 176 3.10 19.62 -33.58
CA ASP G 176 4.03 19.43 -32.48
C ASP G 176 5.26 20.32 -32.54
N ILE G 177 5.31 21.25 -33.47
CA ILE G 177 6.53 22.05 -33.61
C ILE G 177 6.18 23.53 -33.70
N VAL G 178 7.02 24.40 -33.17
CA VAL G 178 6.71 25.83 -33.27
C VAL G 178 7.86 26.61 -33.85
N GLN G 179 7.57 27.78 -34.42
CA GLN G 179 8.64 28.62 -34.95
C GLN G 179 9.26 29.38 -33.81
N LEU G 180 10.57 29.57 -33.88
CA LEU G 180 11.24 30.37 -32.88
C LEU G 180 11.08 31.87 -33.01
N ASP G 181 11.06 32.39 -34.24
CA ASP G 181 10.92 33.83 -34.43
C ASP G 181 10.70 34.18 -35.88
N GLY G 182 10.13 35.35 -36.08
CA GLY G 182 9.96 35.93 -37.39
C GLY G 182 9.19 34.97 -38.26
N ASN G 183 9.73 34.77 -39.44
CA ASN G 183 9.24 33.88 -40.44
C ASN G 183 10.38 32.97 -40.85
N SER G 184 11.29 32.70 -39.91
CA SER G 184 12.47 31.90 -40.22
C SER G 184 12.14 30.43 -40.27
N SER G 185 13.13 29.66 -40.67
CA SER G 185 13.06 28.23 -40.78
C SER G 185 13.52 27.54 -39.51
N GLN G 186 13.76 28.32 -38.45
CA GLN G 186 14.23 27.77 -37.21
C GLN G 186 13.08 27.48 -36.25
N TYR G 187 12.99 26.23 -35.84
CA TYR G 187 11.93 25.68 -35.00
C TYR G 187 12.34 24.99 -33.71
N ARG G 188 11.37 24.85 -32.82
CA ARG G 188 11.53 24.15 -31.55
C ARG G 188 10.42 23.13 -31.35
N LEU G 189 10.68 22.07 -30.58
CA LEU G 189 9.58 21.16 -30.29
C LEU G 189 8.60 21.93 -29.42
N ILE G 190 7.31 21.72 -29.64
CA ILE G 190 6.31 22.52 -28.93
C ILE G 190 6.33 22.51 -27.42
N ASN G 191 6.72 21.42 -26.79
CA ASN G 191 6.74 21.46 -25.32
C ASN G 191 8.08 21.72 -24.64
N CYS G 192 9.21 21.98 -25.40
CA CYS G 192 10.55 22.13 -24.80
C CYS G 192 10.77 23.61 -24.41
N ASN G 193 9.88 24.03 -23.56
CA ASN G 193 9.86 25.33 -22.91
C ASN G 193 9.14 25.24 -21.55
N THR G 194 8.29 24.17 -21.36
CA THR G 194 7.44 23.93 -20.19
C THR G 194 7.85 22.69 -19.44
N SER G 195 8.15 21.60 -20.14
CA SER G 195 8.50 20.36 -19.44
C SER G 195 9.29 19.38 -20.30
N ALA G 196 9.94 18.41 -19.66
CA ALA G 196 10.66 17.38 -20.39
C ALA G 196 9.70 16.43 -21.06
N ILE G 197 10.09 15.94 -22.23
CA ILE G 197 9.28 14.98 -22.95
C ILE G 197 9.90 13.61 -22.81
N THR G 198 9.14 12.65 -22.34
CA THR G 198 9.66 11.30 -22.17
C THR G 198 9.16 10.44 -23.32
N GLN G 199 10.04 9.71 -23.96
CA GLN G 199 9.60 8.85 -25.04
C GLN G 199 9.00 7.62 -24.45
N ALA G 200 7.85 7.24 -24.93
CA ALA G 200 7.26 6.01 -24.42
C ALA G 200 8.10 4.86 -24.92
N CYS G 201 8.30 3.80 -24.10
CA CYS G 201 9.02 2.60 -24.50
C CYS G 201 8.14 1.81 -25.49
N PRO G 202 8.60 1.58 -26.74
CA PRO G 202 7.86 0.93 -27.81
C PRO G 202 7.86 -0.57 -27.64
N LYS G 203 7.30 -0.99 -26.53
CA LYS G 203 7.23 -2.38 -26.16
C LYS G 203 6.07 -2.49 -25.20
N VAL G 204 5.70 -1.33 -24.67
CA VAL G 204 4.63 -1.29 -23.68
C VAL G 204 3.31 -1.08 -24.33
N SER G 205 2.37 -1.94 -24.00
CA SER G 205 1.03 -1.78 -24.55
C SER G 205 0.13 -1.05 -23.61
N PHE G 206 -0.54 -0.06 -24.18
CA PHE G 206 -1.49 0.76 -23.45
C PHE G 206 -2.90 0.46 -23.90
N GLU G 207 -3.11 -0.70 -24.50
CA GLU G 207 -4.44 -1.08 -24.92
C GLU G 207 -5.32 -1.29 -23.68
N PRO G 208 -6.49 -0.66 -23.56
CA PRO G 208 -7.40 -0.85 -22.46
C PRO G 208 -7.85 -2.31 -22.38
N ILE G 209 -7.85 -2.86 -21.18
CA ILE G 209 -8.33 -4.21 -20.99
C ILE G 209 -9.38 -4.05 -19.92
N PRO G 210 -10.35 -4.94 -19.76
CA PRO G 210 -11.34 -4.83 -18.73
C PRO G 210 -10.69 -4.89 -17.38
N ILE G 211 -11.10 -3.99 -16.50
CA ILE G 211 -10.65 -3.93 -15.13
C ILE G 211 -11.78 -4.04 -14.14
N HIS G 212 -11.63 -4.87 -13.12
CA HIS G 212 -12.66 -4.98 -12.12
C HIS G 212 -12.18 -4.35 -10.82
N TYR G 213 -13.00 -3.50 -10.21
CA TYR G 213 -12.57 -2.93 -8.93
C TYR G 213 -13.26 -3.70 -7.84
N CYS G 214 -12.48 -4.14 -6.82
CA CYS G 214 -12.96 -5.02 -5.76
C CYS G 214 -12.79 -4.41 -4.38
N ALA G 215 -13.81 -4.58 -3.56
CA ALA G 215 -13.76 -4.09 -2.21
C ALA G 215 -12.86 -5.00 -1.36
N PRO G 216 -12.17 -4.43 -0.35
CA PRO G 216 -11.39 -5.12 0.66
C PRO G 216 -12.31 -5.74 1.68
N ALA G 217 -11.78 -6.62 2.49
CA ALA G 217 -12.60 -7.21 3.53
C ALA G 217 -13.18 -6.13 4.44
N GLY G 218 -14.44 -6.31 4.81
CA GLY G 218 -15.14 -5.37 5.68
C GLY G 218 -16.00 -4.39 4.89
N PHE G 219 -15.81 -4.40 3.57
CA PHE G 219 -16.52 -3.54 2.66
C PHE G 219 -17.27 -4.29 1.58
N ALA G 220 -18.25 -3.64 1.02
CA ALA G 220 -19.00 -4.24 -0.07
C ALA G 220 -19.41 -3.17 -1.03
N ILE G 221 -19.71 -3.55 -2.26
CA ILE G 221 -20.14 -2.59 -3.23
C ILE G 221 -21.60 -2.81 -3.54
N LEU G 222 -22.40 -1.78 -3.42
CA LEU G 222 -23.79 -1.93 -3.73
C LEU G 222 -23.95 -1.50 -5.15
N LYS G 223 -24.78 -2.20 -5.88
CA LYS G 223 -25.02 -1.88 -7.27
C LYS G 223 -26.49 -1.58 -7.50
N CYS G 224 -26.80 -0.52 -8.28
CA CYS G 224 -28.15 -0.14 -8.66
C CYS G 224 -28.53 -0.82 -9.96
N ASN G 225 -29.58 -1.61 -9.91
CA ASN G 225 -30.10 -2.35 -11.05
C ASN G 225 -31.39 -1.82 -11.69
N ASN G 226 -31.74 -0.55 -11.43
CA ASN G 226 -32.90 0.13 -12.00
C ASN G 226 -32.50 0.64 -13.39
N LYS G 227 -33.15 0.08 -14.44
CA LYS G 227 -32.89 0.28 -15.87
C LYS G 227 -33.08 1.72 -16.34
N THR G 228 -33.79 2.52 -15.55
CA THR G 228 -34.03 3.90 -15.89
C THR G 228 -33.42 4.83 -14.86
N PHE G 229 -32.48 4.34 -14.06
CA PHE G 229 -31.84 5.19 -13.08
C PHE G 229 -30.99 6.27 -13.75
N THR G 230 -31.17 7.50 -13.30
CA THR G 230 -30.55 8.68 -13.88
C THR G 230 -29.28 9.17 -13.21
N GLY G 231 -28.74 8.41 -12.30
CA GLY G 231 -27.49 8.75 -11.63
C GLY G 231 -27.61 9.31 -10.23
N THR G 232 -28.76 9.82 -9.86
CA THR G 232 -28.90 10.32 -8.50
C THR G 232 -30.22 9.91 -7.89
N GLY G 233 -30.26 9.87 -6.57
CA GLY G 233 -31.50 9.63 -5.87
C GLY G 233 -31.63 8.16 -5.49
N PRO G 234 -32.77 7.77 -4.95
CA PRO G 234 -33.03 6.46 -4.46
C PRO G 234 -33.12 5.49 -5.62
N CYS G 235 -32.70 4.24 -5.39
CA CYS G 235 -32.76 3.12 -6.30
C CYS G 235 -33.47 2.01 -5.53
N ASN G 236 -34.54 1.50 -6.11
CA ASN G 236 -35.35 0.46 -5.44
C ASN G 236 -35.08 -1.01 -5.82
N ASN G 237 -33.99 -1.28 -6.55
CA ASN G 237 -33.55 -2.61 -6.95
C ASN G 237 -32.02 -2.61 -6.83
N VAL G 238 -31.52 -3.05 -5.66
CA VAL G 238 -30.13 -2.96 -5.24
C VAL G 238 -29.60 -4.34 -4.96
N SER G 239 -28.37 -4.58 -5.37
CA SER G 239 -27.75 -5.85 -5.10
C SER G 239 -26.35 -5.65 -4.58
N THR G 240 -25.83 -6.67 -3.92
CA THR G 240 -24.49 -6.58 -3.39
C THR G 240 -23.50 -7.42 -4.16
N VAL G 241 -22.39 -6.80 -4.51
CA VAL G 241 -21.32 -7.48 -5.20
C VAL G 241 -20.01 -7.22 -4.49
N GLN G 242 -19.01 -8.04 -4.74
CA GLN G 242 -17.70 -7.74 -4.19
C GLN G 242 -16.81 -6.93 -5.17
N CYS G 243 -16.99 -7.17 -6.50
CA CYS G 243 -16.24 -6.60 -7.61
C CYS G 243 -17.22 -5.99 -8.62
N THR G 244 -16.78 -4.93 -9.28
CA THR G 244 -17.53 -4.28 -10.35
C THR G 244 -17.41 -5.10 -11.59
N HIS G 245 -18.18 -4.76 -12.62
CA HIS G 245 -18.05 -5.45 -13.88
C HIS G 245 -16.75 -4.98 -14.47
N GLY G 246 -16.35 -5.55 -15.59
CA GLY G 246 -15.10 -5.15 -16.17
C GLY G 246 -15.25 -3.87 -16.96
N ILE G 247 -14.50 -2.87 -16.57
CA ILE G 247 -14.53 -1.57 -17.20
C ILE G 247 -13.26 -1.33 -17.97
N LYS G 248 -13.36 -1.00 -19.23
CA LYS G 248 -12.15 -0.70 -19.96
C LYS G 248 -11.81 0.77 -19.76
N PRO G 249 -10.59 1.12 -19.34
CA PRO G 249 -10.14 2.47 -19.10
C PRO G 249 -9.81 3.17 -20.40
N VAL G 250 -10.84 3.39 -21.19
CA VAL G 250 -10.69 4.00 -22.50
C VAL G 250 -10.61 5.50 -22.39
N VAL G 251 -9.62 6.08 -23.06
CA VAL G 251 -9.42 7.50 -23.11
C VAL G 251 -10.06 8.10 -24.34
N SER G 252 -10.90 9.10 -24.14
CA SER G 252 -11.54 9.80 -25.24
C SER G 252 -12.02 11.15 -24.77
N THR G 253 -12.45 11.98 -25.73
CA THR G 253 -13.01 13.29 -25.38
C THR G 253 -14.48 13.46 -25.74
N GLN G 254 -14.75 13.91 -26.94
CA GLN G 254 -16.12 14.24 -27.35
C GLN G 254 -17.08 13.07 -27.38
N LEU G 255 -16.63 11.91 -27.86
CA LEU G 255 -17.51 10.76 -27.89
C LEU G 255 -16.98 9.75 -26.90
N LEU G 256 -17.86 9.01 -26.27
CA LEU G 256 -17.47 7.95 -25.36
C LEU G 256 -17.37 6.67 -26.13
N LEU G 257 -16.23 6.04 -26.07
CA LEU G 257 -16.06 4.83 -26.83
C LEU G 257 -15.95 3.59 -25.94
N ASN G 258 -16.46 2.46 -26.48
CA ASN G 258 -16.40 1.07 -25.98
C ASN G 258 -16.92 0.89 -24.54
N GLY G 259 -18.02 1.58 -24.15
CA GLY G 259 -18.64 1.45 -22.83
C GLY G 259 -19.79 0.48 -22.89
N SER G 260 -20.57 0.46 -21.83
CA SER G 260 -21.72 -0.40 -21.74
C SER G 260 -22.87 0.34 -22.35
N LEU G 261 -23.85 -0.36 -22.88
CA LEU G 261 -25.05 0.33 -23.38
C LEU G 261 -26.12 0.32 -22.34
N ALA G 262 -26.99 1.32 -22.40
CA ALA G 262 -28.10 1.44 -21.47
C ALA G 262 -29.05 0.26 -21.62
N GLU G 263 -29.58 -0.22 -20.49
CA GLU G 263 -30.55 -1.32 -20.47
C GLU G 263 -31.88 -0.93 -21.08
N GLY G 264 -32.28 0.30 -20.82
CA GLY G 264 -33.54 0.84 -21.28
C GLY G 264 -33.28 1.77 -22.44
N GLU G 265 -34.08 2.79 -22.55
CA GLU G 265 -33.98 3.76 -23.62
C GLU G 265 -32.85 4.72 -23.33
N ILE G 266 -32.60 5.68 -24.21
CA ILE G 266 -31.47 6.56 -23.99
C ILE G 266 -31.67 7.40 -22.74
N ILE G 267 -30.64 7.43 -21.91
CA ILE G 267 -30.75 8.16 -20.65
C ILE G 267 -29.89 9.39 -20.66
N ILE G 268 -30.49 10.51 -20.33
CA ILE G 268 -29.76 11.76 -20.27
C ILE G 268 -29.39 11.96 -18.81
N ARG G 269 -28.11 12.05 -18.49
CA ARG G 269 -27.72 12.19 -17.10
C ARG G 269 -26.94 13.47 -16.82
N SER G 270 -27.38 14.19 -15.81
CA SER G 270 -26.72 15.43 -15.40
C SER G 270 -26.89 15.68 -13.95
N GLU G 271 -25.91 16.32 -13.34
CA GLU G 271 -25.99 16.67 -11.94
C GLU G 271 -27.17 17.62 -11.74
N ASN G 272 -27.38 18.49 -12.71
CA ASN G 272 -28.46 19.46 -12.71
C ASN G 272 -28.71 19.80 -14.17
N ILE G 273 -29.71 19.20 -14.80
CA ILE G 273 -29.82 19.37 -16.24
C ILE G 273 -30.12 20.80 -16.69
N THR G 274 -30.77 21.59 -15.82
CA THR G 274 -31.13 22.94 -16.17
C THR G 274 -30.00 23.94 -15.91
N ASP G 275 -28.90 23.47 -15.35
CA ASP G 275 -27.72 24.25 -15.04
C ASP G 275 -26.75 24.25 -16.22
N ASN G 276 -26.50 25.41 -16.83
CA ASN G 276 -25.62 25.47 -18.01
C ASN G 276 -24.17 25.22 -17.63
N GLY G 277 -23.87 25.20 -16.34
CA GLY G 277 -22.52 24.95 -15.89
C GLY G 277 -22.23 23.47 -15.70
N LYS G 278 -23.20 22.59 -15.96
CA LYS G 278 -22.97 21.18 -15.76
C LYS G 278 -22.85 20.43 -17.07
N THR G 279 -22.13 19.32 -17.03
CA THR G 279 -21.93 18.43 -18.15
C THR G 279 -23.09 17.47 -18.28
N ILE G 280 -23.54 17.21 -19.49
CA ILE G 280 -24.61 16.27 -19.75
C ILE G 280 -24.07 15.02 -20.41
N LEU G 281 -24.30 13.88 -19.81
CA LEU G 281 -23.82 12.66 -20.42
C LEU G 281 -24.99 12.01 -21.08
N VAL G 282 -24.81 11.55 -22.30
CA VAL G 282 -25.89 10.85 -22.96
C VAL G 282 -25.50 9.43 -23.09
N HIS G 283 -26.27 8.55 -22.48
CA HIS G 283 -25.93 7.15 -22.50
C HIS G 283 -26.82 6.42 -23.49
N LEU G 284 -26.22 5.93 -24.55
CA LEU G 284 -26.97 5.32 -25.63
C LEU G 284 -27.33 3.88 -25.28
N ASN G 285 -28.46 3.38 -25.84
CA ASN G 285 -28.90 1.97 -25.72
C ASN G 285 -28.51 1.09 -26.94
N GLU G 286 -27.93 1.71 -28.00
CA GLU G 286 -27.49 1.10 -29.26
C GLU G 286 -26.15 1.74 -29.60
N SER G 287 -25.22 0.98 -30.14
CA SER G 287 -23.97 1.59 -30.54
C SER G 287 -24.07 2.17 -31.95
N VAL G 288 -23.17 3.10 -32.28
CA VAL G 288 -23.15 3.67 -33.63
C VAL G 288 -22.26 2.92 -34.63
N LYS G 289 -21.09 2.48 -34.17
CA LYS G 289 -20.02 1.85 -34.94
C LYS G 289 -19.24 2.84 -35.78
N ILE G 290 -18.08 3.21 -35.27
CA ILE G 290 -17.20 4.13 -35.94
C ILE G 290 -15.94 3.42 -36.40
N GLU G 291 -15.66 3.50 -37.69
CA GLU G 291 -14.47 2.88 -38.23
C GLU G 291 -13.51 4.00 -38.51
N CYS G 292 -12.20 3.88 -38.15
CA CYS G 292 -11.29 5.00 -38.38
C CYS G 292 -9.89 4.51 -38.75
N THR G 293 -9.27 5.22 -39.70
CA THR G 293 -7.96 4.83 -40.16
C THR G 293 -6.95 5.91 -40.54
N ARG G 294 -5.72 5.44 -40.64
CA ARG G 294 -4.53 6.14 -41.10
C ARG G 294 -3.92 5.37 -42.29
N PRO G 295 -4.30 5.70 -43.54
CA PRO G 295 -3.97 4.99 -44.77
C PRO G 295 -2.57 5.29 -45.29
N ASN G 296 -1.59 5.06 -44.45
CA ASN G 296 -0.20 5.36 -44.77
C ASN G 296 0.72 4.34 -44.15
N ASN G 297 1.82 3.97 -44.84
CA ASN G 297 2.89 3.10 -44.36
C ASN G 297 4.04 3.96 -43.83
N LYS G 298 4.14 4.09 -42.49
CA LYS G 298 5.16 4.93 -41.87
C LYS G 298 6.44 4.13 -41.69
N THR G 299 7.55 4.72 -42.08
CA THR G 299 8.86 4.08 -41.98
C THR G 299 9.70 4.78 -40.95
N ARG G 300 10.19 4.02 -39.97
CA ARG G 300 11.00 4.56 -38.88
C ARG G 300 12.48 4.61 -39.12
N THR G 301 13.10 5.58 -38.47
CA THR G 301 14.54 5.71 -38.36
C THR G 301 14.88 5.65 -36.88
N SER G 302 16.16 5.64 -36.57
CA SER G 302 16.56 5.57 -35.16
C SER G 302 17.81 6.37 -34.88
N ILE G 303 17.69 7.26 -33.90
CA ILE G 303 18.77 8.14 -33.54
C ILE G 303 19.27 7.87 -32.13
N ARG G 304 20.55 7.59 -31.99
CA ARG G 304 21.03 7.37 -30.65
C ARG G 304 21.24 8.74 -30.07
N ILE G 305 20.69 8.99 -28.89
CA ILE G 305 20.80 10.30 -28.27
C ILE G 305 21.52 10.23 -26.94
N GLY G 306 22.13 9.09 -26.70
CA GLY G 306 22.86 8.87 -25.45
C GLY G 306 23.32 7.42 -25.34
N PRO G 307 24.04 7.07 -24.27
CA PRO G 307 24.61 5.78 -24.00
C PRO G 307 23.57 4.73 -23.68
N GLY G 308 22.92 4.26 -24.75
CA GLY G 308 21.86 3.26 -24.69
C GLY G 308 20.47 3.83 -24.86
N GLN G 309 20.39 5.09 -25.24
CA GLN G 309 19.09 5.75 -25.42
C GLN G 309 18.74 6.01 -26.87
N ALA G 310 17.77 5.26 -27.39
CA ALA G 310 17.39 5.45 -28.78
C ALA G 310 16.09 6.21 -28.92
N PHE G 311 16.14 7.24 -29.75
CA PHE G 311 15.03 8.07 -30.14
C PHE G 311 14.44 7.54 -31.42
N TYR G 312 13.16 7.29 -31.42
CA TYR G 312 12.55 6.80 -32.64
C TYR G 312 11.91 7.93 -33.35
N ALA G 313 12.07 7.97 -34.65
CA ALA G 313 11.51 9.08 -35.39
C ALA G 313 11.05 8.68 -36.76
N THR G 314 10.14 9.45 -37.32
CA THR G 314 9.67 9.12 -38.64
C THR G 314 10.70 9.47 -39.70
N GLY G 315 10.98 8.51 -40.56
CA GLY G 315 11.91 8.66 -41.64
C GLY G 315 11.21 9.15 -42.89
N GLN G 316 10.29 8.31 -43.37
CA GLN G 316 9.49 8.52 -44.57
C GLN G 316 8.05 8.06 -44.41
N VAL G 317 7.16 8.65 -45.18
CA VAL G 317 5.78 8.19 -45.20
C VAL G 317 5.34 7.84 -46.61
N ILE G 318 4.91 6.59 -46.79
CA ILE G 318 4.46 6.10 -48.08
C ILE G 318 2.96 5.83 -48.06
N GLY G 319 2.17 6.53 -48.86
CA GLY G 319 0.73 6.29 -48.72
C GLY G 319 -0.15 7.23 -49.50
N ASP G 320 -1.44 7.20 -49.14
CA ASP G 320 -2.42 8.07 -49.78
C ASP G 320 -2.24 9.44 -49.20
N ILE G 321 -2.67 10.46 -49.88
CA ILE G 321 -2.50 11.75 -49.26
C ILE G 321 -3.77 12.17 -48.55
N ARG G 322 -3.90 11.55 -47.40
CA ARG G 322 -4.94 11.74 -46.41
C ARG G 322 -4.24 11.47 -45.11
N GLU G 323 -4.23 12.37 -44.15
CA GLU G 323 -3.49 12.00 -42.97
C GLU G 323 -4.24 10.93 -42.19
N ALA G 324 -5.52 11.16 -42.01
CA ALA G 324 -6.38 10.25 -41.29
C ALA G 324 -7.83 10.64 -41.54
N TYR G 325 -8.73 9.68 -41.36
CA TYR G 325 -10.15 9.98 -41.42
C TYR G 325 -10.99 8.90 -40.73
N CYS G 326 -12.24 9.25 -40.29
CA CYS G 326 -13.20 8.31 -39.69
C CYS G 326 -14.50 8.20 -40.51
N ASN G 327 -15.02 6.98 -40.61
CA ASN G 327 -16.24 6.56 -41.30
C ASN G 327 -17.41 6.32 -40.32
N ILE G 328 -18.45 7.19 -40.35
CA ILE G 328 -19.68 7.06 -39.51
C ILE G 328 -20.92 6.93 -40.37
N SER G 329 -21.71 5.86 -40.20
CA SER G 329 -22.91 5.73 -41.03
C SER G 329 -23.80 6.93 -40.86
N GLU G 330 -24.26 7.51 -41.97
CA GLU G 330 -25.05 8.71 -41.88
C GLU G 330 -26.43 8.42 -41.39
N SER G 331 -27.02 7.33 -41.88
CA SER G 331 -28.36 7.03 -41.45
C SER G 331 -28.33 6.69 -39.97
N THR G 332 -27.30 5.96 -39.53
CA THR G 332 -27.24 5.57 -38.15
C THR G 332 -27.11 6.81 -37.29
N TRP G 333 -26.24 7.72 -37.70
CA TRP G 333 -26.05 8.91 -36.92
C TRP G 333 -27.33 9.71 -36.84
N ASN G 334 -28.04 9.88 -37.95
CA ASN G 334 -29.25 10.67 -37.87
C ASN G 334 -30.29 10.03 -36.98
N GLU G 335 -30.41 8.72 -37.02
CA GLU G 335 -31.38 8.08 -36.15
C GLU G 335 -30.97 8.24 -34.70
N THR G 336 -29.69 8.10 -34.44
CA THR G 336 -29.18 8.16 -33.10
C THR G 336 -29.39 9.54 -32.54
N LEU G 337 -29.08 10.56 -33.33
CA LEU G 337 -29.21 11.90 -32.82
C LEU G 337 -30.67 12.24 -32.64
N GLY G 338 -31.53 11.81 -33.54
CA GLY G 338 -32.94 12.13 -33.39
C GLY G 338 -33.48 11.53 -32.10
N LYS G 339 -33.08 10.31 -31.77
CA LYS G 339 -33.52 9.69 -30.53
C LYS G 339 -33.02 10.46 -29.32
N VAL G 340 -31.79 10.98 -29.38
CA VAL G 340 -31.27 11.75 -28.27
C VAL G 340 -32.09 13.00 -28.09
N VAL G 341 -32.44 13.67 -29.19
CA VAL G 341 -33.22 14.88 -29.09
C VAL G 341 -34.58 14.57 -28.51
N LYS G 342 -35.19 13.47 -28.93
CA LYS G 342 -36.49 13.12 -28.39
C LYS G 342 -36.42 13.08 -26.86
N GLN G 343 -35.32 12.58 -26.30
CA GLN G 343 -35.18 12.54 -24.86
C GLN G 343 -34.82 13.91 -24.28
N LEU G 344 -34.04 14.71 -25.00
CA LEU G 344 -33.72 16.04 -24.48
C LEU G 344 -34.98 16.86 -24.35
N ARG G 345 -35.94 16.64 -25.25
CA ARG G 345 -37.20 17.36 -25.28
C ARG G 345 -38.07 17.08 -24.06
N LYS G 346 -37.70 16.10 -23.24
CA LYS G 346 -38.46 15.84 -22.02
C LYS G 346 -38.01 16.77 -20.92
N HIS G 347 -36.88 17.43 -21.12
CA HIS G 347 -36.34 18.35 -20.14
C HIS G 347 -36.44 19.75 -20.70
N PHE G 348 -36.42 19.82 -22.02
CA PHE G 348 -36.48 21.07 -22.73
C PHE G 348 -37.57 20.99 -23.80
N PRO G 349 -38.86 20.99 -23.43
CA PRO G 349 -39.99 20.72 -24.32
C PRO G 349 -40.35 21.89 -25.21
N HIS G 350 -39.40 22.27 -26.05
CA HIS G 350 -39.53 23.38 -26.96
C HIS G 350 -38.88 22.96 -28.26
N LYS G 351 -39.42 23.35 -29.41
CA LYS G 351 -38.74 22.99 -30.66
C LYS G 351 -37.66 24.02 -30.99
N ASN G 352 -36.65 24.09 -30.13
CA ASN G 352 -35.57 25.06 -30.27
C ASN G 352 -34.19 24.45 -30.01
N ILE G 353 -34.06 23.14 -30.17
CA ILE G 353 -32.79 22.45 -29.97
C ILE G 353 -31.92 22.43 -31.20
N THR G 354 -30.67 22.80 -31.02
CA THR G 354 -29.67 22.74 -32.08
C THR G 354 -28.34 22.27 -31.58
N PHE G 355 -27.60 21.62 -32.46
CA PHE G 355 -26.28 21.12 -32.18
C PHE G 355 -25.27 21.88 -32.98
N GLN G 356 -24.32 22.43 -32.27
CA GLN G 356 -23.26 23.20 -32.86
C GLN G 356 -21.91 22.58 -32.54
N PRO G 357 -20.86 22.83 -33.31
CA PRO G 357 -19.49 22.46 -33.06
C PRO G 357 -18.99 23.11 -31.78
N SER G 358 -17.96 22.53 -31.20
CA SER G 358 -17.39 23.06 -29.97
C SER G 358 -16.81 24.44 -30.13
N SER G 359 -16.81 25.16 -29.02
CA SER G 359 -16.25 26.50 -28.92
C SER G 359 -14.74 26.41 -28.95
N GLY G 360 -14.06 27.54 -29.11
CA GLY G 360 -12.60 27.51 -29.22
C GLY G 360 -11.87 27.03 -27.98
N GLY G 361 -10.73 26.40 -28.23
CA GLY G 361 -9.85 25.84 -27.23
C GLY G 361 -8.83 25.00 -27.97
N ASP G 362 -8.02 24.25 -27.26
CA ASP G 362 -7.04 23.42 -27.93
C ASP G 362 -7.62 22.07 -28.32
N LEU G 363 -6.80 21.18 -28.90
CA LEU G 363 -7.34 19.93 -29.42
C LEU G 363 -7.47 18.86 -28.36
N GLU G 364 -8.16 19.19 -27.30
CA GLU G 364 -8.51 18.33 -26.21
C GLU G 364 -9.98 18.51 -26.07
N VAL G 365 -10.41 19.71 -26.42
CA VAL G 365 -11.81 20.07 -26.25
C VAL G 365 -12.51 20.41 -27.54
N THR G 366 -11.74 20.68 -28.60
CA THR G 366 -12.37 21.00 -29.86
C THR G 366 -12.52 19.80 -30.77
N THR G 367 -11.79 18.72 -30.46
CA THR G 367 -11.80 17.52 -31.29
C THR G 367 -12.09 16.28 -30.52
N HIS G 368 -12.42 15.25 -31.29
CA HIS G 368 -12.61 13.94 -30.75
C HIS G 368 -11.32 13.21 -30.75
N SER G 369 -10.79 13.02 -29.55
CA SER G 369 -9.52 12.42 -29.36
C SER G 369 -9.62 10.99 -28.96
N PHE G 370 -8.75 10.17 -29.53
CA PHE G 370 -8.65 8.77 -29.16
C PHE G 370 -7.32 8.14 -29.55
N ASN G 371 -7.02 7.02 -28.92
CA ASN G 371 -5.83 6.22 -29.20
C ASN G 371 -6.22 4.96 -30.00
N CYS G 372 -5.84 4.89 -31.29
CA CYS G 372 -6.17 3.83 -32.26
C CYS G 372 -4.89 3.22 -32.82
N GLY G 373 -4.62 1.99 -32.43
CA GLY G 373 -3.43 1.30 -32.92
C GLY G 373 -2.17 1.77 -32.23
N GLY G 374 -2.36 2.64 -31.24
CA GLY G 374 -1.27 3.26 -30.51
C GLY G 374 -1.05 4.68 -31.03
N GLU G 375 -1.71 5.06 -32.12
CA GLU G 375 -1.55 6.39 -32.65
C GLU G 375 -2.55 7.36 -32.05
N PHE G 376 -2.20 8.64 -32.02
CA PHE G 376 -3.09 9.64 -31.44
C PHE G 376 -3.82 10.53 -32.42
N PHE G 377 -5.13 10.35 -32.46
CA PHE G 377 -6.03 11.03 -33.39
C PHE G 377 -6.78 12.15 -32.76
N TYR G 378 -6.94 13.24 -33.50
CA TYR G 378 -7.68 14.44 -33.13
C TYR G 378 -8.67 14.80 -34.26
N CYS G 379 -9.89 14.23 -34.24
CA CYS G 379 -10.87 14.26 -35.32
C CYS G 379 -11.88 15.41 -35.21
N ASN G 380 -12.20 15.96 -36.37
CA ASN G 380 -13.15 17.06 -36.48
C ASN G 380 -14.59 16.52 -36.60
N THR G 381 -15.41 16.73 -35.56
CA THR G 381 -16.78 16.25 -35.42
C THR G 381 -17.81 17.30 -35.79
N SER G 382 -17.37 18.40 -36.41
CA SER G 382 -18.33 19.44 -36.77
C SER G 382 -19.38 18.94 -37.74
N GLY G 383 -19.08 17.85 -38.45
CA GLY G 383 -20.04 17.29 -39.39
C GLY G 383 -21.09 16.44 -38.69
N LEU G 384 -20.88 16.12 -37.43
CA LEU G 384 -21.82 15.30 -36.67
C LEU G 384 -22.72 16.16 -35.82
N PHE G 385 -22.18 17.29 -35.38
CA PHE G 385 -22.87 18.18 -34.48
C PHE G 385 -23.15 19.53 -35.09
N ASN G 386 -23.78 19.50 -36.24
CA ASN G 386 -24.20 20.71 -36.91
C ASN G 386 -25.58 20.44 -37.47
N SER G 387 -26.60 20.69 -36.65
CA SER G 387 -27.97 20.38 -37.04
C SER G 387 -28.99 21.19 -36.27
N THR G 388 -30.21 21.28 -36.80
CA THR G 388 -31.30 21.93 -36.07
C THR G 388 -32.48 20.98 -35.97
N TRP G 389 -33.23 21.05 -34.83
CA TRP G 389 -34.38 20.20 -34.52
C TRP G 389 -35.54 21.05 -34.03
N ASP G 405 -24.09 7.01 -48.00
CA ASP G 405 -24.28 6.07 -46.89
C ASP G 405 -23.61 6.53 -45.57
N SER G 406 -22.48 7.25 -45.64
CA SER G 406 -21.66 7.68 -44.48
C SER G 406 -21.06 9.05 -44.61
N ILE G 407 -20.66 9.56 -43.45
CA ILE G 407 -19.99 10.85 -43.30
C ILE G 407 -18.54 10.63 -42.91
N THR G 408 -17.66 11.44 -43.51
CA THR G 408 -16.25 11.33 -43.21
C THR G 408 -15.79 12.43 -42.28
N LEU G 409 -15.11 12.06 -41.21
CA LEU G 409 -14.54 13.06 -40.33
C LEU G 409 -13.07 13.16 -40.66
N PRO G 410 -12.52 14.30 -41.08
CA PRO G 410 -11.11 14.42 -41.35
C PRO G 410 -10.48 14.36 -39.97
N CYS G 411 -9.26 13.80 -39.85
CA CYS G 411 -8.54 13.68 -38.58
C CYS G 411 -7.07 14.10 -38.70
N ARG G 412 -6.54 14.68 -37.63
CA ARG G 412 -5.13 14.99 -37.56
C ARG G 412 -4.42 14.11 -36.56
N ILE G 413 -3.10 14.00 -36.71
CA ILE G 413 -2.27 13.17 -35.86
C ILE G 413 -1.20 13.94 -35.11
N LYS G 414 -1.00 13.60 -33.84
CA LYS G 414 0.08 14.21 -33.05
C LYS G 414 0.97 13.16 -32.44
N GLN G 415 2.22 13.51 -32.18
CA GLN G 415 3.13 12.62 -31.48
C GLN G 415 3.48 13.11 -30.10
N ILE G 416 3.51 14.41 -29.89
CA ILE G 416 3.86 14.84 -28.55
C ILE G 416 2.54 15.05 -27.83
N ILE G 417 2.30 14.20 -26.85
CA ILE G 417 1.02 14.18 -26.21
C ILE G 417 1.06 14.65 -24.77
N ASN G 418 0.31 15.70 -24.48
CA ASN G 418 0.20 16.15 -23.12
C ASN G 418 -1.06 15.49 -22.62
N MET G 419 -0.97 14.24 -22.20
CA MET G 419 -2.22 13.59 -21.85
C MET G 419 -2.56 14.12 -20.47
N TRP G 420 -3.80 14.52 -20.29
CA TRP G 420 -4.28 15.13 -19.05
C TRP G 420 -3.76 16.56 -18.97
N GLN G 421 -4.35 17.33 -18.08
CA GLN G 421 -4.11 18.77 -17.95
C GLN G 421 -2.81 19.16 -17.27
N GLU G 422 -2.07 18.21 -16.74
CA GLU G 422 -0.85 18.55 -16.02
C GLU G 422 0.33 18.66 -16.98
N VAL G 423 0.72 19.90 -17.25
CA VAL G 423 1.75 20.19 -18.26
C VAL G 423 3.16 19.84 -17.82
N GLY G 424 3.27 19.46 -16.55
CA GLY G 424 4.53 19.08 -15.94
C GLY G 424 5.14 17.85 -16.60
N ARG G 425 4.35 17.10 -17.35
CA ARG G 425 4.88 15.94 -18.06
C ARG G 425 4.36 15.90 -19.47
N ALA G 426 5.13 15.27 -20.35
CA ALA G 426 4.69 15.08 -21.72
C ALA G 426 5.27 13.78 -22.22
N MET G 427 4.55 13.17 -23.14
CA MET G 427 5.00 11.93 -23.74
C MET G 427 5.27 12.03 -25.22
N TYR G 428 6.32 11.38 -25.69
CA TYR G 428 6.49 11.31 -27.13
C TYR G 428 6.06 9.95 -27.57
N ALA G 429 5.09 9.93 -28.44
CA ALA G 429 4.58 8.70 -28.95
C ALA G 429 5.45 8.32 -30.13
N PRO G 430 6.16 7.21 -30.09
CA PRO G 430 7.06 6.84 -31.14
C PRO G 430 6.18 6.54 -32.32
N PRO G 431 6.69 6.66 -33.52
CA PRO G 431 6.01 6.36 -34.75
C PRO G 431 5.71 4.89 -34.84
N ILE G 432 4.59 4.58 -35.44
CA ILE G 432 4.17 3.21 -35.63
C ILE G 432 4.26 2.81 -37.07
N GLN G 433 5.03 1.76 -37.33
CA GLN G 433 5.27 1.32 -38.69
C GLN G 433 4.07 0.71 -39.35
N GLY G 434 3.98 0.96 -40.64
CA GLY G 434 2.89 0.41 -41.43
C GLY G 434 1.68 1.30 -41.25
N ASN G 435 0.47 0.77 -41.56
CA ASN G 435 -0.79 1.50 -41.53
C ASN G 435 -1.65 1.06 -40.33
N ILE G 436 -2.62 1.91 -39.92
CA ILE G 436 -3.56 1.64 -38.80
C ILE G 436 -5.02 1.72 -39.11
N THR G 437 -5.75 0.68 -38.73
CA THR G 437 -7.19 0.67 -38.83
C THR G 437 -7.75 0.15 -37.50
N CYS G 438 -8.94 0.63 -37.07
CA CYS G 438 -9.68 0.09 -35.91
C CYS G 438 -11.17 0.38 -36.06
N VAL G 439 -11.96 -0.36 -35.30
CA VAL G 439 -13.38 -0.13 -35.19
C VAL G 439 -13.74 0.02 -33.75
N SER G 440 -14.42 1.10 -33.43
CA SER G 440 -14.84 1.34 -32.07
C SER G 440 -16.35 1.53 -32.02
N ASN G 441 -16.96 1.34 -30.84
CA ASN G 441 -18.37 1.55 -30.58
C ASN G 441 -18.59 2.87 -29.82
N ILE G 442 -19.42 3.78 -30.38
CA ILE G 442 -19.82 5.02 -29.72
C ILE G 442 -20.99 4.60 -28.88
N THR G 443 -20.82 4.72 -27.58
CA THR G 443 -21.80 4.26 -26.61
C THR G 443 -22.39 5.41 -25.83
N GLY G 444 -21.94 6.59 -26.14
CA GLY G 444 -22.43 7.76 -25.46
C GLY G 444 -21.76 9.01 -25.96
N LEU G 445 -22.40 10.12 -25.67
CA LEU G 445 -21.93 11.41 -26.11
C LEU G 445 -21.69 12.29 -24.90
N ILE G 446 -20.75 13.22 -24.99
CA ILE G 446 -20.71 14.20 -23.92
C ILE G 446 -21.15 15.53 -24.46
N LEU G 447 -22.18 16.09 -23.88
CA LEU G 447 -22.68 17.37 -24.35
C LEU G 447 -22.61 18.42 -23.29
N THR G 448 -22.44 19.64 -23.73
CA THR G 448 -22.56 20.77 -22.84
C THR G 448 -23.68 21.59 -23.44
N ARG G 449 -24.30 22.45 -22.65
CA ARG G 449 -25.43 23.23 -23.14
C ARG G 449 -25.32 24.71 -22.75
N ASP G 450 -25.81 25.61 -23.63
CA ASP G 450 -25.98 27.06 -23.42
C ASP G 450 -26.41 27.73 -24.73
N ASN G 455 -33.56 31.80 -25.28
CA ASN G 455 -34.37 31.76 -26.50
C ASN G 455 -34.37 30.33 -27.10
N THR G 456 -33.17 29.79 -27.39
CA THR G 456 -32.91 28.46 -27.97
C THR G 456 -31.99 27.67 -27.08
N GLU G 457 -31.90 26.37 -27.35
CA GLU G 457 -31.05 25.49 -26.56
C GLU G 457 -29.93 24.91 -27.41
N THR G 458 -28.72 25.42 -27.23
CA THR G 458 -27.63 24.95 -28.05
C THR G 458 -26.79 23.96 -27.30
N PHE G 459 -26.57 22.84 -27.93
CA PHE G 459 -25.77 21.79 -27.38
C PHE G 459 -24.49 21.72 -28.18
N ARG G 460 -23.40 21.43 -27.51
CA ARG G 460 -22.13 21.30 -28.21
C ARG G 460 -21.42 20.05 -27.71
N PRO G 461 -20.59 19.42 -28.53
CA PRO G 461 -19.77 18.29 -28.18
C PRO G 461 -18.58 18.77 -27.38
N GLY G 462 -18.87 19.21 -26.18
CA GLY G 462 -17.87 19.73 -25.28
C GLY G 462 -17.33 18.55 -24.51
N GLY G 463 -16.76 18.77 -23.37
CA GLY G 463 -16.22 17.64 -22.66
C GLY G 463 -15.72 18.03 -21.30
N GLY G 464 -15.27 17.02 -20.55
CA GLY G 464 -14.78 17.19 -19.19
C GLY G 464 -13.30 16.94 -19.05
N ASP G 465 -12.94 16.41 -17.88
CA ASP G 465 -11.57 16.15 -17.44
C ASP G 465 -11.23 14.67 -17.44
N MET G 466 -11.97 13.92 -18.23
CA MET G 466 -11.87 12.47 -18.35
C MET G 466 -12.36 11.73 -17.12
N ARG G 467 -12.95 12.42 -16.15
CA ARG G 467 -13.55 11.69 -15.06
C ARG G 467 -14.90 11.21 -15.56
N ASP G 468 -15.47 11.98 -16.47
CA ASP G 468 -16.76 11.73 -17.07
C ASP G 468 -16.77 10.41 -17.81
N ASN G 469 -15.62 10.06 -18.35
CA ASN G 469 -15.46 8.85 -19.13
C ASN G 469 -15.60 7.63 -18.28
N TRP G 470 -15.36 7.78 -16.99
CA TRP G 470 -15.35 6.69 -16.06
C TRP G 470 -16.61 6.71 -15.25
N ARG G 471 -17.14 7.90 -15.03
CA ARG G 471 -18.37 8.07 -14.31
C ARG G 471 -19.47 7.33 -15.05
N SER G 472 -19.40 7.35 -16.37
CA SER G 472 -20.38 6.69 -17.20
C SER G 472 -20.43 5.18 -17.01
N GLU G 473 -19.41 4.56 -16.41
CA GLU G 473 -19.43 3.14 -16.13
C GLU G 473 -19.61 2.88 -14.63
N LEU G 474 -19.06 3.76 -13.79
CA LEU G 474 -19.12 3.57 -12.34
C LEU G 474 -20.36 4.14 -11.67
N TYR G 475 -21.22 4.79 -12.41
CA TYR G 475 -22.41 5.42 -11.85
C TYR G 475 -23.35 4.52 -11.09
N LYS G 476 -23.36 3.23 -11.35
CA LYS G 476 -24.28 2.39 -10.65
C LYS G 476 -23.69 1.76 -9.41
N TYR G 477 -22.44 2.09 -9.07
CA TYR G 477 -21.83 1.45 -7.90
C TYR G 477 -21.58 2.39 -6.73
N LYS G 478 -21.79 1.88 -5.53
CA LYS G 478 -21.52 2.61 -4.29
C LYS G 478 -20.73 1.77 -3.29
N VAL G 479 -19.79 2.38 -2.57
CA VAL G 479 -19.05 1.63 -1.56
C VAL G 479 -19.57 1.86 -0.15
N VAL G 480 -19.82 0.76 0.56
CA VAL G 480 -20.28 0.88 1.93
C VAL G 480 -19.46 0.02 2.86
N LYS G 481 -19.39 0.44 4.11
CA LYS G 481 -18.72 -0.29 5.17
C LYS G 481 -19.71 -1.14 5.88
N ILE G 482 -19.34 -2.36 6.17
CA ILE G 482 -20.24 -3.24 6.88
C ILE G 482 -20.01 -3.09 8.36
N GLU G 483 -21.08 -2.94 9.11
CA GLU G 483 -21.04 -2.76 10.54
C GLU G 483 -21.84 -3.86 11.23
N PRO G 484 -21.28 -5.07 11.39
CA PRO G 484 -21.94 -6.27 11.85
C PRO G 484 -22.32 -6.28 13.31
N LEU G 485 -21.81 -5.35 14.10
CA LEU G 485 -22.10 -5.38 15.51
C LEU G 485 -23.18 -4.37 15.90
N GLY G 486 -24.11 -4.78 16.74
CA GLY G 486 -25.11 -3.85 17.23
C GLY G 486 -25.91 -4.41 18.39
N VAL G 487 -26.76 -3.58 18.97
CA VAL G 487 -27.54 -3.98 20.14
C VAL G 487 -29.01 -3.71 19.97
N ALA G 488 -29.80 -4.38 20.81
CA ALA G 488 -31.25 -4.24 20.86
C ALA G 488 -31.73 -4.76 22.22
N PRO G 489 -32.90 -4.37 22.73
CA PRO G 489 -33.51 -4.93 23.92
C PRO G 489 -34.09 -6.31 23.68
N THR G 490 -34.13 -7.12 24.73
CA THR G 490 -34.79 -8.41 24.71
C THR G 490 -35.31 -8.81 26.09
N ALA G 491 -36.32 -9.66 26.14
CA ALA G 491 -36.81 -10.10 27.46
C ALA G 491 -36.01 -11.29 28.00
N CYS G 492 -34.71 -11.08 28.29
CA CYS G 492 -33.77 -12.10 28.76
C CYS G 492 -32.53 -11.48 29.43
N LYS G 493 -32.31 -11.84 30.68
CA LYS G 493 -31.15 -11.37 31.45
C LYS G 493 -30.10 -12.44 31.51
N ARG G 494 -28.82 -12.05 31.45
CA ARG G 494 -27.74 -13.01 31.52
C ARG G 494 -27.84 -13.83 32.78
N ARG G 495 -27.70 -15.14 32.64
CA ARG G 495 -27.76 -15.99 33.80
C ARG G 495 -26.37 -16.29 34.27
N VAL G 496 -26.02 -15.78 35.44
CA VAL G 496 -24.67 -15.96 35.93
C VAL G 496 -24.69 -16.99 37.06
N VAL G 497 -23.98 -18.11 36.87
CA VAL G 497 -23.92 -19.24 37.78
C VAL G 497 -22.65 -19.10 38.64
N LEU H 9 -31.12 -17.10 1.94
CA LEU H 9 -30.52 -15.77 1.88
C LEU H 9 -29.00 -15.86 2.03
N GLY H 10 -28.29 -14.91 1.36
CA GLY H 10 -26.82 -14.75 1.39
C GLY H 10 -26.44 -13.52 2.21
N PHE H 11 -25.26 -12.99 1.92
CA PHE H 11 -24.70 -11.85 2.63
C PHE H 11 -25.56 -10.63 2.47
N LEU H 12 -25.97 -10.05 3.60
CA LEU H 12 -26.87 -8.90 3.69
C LEU H 12 -28.24 -9.20 3.09
N GLY H 13 -28.55 -10.47 2.89
CA GLY H 13 -29.82 -10.84 2.28
C GLY H 13 -31.00 -10.40 3.11
N ALA H 14 -30.81 -10.33 4.41
CA ALA H 14 -31.84 -9.97 5.35
C ALA H 14 -31.93 -8.47 5.57
N ALA H 15 -31.17 -7.67 4.84
CA ALA H 15 -31.19 -6.24 5.07
C ALA H 15 -32.59 -5.62 4.98
N GLY H 16 -33.45 -6.12 4.12
CA GLY H 16 -34.80 -5.56 4.01
C GLY H 16 -35.83 -6.27 4.91
N SER H 17 -35.38 -7.22 5.70
CA SER H 17 -36.25 -8.01 6.55
C SER H 17 -36.41 -7.35 7.90
N THR H 18 -37.36 -7.82 8.69
CA THR H 18 -37.52 -7.24 10.00
C THR H 18 -36.38 -7.70 10.86
N MET H 19 -36.17 -7.01 11.98
CA MET H 19 -35.09 -7.35 12.87
C MET H 19 -35.17 -8.76 13.38
N GLY H 20 -36.39 -9.19 13.67
CA GLY H 20 -36.60 -10.53 14.16
C GLY H 20 -36.19 -11.55 13.11
N ALA H 21 -36.73 -11.41 11.90
CA ALA H 21 -36.43 -12.35 10.85
C ALA H 21 -34.95 -12.42 10.54
N ALA H 22 -34.30 -11.28 10.60
CA ALA H 22 -32.91 -11.14 10.25
C ALA H 22 -31.99 -11.76 11.28
N SER H 23 -32.50 -12.13 12.44
CA SER H 23 -31.68 -12.70 13.48
C SER H 23 -31.25 -14.10 13.09
N MET H 24 -31.90 -14.65 12.07
CA MET H 24 -31.62 -15.99 11.64
C MET H 24 -30.50 -16.06 10.59
N THR H 25 -29.94 -14.91 10.21
CA THR H 25 -28.87 -14.88 9.21
C THR H 25 -27.56 -14.37 9.82
N LEU H 26 -27.48 -14.34 11.14
CA LEU H 26 -26.29 -13.82 11.81
C LEU H 26 -25.09 -14.70 11.54
N THR H 27 -25.33 -15.97 11.28
CA THR H 27 -24.26 -16.93 10.99
C THR H 27 -23.58 -16.74 9.62
N VAL H 28 -24.15 -15.90 8.70
CA VAL H 28 -23.65 -15.62 7.36
C VAL H 28 -22.48 -14.64 7.52
N ASP H 57 6.06 -0.37 -8.76
CA ASP H 57 4.88 -0.67 -7.93
C ASP H 57 5.10 -0.36 -6.43
N THR H 58 5.90 0.70 -6.12
CA THR H 58 6.19 1.15 -4.75
C THR H 58 4.94 1.73 -4.09
N HIS H 59 4.19 2.58 -4.82
CA HIS H 59 3.01 3.16 -4.22
C HIS H 59 1.96 2.09 -4.05
N TRP H 60 2.00 1.10 -4.94
CA TRP H 60 1.06 0.01 -4.91
C TRP H 60 1.35 -0.80 -3.65
N GLY H 61 2.63 -1.08 -3.39
CA GLY H 61 2.99 -1.84 -2.22
C GLY H 61 2.50 -1.13 -0.96
N ILE H 62 2.57 0.19 -0.93
CA ILE H 62 2.08 0.89 0.26
C ILE H 62 0.57 0.74 0.35
N LYS H 63 -0.15 0.92 -0.76
CA LYS H 63 -1.59 0.79 -0.70
C LYS H 63 -2.03 -0.61 -0.29
N GLN H 64 -1.33 -1.63 -0.77
CA GLN H 64 -1.72 -2.99 -0.43
C GLN H 64 -1.44 -3.25 1.04
N LEU H 65 -0.33 -2.74 1.57
CA LEU H 65 -0.08 -2.95 2.97
C LEU H 65 -1.12 -2.22 3.79
N GLN H 66 -1.54 -1.03 3.36
CA GLN H 66 -2.53 -0.33 4.15
C GLN H 66 -3.82 -1.11 4.17
N ALA H 67 -4.22 -1.69 3.04
CA ALA H 67 -5.45 -2.45 3.01
C ALA H 67 -5.38 -3.68 3.90
N ARG H 68 -4.22 -4.35 3.90
CA ARG H 68 -4.08 -5.55 4.71
C ARG H 68 -4.09 -5.21 6.18
N VAL H 69 -3.42 -4.13 6.54
CA VAL H 69 -3.35 -3.76 7.92
C VAL H 69 -4.72 -3.37 8.42
N LEU H 70 -5.46 -2.59 7.64
CA LEU H 70 -6.78 -2.21 8.10
C LEU H 70 -7.67 -3.42 8.23
N ALA H 71 -7.60 -4.38 7.32
CA ALA H 71 -8.48 -5.52 7.48
C ALA H 71 -8.21 -6.20 8.81
N VAL H 72 -6.94 -6.28 9.19
CA VAL H 72 -6.58 -6.87 10.46
C VAL H 72 -7.08 -6.02 11.61
N GLU H 73 -6.90 -4.71 11.54
CA GLU H 73 -7.35 -3.88 12.64
C GLU H 73 -8.85 -3.96 12.84
N HIS H 74 -9.62 -4.04 11.76
CA HIS H 74 -11.06 -4.08 11.93
C HIS H 74 -11.45 -5.40 12.57
N TYR H 75 -10.81 -6.49 12.15
CA TYR H 75 -11.11 -7.76 12.74
C TYR H 75 -10.82 -7.76 14.22
N LEU H 76 -9.64 -7.29 14.59
CA LEU H 76 -9.25 -7.32 15.97
C LEU H 76 -10.09 -6.39 16.81
N ARG H 77 -10.52 -5.27 16.26
CA ARG H 77 -11.30 -4.35 17.04
C ARG H 77 -12.63 -4.97 17.42
N ASP H 78 -13.28 -5.70 16.50
CA ASP H 78 -14.54 -6.32 16.90
C ASP H 78 -14.30 -7.41 17.91
N GLN H 79 -13.21 -8.14 17.77
CA GLN H 79 -12.97 -9.20 18.73
C GLN H 79 -12.62 -8.64 20.09
N GLN H 80 -11.87 -7.55 20.14
CA GLN H 80 -11.54 -7.01 21.43
C GLN H 80 -12.77 -6.56 22.14
N LEU H 81 -13.67 -5.94 21.42
CA LEU H 81 -14.85 -5.42 22.06
C LEU H 81 -15.76 -6.53 22.58
N LEU H 82 -15.94 -7.61 21.81
CA LEU H 82 -16.77 -8.71 22.30
C LEU H 82 -16.08 -9.39 23.47
N GLY H 83 -14.75 -9.41 23.45
CA GLY H 83 -13.97 -9.97 24.53
C GLY H 83 -14.20 -9.18 25.80
N ILE H 84 -14.13 -7.86 25.71
CA ILE H 84 -14.32 -7.00 26.87
C ILE H 84 -15.69 -7.17 27.46
N TRP H 85 -16.71 -7.30 26.61
CA TRP H 85 -18.08 -7.47 27.07
C TRP H 85 -18.36 -8.87 27.64
N GLY H 86 -17.38 -9.77 27.55
CA GLY H 86 -17.44 -11.12 28.08
C GLY H 86 -18.26 -12.14 27.33
N CYS H 87 -18.43 -12.01 26.00
CA CYS H 87 -19.25 -12.94 25.22
C CYS H 87 -18.60 -13.29 23.88
N SER H 88 -17.30 -13.18 23.81
CA SER H 88 -16.65 -13.55 22.57
C SER H 88 -16.93 -15.00 22.30
N GLY H 89 -17.18 -15.30 21.03
CA GLY H 89 -17.50 -16.64 20.60
C GLY H 89 -19.00 -16.81 20.37
N LYS H 90 -19.78 -15.84 20.82
CA LYS H 90 -21.22 -15.91 20.62
C LYS H 90 -21.70 -14.89 19.61
N LEU H 91 -22.72 -15.26 18.83
CA LEU H 91 -23.34 -14.31 17.93
C LEU H 91 -24.39 -13.52 18.65
N ILE H 92 -24.98 -14.12 19.68
CA ILE H 92 -25.96 -13.43 20.49
C ILE H 92 -25.46 -13.42 21.93
N CYS H 93 -25.29 -12.24 22.55
CA CYS H 93 -24.80 -12.11 23.92
C CYS H 93 -25.96 -11.69 24.79
N THR H 94 -26.17 -12.38 25.87
CA THR H 94 -27.20 -11.94 26.77
C THR H 94 -26.42 -11.18 27.81
N THR H 95 -26.82 -9.97 28.16
CA THR H 95 -26.06 -9.19 29.13
C THR H 95 -26.93 -8.92 30.33
N ASN H 96 -26.38 -8.24 31.32
CA ASN H 96 -27.11 -7.89 32.51
C ASN H 96 -27.29 -6.39 32.67
N VAL H 97 -27.26 -5.66 31.56
CA VAL H 97 -27.48 -4.23 31.56
C VAL H 97 -28.93 -3.96 31.16
N PRO H 98 -29.75 -3.29 31.97
CA PRO H 98 -31.12 -2.98 31.68
C PRO H 98 -31.21 -2.06 30.49
N TRP H 99 -32.28 -2.15 29.73
CA TRP H 99 -32.50 -1.23 28.65
C TRP H 99 -33.16 0.03 29.23
N ASN H 100 -32.63 1.22 28.89
CA ASN H 100 -33.13 2.53 29.28
C ASN H 100 -34.21 2.97 28.26
N SER H 101 -35.39 3.39 28.77
CA SER H 101 -36.53 3.85 27.95
C SER H 101 -36.17 5.12 27.20
N THR H 102 -35.11 5.76 27.66
CA THR H 102 -34.55 6.94 27.05
C THR H 102 -33.96 6.59 25.70
N TRP H 103 -33.29 5.44 25.61
CA TRP H 103 -32.63 5.06 24.38
C TRP H 103 -33.69 4.76 23.35
N SER H 104 -34.72 4.08 23.80
CA SER H 104 -35.90 3.78 22.99
C SER H 104 -37.03 3.41 23.92
N ASN H 105 -38.22 4.02 23.73
CA ASN H 105 -39.43 3.75 24.52
C ASN H 105 -40.42 2.81 23.79
N LYS H 106 -39.98 2.13 22.69
CA LYS H 106 -40.78 1.19 21.90
C LYS H 106 -40.76 -0.18 22.54
N THR H 107 -41.81 -0.94 22.38
CA THR H 107 -41.81 -2.28 22.94
C THR H 107 -41.26 -3.33 22.02
N LEU H 108 -41.15 -4.54 22.53
CA LEU H 108 -40.53 -5.60 21.74
C LEU H 108 -41.35 -5.96 20.53
N SER H 109 -42.67 -5.89 20.66
CA SER H 109 -43.55 -6.26 19.58
C SER H 109 -43.48 -5.26 18.43
N GLU H 110 -42.90 -4.10 18.67
CA GLU H 110 -42.73 -3.12 17.63
C GLU H 110 -41.32 -3.22 17.09
N ILE H 111 -40.35 -3.31 17.98
CA ILE H 111 -38.97 -3.30 17.53
C ILE H 111 -38.62 -4.51 16.71
N TRP H 112 -38.98 -5.69 17.18
CA TRP H 112 -38.57 -6.88 16.48
C TRP H 112 -39.39 -7.19 15.22
N ASP H 113 -40.67 -6.82 15.23
CA ASP H 113 -41.54 -7.08 14.09
C ASP H 113 -41.87 -5.93 13.11
N ASN H 114 -41.80 -4.64 13.53
CA ASN H 114 -42.17 -3.47 12.72
C ASN H 114 -40.96 -2.62 12.26
N MET H 115 -39.70 -3.11 12.42
CA MET H 115 -38.45 -2.41 12.03
C MET H 115 -37.42 -3.33 11.44
N THR H 116 -36.56 -2.76 10.59
CA THR H 116 -35.40 -3.44 10.02
C THR H 116 -34.17 -3.06 10.83
N TRP H 117 -33.05 -3.76 10.63
CA TRP H 117 -31.85 -3.40 11.37
C TRP H 117 -31.27 -2.07 10.97
N LEU H 118 -31.46 -1.65 9.72
CA LEU H 118 -30.93 -0.36 9.32
C LEU H 118 -31.69 0.74 10.03
N GLN H 119 -33.01 0.58 10.16
CA GLN H 119 -33.81 1.60 10.81
C GLN H 119 -33.49 1.68 12.28
N TRP H 120 -33.27 0.53 12.88
CA TRP H 120 -32.95 0.46 14.28
C TRP H 120 -31.63 1.13 14.53
N ASP H 121 -30.64 0.85 13.69
CA ASP H 121 -29.37 1.49 13.90
C ASP H 121 -29.52 3.00 13.86
N LYS H 122 -30.36 3.51 12.96
CA LYS H 122 -30.54 4.95 12.95
C LYS H 122 -31.21 5.42 14.24
N GLU H 123 -32.24 4.70 14.71
CA GLU H 123 -32.95 5.12 15.92
C GLU H 123 -32.05 5.25 17.12
N ILE H 124 -31.11 4.32 17.28
CA ILE H 124 -30.23 4.38 18.43
C ILE H 124 -28.79 4.68 18.02
N SER H 125 -28.61 5.39 16.91
CA SER H 125 -27.25 5.83 16.58
C SER H 125 -26.70 6.64 17.76
N ASN H 126 -27.52 7.57 18.32
CA ASN H 126 -27.21 8.29 19.54
C ASN H 126 -27.32 7.27 20.66
N TYR H 127 -26.50 7.40 21.69
CA TYR H 127 -26.41 6.52 22.88
C TYR H 127 -25.68 5.21 22.57
N THR H 128 -25.28 4.93 21.34
CA THR H 128 -24.60 3.65 21.14
C THR H 128 -23.36 3.52 21.99
N GLN H 129 -22.58 4.59 22.11
CA GLN H 129 -21.36 4.53 22.88
C GLN H 129 -21.64 4.43 24.38
N ILE H 130 -22.87 4.74 24.80
CA ILE H 130 -23.24 4.69 26.19
C ILE H 130 -23.54 3.28 26.50
N ILE H 131 -24.27 2.64 25.60
CA ILE H 131 -24.61 1.27 25.83
C ILE H 131 -23.33 0.49 25.88
N TYR H 132 -22.41 0.77 24.96
CA TYR H 132 -21.16 0.05 24.97
C TYR H 132 -20.40 0.30 26.25
N GLY H 133 -20.36 1.53 26.74
CA GLY H 133 -19.65 1.79 27.98
C GLY H 133 -20.26 1.03 29.16
N LEU H 134 -21.58 0.96 29.22
CA LEU H 134 -22.22 0.25 30.30
C LEU H 134 -21.93 -1.23 30.24
N LEU H 135 -21.88 -1.78 29.04
CA LEU H 135 -21.59 -3.19 28.92
C LEU H 135 -20.19 -3.47 29.43
N GLU H 136 -19.24 -2.58 29.14
CA GLU H 136 -17.88 -2.79 29.61
C GLU H 136 -17.82 -2.73 31.13
N GLU H 137 -18.56 -1.79 31.74
CA GLU H 137 -18.54 -1.70 33.19
C GLU H 137 -19.13 -2.92 33.82
N SER H 138 -20.21 -3.43 33.24
CA SER H 138 -20.84 -4.59 33.80
C SER H 138 -19.93 -5.78 33.77
N GLN H 139 -19.25 -6.02 32.65
CA GLN H 139 -18.41 -7.19 32.64
C GLN H 139 -17.28 -7.07 33.59
N ASN H 140 -16.73 -5.88 33.75
CA ASN H 140 -15.63 -5.79 34.66
C ASN H 140 -16.11 -6.00 36.08
N GLN H 141 -17.30 -5.50 36.42
CA GLN H 141 -17.82 -5.70 37.75
C GLN H 141 -18.06 -7.17 38.01
N GLN H 142 -18.56 -7.89 37.01
CA GLN H 142 -18.81 -9.29 37.20
C GLN H 142 -17.53 -10.04 37.44
N GLU H 143 -16.48 -9.77 36.66
CA GLU H 143 -15.27 -10.53 36.87
C GLU H 143 -14.66 -10.23 38.21
N LYS H 144 -14.76 -8.98 38.65
CA LYS H 144 -14.23 -8.64 39.94
C LYS H 144 -15.00 -9.35 41.05
N ASN H 145 -16.34 -9.40 40.95
CA ASN H 145 -17.11 -10.02 42.01
C ASN H 145 -16.76 -11.49 42.15
N GLU H 146 -16.48 -12.12 41.03
CA GLU H 146 -16.16 -13.52 40.99
C GLU H 146 -14.86 -13.91 41.66
N THR H 147 -13.95 -12.96 41.92
CA THR H 147 -12.68 -13.30 42.54
C THR H 147 -12.63 -12.81 43.96
N ASP H 148 -13.77 -12.40 44.50
CA ASP H 148 -13.81 -11.85 45.85
C ASP H 148 -13.20 -12.79 46.87
N ASN H 149 -12.40 -12.24 47.77
CA ASN H 149 -11.69 -13.01 48.78
C ASN H 149 -12.59 -13.75 49.77
N LEU H 150 -13.81 -13.29 50.00
CA LEU H 150 -14.68 -13.96 50.95
C LEU H 150 -15.61 -14.93 50.23
N THR H 151 -16.12 -14.53 49.06
CA THR H 151 -17.12 -15.33 48.35
C THR H 151 -16.75 -15.73 46.90
N CYS H 152 -15.47 -16.08 46.62
CA CYS H 152 -14.95 -16.44 45.29
C CYS H 152 -15.67 -17.68 44.73
N ASP H 153 -16.06 -17.60 43.46
CA ASP H 153 -16.76 -18.69 42.80
C ASP H 153 -17.56 -19.50 43.82
#